data_7PUC
#
_entry.id   7PUC
#
_cell.length_a   75.322
_cell.length_b   98.943
_cell.length_c   208.195
_cell.angle_alpha   90.000
_cell.angle_beta   90.000
_cell.angle_gamma   90.000
#
_symmetry.space_group_name_H-M   'P 21 21 2'
#
loop_
_entity.id
_entity.type
_entity.pdbx_description
1 polymer 'Histone-arginine methyltransferase CARM1'
2 non-polymer 'methyl 6-[4-[[~{N}-[(~{E})-3-[(2~{R},3~{S},4~{R},5~{R})-5-(6-aminopurin-9-yl)-3,4-bis(oxidanyl)oxolan-2-yl]prop-2-enyl]carbamimidoyl]amino]butylcarbamoylamino]-4-oxidanyl-naphthalene-2-carboxylate'
3 non-polymer 1,2-ETHANEDIOL
4 water water
#
_entity_poly.entity_id   1
_entity_poly.type   'polypeptide(L)'
_entity_poly.pdbx_seq_one_letter_code
;GHMGHTLERSVFSERTEESSAVQYFQFYGYLSQQQNMMQDYVRTGTYQRAILQNHTDFKDKIVLDVGCGSGILSFFAAQA
GARKIYAVEASTMAQHAEVLVKSNNLTDRIVVIPGKVEEVSLPEQVDIIISEPMGYMLFNERMLESYLHAKKYLKPSGNM
FPTIGDVHLAPFTDEQLYMEQFTKANFWYQPSFHGVDLSALRGAAVDEYFRQPVVDTFDIRILMAKSVKYTVNFLEAKEG
DLHRIEIPFKFHMLHSGLVHGLAFWFDVAFIGSIMTVWLSTAPTEPLTHWYQVRCLFQSPLFAKAGDTLSGTCLLIANKR
QSYDISIVAQVDQTGSKSSNLLDLKNPFFRYTGTTPSPPPG
;
_entity_poly.pdbx_strand_id   A,B,C,D
#
loop_
_chem_comp.id
_chem_comp.type
_chem_comp.name
_chem_comp.formula
85U non-polymer 'methyl 6-[4-[[~{N}-[(~{E})-3-[(2~{R},3~{S},4~{R},5~{R})-5-(6-aminopurin-9-yl)-3,4-bis(oxidanyl)oxolan-2-yl]prop-2-enyl]carbamimidoyl]amino]butylcarbamoylamino]-4-oxidanyl-naphthalene-2-carboxylate' 'C30 H36 N10 O7'
EDO non-polymer 1,2-ETHANEDIOL 'C2 H6 O2'
#
# COMPACT_ATOMS: atom_id res chain seq x y z
N SER A 10 -1.75 27.42 37.54
CA SER A 10 -0.33 27.22 37.15
C SER A 10 0.17 28.36 36.28
N VAL A 11 1.51 28.42 36.11
CA VAL A 11 2.17 29.39 35.27
C VAL A 11 1.67 29.33 33.81
N PHE A 12 1.43 28.13 33.29
CA PHE A 12 0.93 27.96 31.91
C PHE A 12 -0.47 28.54 31.77
N SER A 13 -1.35 28.18 32.71
CA SER A 13 -2.74 28.58 32.64
C SER A 13 -2.90 30.10 32.78
N GLU A 14 -2.02 30.73 33.57
CA GLU A 14 -2.09 32.17 33.83
C GLU A 14 -1.74 33.01 32.60
N ARG A 15 -0.85 32.51 31.75
CA ARG A 15 -0.33 33.23 30.55
C ARG A 15 -1.05 32.75 29.27
N THR A 16 -2.03 31.86 29.38
CA THR A 16 -2.66 31.23 28.21
C THR A 16 -4.17 31.19 28.32
N GLU A 17 -4.86 31.69 27.29
CA GLU A 17 -6.32 31.57 27.17
C GLU A 17 -6.68 30.11 26.89
N GLU A 18 -7.76 29.63 27.53
CA GLU A 18 -8.20 28.26 27.43
C GLU A 18 -8.48 27.84 25.98
N SER A 19 -9.21 28.69 25.26
CA SER A 19 -9.54 28.44 23.85
C SER A 19 -8.31 28.21 22.97
N SER A 20 -7.22 28.94 23.25
CA SER A 20 -5.95 28.77 22.55
C SER A 20 -5.27 27.45 22.91
N ALA A 21 -5.27 27.11 24.20
CA ALA A 21 -4.64 25.88 24.71
C ALA A 21 -5.29 24.60 24.17
N VAL A 22 -6.62 24.59 24.15
CA VAL A 22 -7.41 23.47 23.66
C VAL A 22 -7.02 23.17 22.21
N GLN A 23 -7.15 24.18 21.33
CA GLN A 23 -6.81 24.06 19.92
C GLN A 23 -5.35 23.61 19.72
N TYR A 24 -4.43 24.24 20.46
CA TYR A 24 -2.98 23.98 20.40
C TYR A 24 -2.69 22.49 20.66
N PHE A 25 -3.16 21.97 21.80
CA PHE A 25 -2.85 20.58 22.17
C PHE A 25 -3.58 19.56 21.30
N GLN A 26 -4.80 19.90 20.85
CA GLN A 26 -5.50 19.12 19.84
C GLN A 26 -4.66 18.96 18.57
N PHE A 27 -4.06 20.05 18.10
CA PHE A 27 -3.23 20.03 16.90
C PHE A 27 -2.07 19.05 17.06
N TYR A 28 -1.39 19.10 18.21
CA TYR A 28 -0.20 18.27 18.49
C TYR A 28 -0.59 16.84 18.91
N GLY A 29 -1.89 16.54 19.03
CA GLY A 29 -2.38 15.21 19.30
C GLY A 29 -2.34 14.24 18.11
N TYR A 30 -2.22 14.77 16.90
CA TYR A 30 -2.32 14.00 15.63
C TYR A 30 -0.99 13.35 15.29
N LEU A 31 -1.03 12.04 15.01
CA LEU A 31 0.13 11.30 14.51
C LEU A 31 0.66 11.90 13.20
N SER A 32 -0.24 12.38 12.35
CA SER A 32 0.14 13.03 11.08
C SER A 32 1.08 14.21 11.28
N GLN A 33 0.87 14.98 12.35
CA GLN A 33 1.75 16.09 12.70
C GLN A 33 3.11 15.61 13.21
N GLN A 34 3.11 14.56 14.04
CA GLN A 34 4.36 13.93 14.48
C GLN A 34 5.18 13.43 13.28
N GLN A 35 4.50 12.74 12.38
CA GLN A 35 5.12 12.21 11.18
C GLN A 35 5.74 13.33 10.35
N ASN A 36 5.03 14.45 10.21
CA ASN A 36 5.52 15.62 9.48
C ASN A 36 6.84 16.10 10.05
N MET A 37 6.92 16.21 11.37
CA MET A 37 8.12 16.65 12.06
C MET A 37 9.23 15.62 11.94
N MET A 38 8.90 14.34 12.14
CA MET A 38 9.87 13.25 12.10
C MET A 38 10.51 13.09 10.73
N GLN A 39 9.73 13.33 9.67
CA GLN A 39 10.21 13.24 8.29
C GLN A 39 11.13 14.38 7.86
N ASP A 40 11.18 15.45 8.65
CA ASP A 40 12.19 16.50 8.45
C ASP A 40 13.53 15.94 8.90
N TYR A 41 14.36 15.55 7.94
CA TYR A 41 15.64 14.83 8.17
C TYR A 41 16.66 15.77 8.82
N VAL A 42 16.66 17.05 8.45
CA VAL A 42 17.55 18.04 9.06
C VAL A 42 17.30 18.10 10.57
N ARG A 43 16.01 18.17 10.93
CA ARG A 43 15.54 18.26 12.33
C ARG A 43 15.89 16.97 13.09
N THR A 44 15.37 15.83 12.61
CA THR A 44 15.50 14.58 13.34
C THR A 44 16.96 14.13 13.39
N GLY A 45 17.65 14.25 12.25
CA GLY A 45 19.02 13.82 12.11
C GLY A 45 20.01 14.63 12.93
N THR A 46 19.76 15.94 13.02
CA THR A 46 20.62 16.84 13.79
C THR A 46 20.49 16.59 15.29
N TYR A 47 19.26 16.42 15.77
CA TYR A 47 18.96 16.09 17.20
C TYR A 47 19.68 14.79 17.55
N GLN A 48 19.55 13.76 16.70
CA GLN A 48 20.22 12.49 16.94
C GLN A 48 21.73 12.65 17.03
N ARG A 49 22.31 13.38 16.07
CA ARG A 49 23.77 13.65 16.01
C ARG A 49 24.20 14.42 17.26
N ALA A 50 23.46 15.46 17.64
CA ALA A 50 23.79 16.28 18.83
C ALA A 50 23.85 15.43 20.09
N ILE A 51 22.89 14.52 20.24
CA ILE A 51 22.77 13.66 21.42
C ILE A 51 23.83 12.54 21.44
N LEU A 52 23.89 11.78 20.35
CA LEU A 52 24.80 10.63 20.25
C LEU A 52 26.30 11.02 20.24
N GLN A 53 26.64 12.13 19.56
CA GLN A 53 28.03 12.59 19.51
C GLN A 53 28.48 13.25 20.82
N ASN A 54 27.53 13.57 21.68
CA ASN A 54 27.79 14.02 23.05
C ASN A 54 27.32 13.00 24.08
N HIS A 55 27.66 11.74 23.83
CA HIS A 55 27.17 10.60 24.64
C HIS A 55 27.53 10.69 26.11
N THR A 56 28.70 11.26 26.44
CA THR A 56 29.13 11.45 27.83
C THR A 56 28.25 12.45 28.60
N ASP A 57 27.50 13.30 27.88
CA ASP A 57 26.48 14.15 28.51
C ASP A 57 25.21 13.37 28.87
N PHE A 58 25.08 12.14 28.36
CA PHE A 58 23.90 11.29 28.59
C PHE A 58 24.18 10.00 29.34
N LYS A 59 25.39 9.45 29.18
CA LYS A 59 25.77 8.16 29.76
C LYS A 59 25.52 8.14 31.29
N ASP A 60 24.60 7.27 31.71
CA ASP A 60 24.20 7.07 33.12
C ASP A 60 23.65 8.32 33.81
N LYS A 61 23.08 9.24 33.03
CA LYS A 61 22.53 10.49 33.53
C LYS A 61 21.00 10.45 33.60
N ILE A 62 20.43 11.41 34.35
CA ILE A 62 19.00 11.61 34.43
C ILE A 62 18.63 12.73 33.46
N VAL A 63 17.57 12.51 32.68
CA VAL A 63 17.17 13.40 31.58
C VAL A 63 15.70 13.77 31.71
N LEU A 64 15.39 15.03 31.35
CA LEU A 64 14.02 15.50 31.19
C LEU A 64 13.82 15.91 29.72
N ASP A 65 12.76 15.35 29.11
CA ASP A 65 12.36 15.63 27.74
C ASP A 65 11.04 16.44 27.75
N VAL A 66 11.15 17.74 27.47
CA VAL A 66 10.02 18.65 27.60
C VAL A 66 9.26 18.71 26.27
N GLY A 67 8.00 18.27 26.30
CA GLY A 67 7.16 18.22 25.12
C GLY A 67 7.63 17.15 24.15
N CYS A 68 7.67 15.91 24.64
CA CYS A 68 8.34 14.80 23.94
C CYS A 68 7.63 14.27 22.70
N GLY A 69 6.33 14.61 22.56
CA GLY A 69 5.53 14.14 21.47
C GLY A 69 5.53 12.62 21.47
N SER A 70 5.89 12.02 20.33
CA SER A 70 5.94 10.57 20.15
C SER A 70 7.06 9.91 20.96
N GLY A 71 8.05 10.71 21.37
CA GLY A 71 9.11 10.27 22.27
C GLY A 71 10.48 10.15 21.64
N ILE A 72 10.62 10.56 20.38
CA ILE A 72 11.82 10.30 19.58
C ILE A 72 13.13 10.75 20.27
N LEU A 73 13.10 11.93 20.91
CA LEU A 73 14.29 12.48 21.56
C LEU A 73 14.66 11.68 22.79
N SER A 74 13.65 11.15 23.48
CA SER A 74 13.88 10.26 24.63
C SER A 74 14.57 8.97 24.18
N PHE A 75 14.15 8.42 23.04
CA PHE A 75 14.78 7.22 22.48
C PHE A 75 16.22 7.50 22.08
N PHE A 76 16.51 8.71 21.59
CA PHE A 76 17.88 9.09 21.29
C PHE A 76 18.72 9.19 22.58
N ALA A 77 18.13 9.78 23.63
CA ALA A 77 18.76 9.82 24.94
C ALA A 77 19.07 8.42 25.46
N ALA A 78 18.13 7.49 25.28
CA ALA A 78 18.32 6.07 25.63
C ALA A 78 19.46 5.40 24.83
N GLN A 79 19.52 5.66 23.53
CA GLN A 79 20.60 5.13 22.67
C GLN A 79 21.98 5.61 23.13
N ALA A 80 22.02 6.81 23.72
CA ALA A 80 23.26 7.42 24.21
C ALA A 80 23.61 7.03 25.64
N GLY A 81 22.79 6.15 26.25
CA GLY A 81 23.10 5.53 27.52
C GLY A 81 22.52 6.15 28.78
N ALA A 82 21.44 6.93 28.64
CA ALA A 82 20.80 7.57 29.79
C ALA A 82 20.28 6.51 30.75
N ARG A 83 20.48 6.71 32.04
CA ARG A 83 19.96 5.83 33.12
C ARG A 83 18.44 5.99 33.22
N LYS A 84 17.96 7.24 33.24
CA LYS A 84 16.54 7.53 33.37
C LYS A 84 16.16 8.78 32.59
N ILE A 85 15.02 8.71 31.90
CA ILE A 85 14.48 9.79 31.09
C ILE A 85 13.01 10.01 31.45
N TYR A 86 12.68 11.20 31.93
CA TYR A 86 11.28 11.66 32.16
C TYR A 86 10.83 12.43 30.92
N ALA A 87 9.81 11.92 30.24
CA ALA A 87 9.31 12.47 29.00
C ALA A 87 7.94 13.08 29.28
N VAL A 88 7.88 14.41 29.28
CA VAL A 88 6.65 15.15 29.60
C VAL A 88 5.96 15.60 28.32
N GLU A 89 4.65 15.37 28.25
CA GLU A 89 3.85 15.77 27.09
C GLU A 89 2.39 15.99 27.49
N ALA A 90 1.82 17.11 27.04
CA ALA A 90 0.52 17.59 27.49
C ALA A 90 -0.61 17.19 26.56
N SER A 91 -0.27 16.92 25.29
CA SER A 91 -1.26 16.47 24.31
C SER A 91 -1.54 14.99 24.53
N THR A 92 -2.59 14.49 23.85
CA THR A 92 -2.94 13.08 23.87
C THR A 92 -1.87 12.17 23.24
N MET A 93 -0.89 12.77 22.56
CA MET A 93 0.31 12.07 22.09
C MET A 93 1.06 11.33 23.21
N ALA A 94 0.89 11.77 24.45
CA ALA A 94 1.49 11.12 25.62
C ALA A 94 1.21 9.63 25.65
N GLN A 95 -0.03 9.26 25.32
CA GLN A 95 -0.48 7.86 25.36
C GLN A 95 0.18 7.02 24.25
N HIS A 96 0.41 7.62 23.08
CA HIS A 96 1.10 6.99 21.97
C HIS A 96 2.59 6.81 22.29
N ALA A 97 3.18 7.79 22.96
CA ALA A 97 4.57 7.68 23.43
C ALA A 97 4.74 6.49 24.41
N GLU A 98 3.78 6.33 25.33
CA GLU A 98 3.79 5.22 26.28
C GLU A 98 3.81 3.87 25.52
N VAL A 99 2.94 3.74 24.52
CA VAL A 99 2.88 2.57 23.67
C VAL A 99 4.25 2.25 23.05
N LEU A 100 4.91 3.25 22.48
CA LEU A 100 6.25 3.08 21.88
C LEU A 100 7.32 2.67 22.89
N VAL A 101 7.25 3.23 24.10
CA VAL A 101 8.19 2.88 25.16
C VAL A 101 8.08 1.39 25.54
N LYS A 102 6.85 0.88 25.63
CA LYS A 102 6.58 -0.53 25.90
C LYS A 102 7.04 -1.41 24.73
N SER A 103 6.63 -1.04 23.51
CA SER A 103 6.95 -1.81 22.31
C SER A 103 8.46 -1.88 22.04
N ASN A 104 9.21 -0.87 22.52
CA ASN A 104 10.68 -0.85 22.42
C ASN A 104 11.42 -1.36 23.68
N ASN A 105 10.67 -1.95 24.63
CA ASN A 105 11.21 -2.58 25.84
C ASN A 105 12.08 -1.65 26.67
N LEU A 106 11.63 -0.42 26.84
CA LEU A 106 12.38 0.61 27.53
C LEU A 106 11.60 1.19 28.71
N THR A 107 10.62 0.45 29.24
CA THR A 107 9.79 0.91 30.37
C THR A 107 10.62 1.18 31.65
N ASP A 108 11.75 0.47 31.77
CA ASP A 108 12.68 0.66 32.89
C ASP A 108 13.52 1.95 32.82
N ARG A 109 13.57 2.59 31.65
CA ARG A 109 14.49 3.73 31.38
C ARG A 109 13.70 5.00 30.95
N ILE A 110 12.60 4.87 30.22
CA ILE A 110 11.80 6.02 29.80
C ILE A 110 10.46 6.03 30.50
N VAL A 111 10.21 7.09 31.29
CA VAL A 111 8.96 7.27 32.01
C VAL A 111 8.22 8.46 31.43
N VAL A 112 7.11 8.16 30.76
CA VAL A 112 6.22 9.16 30.19
C VAL A 112 5.34 9.73 31.30
N ILE A 113 5.29 11.07 31.37
CA ILE A 113 4.51 11.79 32.36
C ILE A 113 3.55 12.70 31.60
N PRO A 114 2.24 12.37 31.53
CA PRO A 114 1.27 13.20 30.82
C PRO A 114 0.97 14.49 31.60
N GLY A 115 0.91 15.62 30.91
CA GLY A 115 0.57 16.92 31.48
C GLY A 115 1.50 18.02 31.02
N LYS A 116 1.20 19.24 31.47
CA LYS A 116 2.04 20.41 31.21
C LYS A 116 3.23 20.34 32.15
N VAL A 117 4.42 20.68 31.64
CA VAL A 117 5.64 20.67 32.44
C VAL A 117 5.58 21.68 33.60
N GLU A 118 4.69 22.68 33.48
CA GLU A 118 4.43 23.65 34.55
C GLU A 118 3.58 23.09 35.70
N GLU A 119 2.94 21.93 35.46
CA GLU A 119 1.95 21.35 36.37
C GLU A 119 2.31 19.99 36.96
N VAL A 120 3.03 19.16 36.20
CA VAL A 120 3.42 17.82 36.64
C VAL A 120 4.46 17.88 37.75
N SER A 121 4.64 16.76 38.46
CA SER A 121 5.75 16.58 39.41
C SER A 121 6.71 15.51 38.88
N LEU A 122 8.00 15.79 39.03
CA LEU A 122 9.08 14.86 38.76
C LEU A 122 9.58 14.36 40.11
N PRO A 123 9.96 13.07 40.24
CA PRO A 123 10.47 12.56 41.50
C PRO A 123 11.86 13.08 41.88
N GLU A 124 12.66 13.50 40.90
CA GLU A 124 14.05 13.90 41.16
C GLU A 124 14.56 14.94 40.17
N GLN A 125 15.69 15.56 40.51
CA GLN A 125 16.35 16.55 39.68
C GLN A 125 17.08 15.83 38.55
N VAL A 126 17.28 16.54 37.43
CA VAL A 126 17.89 15.97 36.23
C VAL A 126 19.24 16.63 35.91
N ASP A 127 20.07 15.91 35.15
CA ASP A 127 21.39 16.38 34.72
C ASP A 127 21.32 17.23 33.47
N ILE A 128 20.29 16.99 32.65
CA ILE A 128 20.17 17.61 31.35
C ILE A 128 18.71 17.64 30.89
N ILE A 129 18.32 18.76 30.26
CA ILE A 129 17.00 18.91 29.66
C ILE A 129 17.18 18.90 28.16
N ILE A 130 16.31 18.14 27.47
CA ILE A 130 16.22 18.16 26.02
C ILE A 130 14.80 18.52 25.61
N SER A 131 14.68 19.23 24.48
CA SER A 131 13.41 19.68 23.96
C SER A 131 13.55 20.19 22.55
N GLU A 132 12.41 20.32 21.87
CA GLU A 132 12.31 21.07 20.63
C GLU A 132 11.27 22.14 20.85
N PRO A 133 11.61 23.24 21.58
CA PRO A 133 10.66 24.29 21.90
C PRO A 133 10.49 25.39 20.83
N MET A 134 11.23 25.31 19.72
CA MET A 134 11.22 26.33 18.67
C MET A 134 9.95 26.30 17.80
N GLY A 135 9.26 27.45 17.69
CA GLY A 135 8.19 27.64 16.73
C GLY A 135 8.70 28.46 15.56
N TYR A 136 7.78 28.82 14.65
CA TYR A 136 8.08 29.80 13.56
C TYR A 136 8.77 31.00 14.17
N MET A 137 9.83 31.50 13.52
CA MET A 137 10.51 32.71 13.95
C MET A 137 11.08 32.52 15.35
N LEU A 138 11.34 31.25 15.71
CA LEU A 138 11.80 30.80 17.02
C LEU A 138 10.76 30.88 18.14
N PHE A 139 10.18 32.08 18.33
CA PHE A 139 9.41 32.44 19.51
C PHE A 139 7.95 31.99 19.53
N ASN A 140 7.36 31.83 18.35
CA ASN A 140 5.96 31.43 18.25
C ASN A 140 5.68 30.16 19.06
N GLU A 141 4.45 30.08 19.62
CA GLU A 141 3.95 29.02 20.49
C GLU A 141 4.27 29.25 21.98
N ARG A 142 5.25 30.13 22.25
CA ARG A 142 5.72 30.49 23.61
C ARG A 142 6.14 29.23 24.37
N MET A 143 6.68 28.24 23.67
CA MET A 143 7.14 27.04 24.33
C MET A 143 8.53 27.23 24.93
N LEU A 144 9.28 28.23 24.45
CA LEU A 144 10.57 28.57 25.03
C LEU A 144 10.44 28.84 26.54
N GLU A 145 9.30 29.39 26.95
CA GLU A 145 9.03 29.67 28.36
C GLU A 145 8.82 28.40 29.17
N SER A 146 8.15 27.40 28.59
CA SER A 146 7.95 26.09 29.25
C SER A 146 9.31 25.41 29.42
N TYR A 147 10.16 25.54 28.41
CA TYR A 147 11.54 24.98 28.40
C TYR A 147 12.35 25.62 29.52
N LEU A 148 12.27 26.95 29.66
CA LEU A 148 13.02 27.68 30.69
C LEU A 148 12.43 27.40 32.06
N HIS A 149 11.09 27.34 32.14
CA HIS A 149 10.39 26.97 33.37
C HIS A 149 10.90 25.63 33.92
N ALA A 150 11.21 24.69 33.02
CA ALA A 150 11.67 23.34 33.37
C ALA A 150 13.01 23.31 34.11
N LYS A 151 13.75 24.43 34.08
CA LYS A 151 15.03 24.52 34.81
C LYS A 151 14.91 24.40 36.33
N LYS A 152 13.69 24.51 36.87
CA LYS A 152 13.46 24.23 38.28
C LYS A 152 13.80 22.79 38.65
N TYR A 153 13.85 21.91 37.65
CA TYR A 153 14.16 20.46 37.79
C TYR A 153 15.61 20.17 37.44
N LEU A 154 16.38 21.19 37.03
CA LEU A 154 17.75 21.01 36.60
C LEU A 154 18.71 21.16 37.77
N LYS A 155 19.63 20.20 37.92
CA LYS A 155 20.72 20.30 38.89
C LYS A 155 21.59 21.53 38.61
N PRO A 156 22.35 22.03 39.61
CA PRO A 156 23.25 23.17 39.39
C PRO A 156 24.21 23.02 38.21
N SER A 157 24.96 21.92 38.08
CA SER A 157 25.87 21.73 36.94
C SER A 157 25.18 21.59 35.54
N GLY A 158 23.84 21.59 35.53
CA GLY A 158 23.10 20.93 34.48
C GLY A 158 23.15 21.64 33.17
N ASN A 159 22.94 20.88 32.09
CA ASN A 159 23.00 21.39 30.73
C ASN A 159 21.62 21.38 30.09
N MET A 160 21.53 22.05 28.93
CA MET A 160 20.31 22.12 28.15
C MET A 160 20.61 21.99 26.68
N PHE A 161 19.72 21.25 25.99
CA PHE A 161 19.88 20.86 24.60
C PHE A 161 18.54 21.12 23.91
N PRO A 162 18.39 22.22 23.15
CA PRO A 162 19.49 23.13 22.81
C PRO A 162 19.94 24.07 23.94
N THR A 163 21.18 24.56 23.84
CA THR A 163 21.81 25.41 24.84
C THR A 163 21.53 26.88 24.59
N ILE A 164 21.63 27.30 23.32
CA ILE A 164 21.33 28.68 22.91
C ILE A 164 20.51 28.72 21.62
N GLY A 165 19.81 29.83 21.42
CA GLY A 165 19.07 30.11 20.19
C GLY A 165 19.40 31.50 19.66
N ASP A 166 19.69 31.60 18.36
CA ASP A 166 19.99 32.85 17.68
C ASP A 166 18.87 33.15 16.68
N VAL A 167 18.16 34.27 16.87
CA VAL A 167 17.27 34.76 15.83
C VAL A 167 18.03 35.74 14.93
N HIS A 168 17.86 35.55 13.62
CA HIS A 168 18.46 36.41 12.60
C HIS A 168 17.38 37.24 11.91
N LEU A 169 17.65 38.55 11.76
CA LEU A 169 16.83 39.49 11.00
C LEU A 169 17.69 40.12 9.92
N ALA A 170 17.08 40.31 8.74
CA ALA A 170 17.73 41.01 7.63
C ALA A 170 16.69 41.66 6.75
N PRO A 171 16.97 42.85 6.17
CA PRO A 171 16.03 43.51 5.28
C PRO A 171 16.01 42.83 3.89
N PHE A 172 14.85 42.78 3.25
CA PHE A 172 14.71 42.18 1.93
C PHE A 172 13.95 43.05 0.94
N THR A 173 14.20 42.79 -0.34
CA THR A 173 13.44 43.37 -1.43
C THR A 173 12.71 42.24 -2.17
N ASP A 174 11.39 42.37 -2.27
CA ASP A 174 10.56 41.43 -2.99
C ASP A 174 9.31 42.16 -3.48
N GLU A 175 9.41 42.74 -4.67
CA GLU A 175 8.39 43.57 -5.26
C GLU A 175 7.11 42.77 -5.50
N GLN A 176 7.28 41.55 -5.98
CA GLN A 176 6.16 40.67 -6.29
C GLN A 176 5.38 40.29 -5.04
N LEU A 177 6.08 40.00 -3.93
CA LEU A 177 5.40 39.70 -2.66
C LEU A 177 4.61 40.92 -2.20
N TYR A 178 5.23 42.10 -2.25
CA TYR A 178 4.57 43.36 -1.84
C TYR A 178 3.31 43.60 -2.68
N MET A 179 3.45 43.54 -4.01
CA MET A 179 2.37 43.88 -4.93
C MET A 179 1.19 42.91 -4.85
N GLU A 180 1.51 41.64 -4.55
CA GLU A 180 0.54 40.60 -4.37
C GLU A 180 -0.51 40.94 -3.31
N GLN A 181 -0.13 41.62 -2.24
CA GLN A 181 -1.06 42.03 -1.19
C GLN A 181 -2.15 42.96 -1.74
N PHE A 182 -1.74 43.91 -2.58
CA PHE A 182 -2.67 44.85 -3.20
C PHE A 182 -3.54 44.21 -4.23
N THR A 183 -3.00 43.30 -5.03
CA THR A 183 -3.78 42.55 -6.02
C THR A 183 -4.92 41.76 -5.37
N LYS A 184 -4.61 41.10 -4.25
CA LYS A 184 -5.62 40.36 -3.49
C LYS A 184 -6.70 41.29 -2.94
N ALA A 185 -6.25 42.38 -2.30
CA ALA A 185 -7.16 43.35 -1.69
C ALA A 185 -8.04 44.02 -2.73
N ASN A 186 -7.53 44.22 -3.95
CA ASN A 186 -8.28 44.89 -5.00
C ASN A 186 -9.51 44.15 -5.50
N PHE A 187 -9.71 42.91 -5.04
CA PHE A 187 -11.01 42.24 -5.20
C PHE A 187 -12.16 43.15 -4.72
N TRP A 188 -11.90 43.86 -3.61
CA TRP A 188 -12.91 44.71 -2.98
C TRP A 188 -13.09 46.05 -3.68
N TYR A 189 -12.20 46.42 -4.61
CA TYR A 189 -12.21 47.74 -5.30
C TYR A 189 -13.02 47.59 -6.59
N GLN A 190 -14.31 47.30 -6.44
CA GLN A 190 -15.23 47.24 -7.55
C GLN A 190 -16.60 47.79 -7.19
N PRO A 191 -17.17 48.65 -8.07
CA PRO A 191 -18.37 49.42 -7.75
C PRO A 191 -19.67 48.62 -7.90
N SER A 192 -19.63 47.48 -8.57
CA SER A 192 -20.82 46.69 -8.80
C SER A 192 -20.52 45.21 -8.91
N PHE A 193 -20.21 44.60 -7.76
CA PHE A 193 -20.11 43.16 -7.59
C PHE A 193 -21.51 42.63 -7.38
N HIS A 194 -22.09 42.03 -8.44
CA HIS A 194 -23.50 41.63 -8.43
C HIS A 194 -24.38 42.78 -7.90
N GLY A 195 -24.07 44.01 -8.34
CA GLY A 195 -24.84 45.20 -7.99
C GLY A 195 -24.48 45.91 -6.69
N VAL A 196 -23.43 45.44 -6.01
CA VAL A 196 -23.00 45.96 -4.74
C VAL A 196 -21.60 46.61 -4.81
N ASP A 197 -21.49 47.82 -4.26
CA ASP A 197 -20.24 48.57 -4.27
C ASP A 197 -19.44 48.11 -3.05
N LEU A 198 -18.28 47.48 -3.31
CA LEU A 198 -17.48 46.86 -2.27
C LEU A 198 -16.31 47.72 -1.81
N SER A 199 -16.06 48.82 -2.53
CA SER A 199 -14.80 49.57 -2.46
C SER A 199 -14.45 50.07 -1.07
N ALA A 200 -15.48 50.33 -0.25
CA ALA A 200 -15.29 50.82 1.11
C ALA A 200 -14.48 49.87 1.98
N LEU A 201 -14.44 48.57 1.62
CA LEU A 201 -13.72 47.57 2.41
C LEU A 201 -12.28 47.31 1.96
N ARG A 202 -11.85 48.02 0.91
CA ARG A 202 -10.54 47.74 0.25
C ARG A 202 -9.41 48.02 1.25
N GLY A 203 -9.46 49.15 1.96
CA GLY A 203 -8.48 49.52 2.95
C GLY A 203 -8.37 48.50 4.06
N ALA A 204 -9.51 48.00 4.52
CA ALA A 204 -9.57 46.99 5.58
C ALA A 204 -8.95 45.65 5.12
N ALA A 205 -9.14 45.32 3.85
CA ALA A 205 -8.58 44.08 3.27
C ALA A 205 -7.05 44.19 3.21
N VAL A 206 -6.54 45.32 2.74
CA VAL A 206 -5.10 45.60 2.73
C VAL A 206 -4.50 45.47 4.15
N ASP A 207 -5.13 46.12 5.14
CA ASP A 207 -4.68 46.04 6.53
C ASP A 207 -4.58 44.58 6.98
N GLU A 208 -5.63 43.79 6.71
CA GLU A 208 -5.69 42.38 7.12
C GLU A 208 -4.52 41.59 6.57
N TYR A 209 -4.23 41.73 5.27
CA TYR A 209 -3.14 40.98 4.58
C TYR A 209 -1.79 41.38 5.18
N PHE A 210 -1.58 42.67 5.45
CA PHE A 210 -0.33 43.17 6.00
C PHE A 210 -0.06 42.77 7.48
N ARG A 211 -1.09 42.43 8.25
CA ARG A 211 -0.92 41.95 9.65
C ARG A 211 -0.33 40.53 9.66
N GLN A 212 -0.45 39.78 8.55
CA GLN A 212 0.01 38.38 8.53
C GLN A 212 1.50 38.25 8.19
N PRO A 213 2.35 37.70 9.06
CA PRO A 213 3.71 37.33 8.65
C PRO A 213 3.63 36.21 7.58
N VAL A 214 4.53 36.26 6.61
CA VAL A 214 4.53 35.33 5.48
C VAL A 214 5.53 34.23 5.76
N VAL A 215 5.02 33.00 5.83
CA VAL A 215 5.84 31.80 6.02
C VAL A 215 6.02 31.11 4.69
N ASP A 216 7.26 31.13 4.20
CA ASP A 216 7.70 30.41 3.01
C ASP A 216 9.20 30.60 2.96
N THR A 217 9.83 30.16 1.87
CA THR A 217 11.26 30.31 1.70
C THR A 217 11.51 31.22 0.53
N PHE A 218 12.77 31.64 0.37
CA PHE A 218 13.15 32.58 -0.67
C PHE A 218 14.62 32.40 -1.00
N ASP A 219 15.02 32.87 -2.19
CA ASP A 219 16.41 32.99 -2.59
C ASP A 219 17.08 34.06 -1.73
N ILE A 220 18.31 33.76 -1.25
CA ILE A 220 19.08 34.70 -0.43
C ILE A 220 19.49 35.99 -1.13
N ARG A 221 19.31 36.06 -2.46
CA ARG A 221 19.67 37.24 -3.28
C ARG A 221 18.67 38.39 -3.01
N ILE A 222 17.54 38.14 -2.35
CA ILE A 222 16.63 39.20 -1.95
C ILE A 222 17.09 39.97 -0.71
N LEU A 223 18.06 39.43 0.03
CA LEU A 223 18.56 40.04 1.26
C LEU A 223 19.50 41.16 0.92
N MET A 224 19.29 42.33 1.55
CA MET A 224 19.96 43.58 1.18
C MET A 224 21.04 44.02 2.17
N ALA A 225 21.24 43.25 3.23
CA ALA A 225 22.25 43.51 4.23
C ALA A 225 22.50 42.28 5.07
N LYS A 226 23.71 42.19 5.62
CA LYS A 226 24.10 41.15 6.54
C LYS A 226 23.12 41.15 7.72
N SER A 227 22.78 39.95 8.20
CA SER A 227 21.77 39.81 9.25
C SER A 227 22.26 40.37 10.56
N VAL A 228 21.31 40.75 11.42
CA VAL A 228 21.55 41.10 12.81
C VAL A 228 21.05 39.92 13.65
N LYS A 229 21.78 39.59 14.71
CA LYS A 229 21.55 38.42 15.55
C LYS A 229 21.08 38.81 16.95
N TYR A 230 19.99 38.19 17.42
CA TYR A 230 19.51 38.27 18.82
C TYR A 230 19.60 36.88 19.46
N THR A 231 20.36 36.75 20.54
CA THR A 231 20.67 35.47 21.16
C THR A 231 19.95 35.32 22.48
N VAL A 232 19.32 34.15 22.66
CA VAL A 232 18.77 33.71 23.94
C VAL A 232 19.64 32.57 24.41
N ASN A 233 20.28 32.74 25.57
CA ASN A 233 21.05 31.70 26.22
C ASN A 233 20.13 30.97 27.20
N PHE A 234 19.77 29.73 26.87
CA PHE A 234 18.76 28.98 27.65
C PHE A 234 19.24 28.60 29.05
N LEU A 235 20.55 28.52 29.24
CA LEU A 235 21.13 28.26 30.56
C LEU A 235 20.92 29.43 31.53
N GLU A 236 20.86 30.66 31.00
CA GLU A 236 20.85 31.88 31.80
C GLU A 236 19.49 32.59 31.85
N ALA A 237 18.71 32.48 30.78
CA ALA A 237 17.46 33.22 30.64
C ALA A 237 16.38 32.74 31.61
N LYS A 238 15.49 33.68 31.96
CA LYS A 238 14.34 33.44 32.83
C LYS A 238 13.11 33.57 31.93
N GLU A 239 12.01 32.90 32.32
CA GLU A 239 10.75 32.97 31.59
C GLU A 239 10.39 34.40 31.24
N GLY A 240 10.44 35.26 32.25
CA GLY A 240 10.16 36.68 32.16
C GLY A 240 10.83 37.42 31.02
N ASP A 241 12.06 37.03 30.69
CA ASP A 241 12.83 37.65 29.60
C ASP A 241 12.14 37.56 28.23
N LEU A 242 11.19 36.63 28.08
CA LEU A 242 10.52 36.40 26.79
C LEU A 242 9.15 37.06 26.65
N HIS A 243 8.68 37.74 27.70
CA HIS A 243 7.38 38.43 27.65
C HIS A 243 7.44 39.68 26.78
N ARG A 244 8.61 40.34 26.75
CA ARG A 244 8.89 41.57 25.97
C ARG A 244 10.28 41.45 25.35
N ILE A 245 10.36 41.24 24.04
CA ILE A 245 11.62 41.03 23.36
C ILE A 245 11.88 42.19 22.44
N GLU A 246 12.91 42.98 22.77
CA GLU A 246 13.30 44.15 21.98
C GLU A 246 14.57 43.82 21.22
N ILE A 247 14.48 43.89 19.88
CA ILE A 247 15.58 43.62 19.00
C ILE A 247 15.94 44.89 18.24
N PRO A 248 16.96 45.65 18.70
CA PRO A 248 17.44 46.82 17.95
C PRO A 248 18.18 46.33 16.70
N PHE A 249 18.18 47.14 15.65
CA PHE A 249 18.95 46.82 14.46
C PHE A 249 19.46 48.06 13.79
N LYS A 250 20.66 47.93 13.22
CA LYS A 250 21.29 48.93 12.39
C LYS A 250 21.91 48.13 11.24
N PHE A 251 21.23 48.14 10.08
CA PHE A 251 21.68 47.42 8.90
C PHE A 251 22.51 48.33 8.01
N HIS A 252 23.67 47.83 7.58
CA HIS A 252 24.51 48.54 6.63
C HIS A 252 24.20 47.95 5.25
N MET A 253 23.52 48.76 4.42
CA MET A 253 22.93 48.30 3.18
C MET A 253 24.03 47.95 2.19
N LEU A 254 23.98 46.72 1.67
CA LEU A 254 24.94 46.22 0.71
C LEU A 254 24.49 46.44 -0.74
N HIS A 255 23.19 46.69 -0.93
CA HIS A 255 22.60 46.93 -2.25
C HIS A 255 21.57 48.06 -2.17
N SER A 256 21.43 48.79 -3.28
CA SER A 256 20.41 49.82 -3.42
C SER A 256 19.09 49.19 -3.86
N GLY A 257 17.98 49.81 -3.43
CA GLY A 257 16.66 49.36 -3.83
C GLY A 257 15.62 49.65 -2.77
N LEU A 258 14.39 49.18 -3.02
CA LEU A 258 13.29 49.30 -2.09
C LEU A 258 13.34 48.14 -1.09
N VAL A 259 13.33 48.47 0.21
CA VAL A 259 13.23 47.49 1.28
C VAL A 259 11.75 47.27 1.60
N HIS A 260 11.25 46.06 1.33
CA HIS A 260 9.84 45.74 1.50
C HIS A 260 9.49 45.17 2.88
N GLY A 261 10.50 44.83 3.68
CA GLY A 261 10.29 44.29 5.01
C GLY A 261 11.50 43.61 5.59
N LEU A 262 11.30 42.86 6.68
CA LEU A 262 12.36 42.09 7.34
C LEU A 262 12.11 40.58 7.25
N ALA A 263 13.20 39.84 6.99
CA ALA A 263 13.17 38.38 6.97
C ALA A 263 13.76 37.86 8.26
N PHE A 264 13.16 36.77 8.77
CA PHE A 264 13.57 36.15 10.03
C PHE A 264 13.86 34.66 9.82
N TRP A 265 14.95 34.19 10.44
CA TRP A 265 15.21 32.77 10.62
C TRP A 265 15.91 32.60 11.96
N PHE A 266 16.19 31.34 12.35
CA PHE A 266 16.91 31.04 13.59
C PHE A 266 17.82 29.82 13.49
N ASP A 267 18.89 29.84 14.30
CA ASP A 267 19.74 28.69 14.57
C ASP A 267 19.63 28.37 16.06
N VAL A 268 19.81 27.09 16.42
CA VAL A 268 20.06 26.67 17.81
C VAL A 268 21.35 25.86 17.85
N ALA A 269 22.03 25.89 18.99
CA ALA A 269 23.28 25.17 19.19
C ALA A 269 23.13 24.24 20.39
N PHE A 270 23.55 22.98 20.21
CA PHE A 270 23.66 21.99 21.28
C PHE A 270 25.13 22.00 21.72
N ILE A 271 25.42 22.67 22.84
CA ILE A 271 26.79 22.84 23.34
C ILE A 271 27.12 21.71 24.32
N GLY A 272 27.66 20.61 23.79
CA GLY A 272 28.00 19.44 24.58
C GLY A 272 29.44 19.47 25.03
N SER A 273 29.79 18.51 25.91
CA SER A 273 31.14 18.35 26.42
C SER A 273 32.16 17.91 25.36
N ILE A 274 31.68 17.16 24.34
CA ILE A 274 32.53 16.64 23.29
C ILE A 274 32.56 17.55 22.07
N MET A 275 31.38 18.08 21.70
CA MET A 275 31.28 19.03 20.59
C MET A 275 30.00 19.85 20.61
N THR A 276 30.02 20.94 19.84
CA THR A 276 28.87 21.78 19.60
C THR A 276 28.29 21.41 18.25
N VAL A 277 26.98 21.16 18.21
CA VAL A 277 26.24 20.85 17.00
C VAL A 277 25.18 21.92 16.79
N TRP A 278 25.08 22.41 15.54
CA TRP A 278 24.18 23.47 15.15
C TRP A 278 23.02 22.92 14.31
N LEU A 279 21.81 23.41 14.58
CA LEU A 279 20.64 23.21 13.74
C LEU A 279 20.26 24.58 13.21
N SER A 280 20.37 24.80 11.90
CA SER A 280 20.08 26.08 11.26
C SER A 280 18.84 26.02 10.36
N THR A 281 17.97 27.04 10.46
CA THR A 281 16.83 27.22 9.56
C THR A 281 17.05 28.35 8.55
N ALA A 282 18.33 28.73 8.36
CA ALA A 282 18.71 29.81 7.46
C ALA A 282 18.34 29.51 6.01
N PRO A 283 18.09 30.55 5.18
CA PRO A 283 17.78 30.35 3.76
C PRO A 283 18.97 29.84 2.94
N THR A 284 20.20 29.93 3.49
CA THR A 284 21.40 29.36 2.91
C THR A 284 21.50 27.84 3.15
N GLU A 285 20.64 27.31 4.03
CA GLU A 285 20.68 25.93 4.44
C GLU A 285 19.48 25.17 3.90
N PRO A 286 19.51 23.82 3.85
CA PRO A 286 18.36 23.05 3.36
C PRO A 286 17.09 23.43 4.12
N LEU A 287 15.95 23.43 3.42
CA LEU A 287 14.68 23.80 3.99
C LEU A 287 14.27 22.85 5.12
N THR A 288 13.70 23.39 6.19
CA THR A 288 13.14 22.66 7.31
C THR A 288 11.65 23.00 7.38
N HIS A 289 10.93 22.35 8.28
CA HIS A 289 9.50 22.59 8.46
C HIS A 289 9.22 23.94 9.19
N TRP A 290 10.30 24.63 9.59
CA TRP A 290 10.22 26.00 10.12
C TRP A 290 10.26 27.08 9.02
N TYR A 291 10.65 26.68 7.82
CA TYR A 291 10.80 27.59 6.64
C TYR A 291 11.59 28.82 7.07
N GLN A 292 11.12 30.00 6.64
CA GLN A 292 11.57 31.30 7.15
C GLN A 292 10.34 32.17 7.23
N VAL A 293 10.48 33.33 7.87
CA VAL A 293 9.36 34.25 8.08
C VAL A 293 9.71 35.65 7.62
N ARG A 294 8.79 36.28 6.88
CA ARG A 294 8.95 37.66 6.37
C ARG A 294 7.81 38.53 6.87
N CYS A 295 8.14 39.69 7.45
CA CYS A 295 7.18 40.71 7.87
C CYS A 295 7.33 41.89 6.92
N LEU A 296 6.26 42.20 6.19
CA LEU A 296 6.24 43.32 5.27
C LEU A 296 6.11 44.68 5.98
N PHE A 297 6.69 45.70 5.36
CA PHE A 297 6.40 47.10 5.69
C PHE A 297 5.19 47.53 4.89
N GLN A 298 4.35 48.36 5.51
CA GLN A 298 3.16 48.92 4.86
C GLN A 298 3.56 49.74 3.63
N SER A 299 4.67 50.46 3.77
CA SER A 299 5.25 51.23 2.69
C SER A 299 6.74 50.90 2.63
N PRO A 300 7.26 50.56 1.44
CA PRO A 300 8.68 50.23 1.30
C PRO A 300 9.57 51.46 1.50
N LEU A 301 10.82 51.24 1.93
CA LEU A 301 11.78 52.30 2.14
C LEU A 301 12.85 52.18 1.08
N PHE A 302 13.12 53.27 0.37
CA PHE A 302 14.24 53.34 -0.55
C PHE A 302 15.54 53.58 0.22
N ALA A 303 16.54 52.73 -0.04
CA ALA A 303 17.87 52.90 0.50
C ALA A 303 18.90 52.73 -0.61
N LYS A 304 20.02 53.44 -0.48
CA LYS A 304 21.17 53.27 -1.35
C LYS A 304 22.19 52.42 -0.62
N ALA A 305 23.02 51.72 -1.40
CA ALA A 305 24.12 50.93 -0.86
C ALA A 305 24.99 51.88 -0.04
N GLY A 306 25.31 51.48 1.20
CA GLY A 306 26.12 52.30 2.10
C GLY A 306 25.33 53.14 3.10
N ASP A 307 23.98 53.19 2.91
CA ASP A 307 23.07 53.76 3.91
C ASP A 307 22.91 52.80 5.09
N THR A 308 22.40 53.33 6.21
CA THR A 308 22.04 52.52 7.37
C THR A 308 20.53 52.55 7.55
N LEU A 309 19.97 51.37 7.80
CA LEU A 309 18.56 51.19 8.05
C LEU A 309 18.45 50.73 9.50
N SER A 310 17.95 51.61 10.36
CA SER A 310 17.89 51.38 11.79
C SER A 310 16.48 51.45 12.33
N GLY A 311 16.28 50.83 13.48
CA GLY A 311 14.96 50.68 14.09
C GLY A 311 14.93 49.58 15.12
N THR A 312 13.73 49.08 15.39
CA THR A 312 13.49 48.09 16.42
C THR A 312 12.41 47.13 15.99
N CYS A 313 12.61 45.85 16.35
CA CYS A 313 11.58 44.84 16.27
C CYS A 313 11.22 44.53 17.70
N LEU A 314 9.95 44.79 18.06
CA LEU A 314 9.45 44.56 19.42
C LEU A 314 8.41 43.43 19.38
N LEU A 315 8.69 42.35 20.12
CA LEU A 315 7.79 41.22 20.23
C LEU A 315 7.17 41.23 21.62
N ILE A 316 5.84 41.34 21.67
CA ILE A 316 5.08 41.37 22.91
C ILE A 316 4.23 40.12 23.03
N ALA A 317 4.48 39.31 24.05
CA ALA A 317 3.79 38.05 24.24
C ALA A 317 2.31 38.31 24.54
N ASN A 318 1.44 37.48 23.96
CA ASN A 318 0.00 37.51 24.21
C ASN A 318 -0.50 36.17 24.75
N LYS A 319 -1.77 36.15 25.16
CA LYS A 319 -2.38 34.99 25.80
C LYS A 319 -2.81 33.89 24.80
N ARG A 320 -2.56 34.09 23.50
CA ARG A 320 -2.84 33.11 22.42
C ARG A 320 -1.55 32.38 22.04
N GLN A 321 -0.59 32.28 22.97
CA GLN A 321 0.63 31.50 22.80
C GLN A 321 1.45 31.99 21.63
N SER A 322 1.42 33.30 21.39
CA SER A 322 2.19 33.91 20.33
C SER A 322 2.57 35.33 20.74
N TYR A 323 2.87 36.17 19.73
CA TYR A 323 3.42 37.53 19.91
C TYR A 323 2.74 38.51 18.97
N ASP A 324 2.54 39.75 19.45
CA ASP A 324 2.25 40.91 18.63
C ASP A 324 3.60 41.51 18.28
N ILE A 325 3.82 41.72 16.98
CA ILE A 325 5.08 42.15 16.45
C ILE A 325 4.95 43.60 16.00
N SER A 326 5.82 44.46 16.53
CA SER A 326 5.90 45.85 16.12
C SER A 326 7.27 46.10 15.50
N ILE A 327 7.27 46.57 14.25
CA ILE A 327 8.49 46.86 13.53
C ILE A 327 8.50 48.32 13.10
N VAL A 328 9.55 49.05 13.50
CA VAL A 328 9.76 50.43 13.14
C VAL A 328 11.15 50.52 12.54
N ALA A 329 11.25 51.20 11.39
CA ALA A 329 12.49 51.28 10.66
C ALA A 329 12.59 52.59 9.94
N GLN A 330 13.81 53.13 9.84
CA GLN A 330 14.06 54.32 9.08
C GLN A 330 15.41 54.25 8.37
N VAL A 331 15.48 54.91 7.22
CA VAL A 331 16.73 55.15 6.53
C VAL A 331 17.29 56.42 7.13
N ASP A 332 18.42 56.29 7.84
CA ASP A 332 18.97 57.40 8.63
C ASP A 332 19.35 58.60 7.76
N GLN A 333 19.83 58.33 6.53
CA GLN A 333 20.32 59.34 5.61
C GLN A 333 19.20 60.22 5.05
N THR A 334 17.98 59.68 4.93
CA THR A 334 16.84 60.44 4.38
C THR A 334 15.73 60.71 5.40
N GLY A 335 15.73 59.99 6.52
CA GLY A 335 14.68 60.05 7.52
C GLY A 335 13.34 59.44 7.12
N SER A 336 13.30 58.70 5.99
CA SER A 336 12.11 57.99 5.56
C SER A 336 11.88 56.84 6.54
N LYS A 337 10.64 56.76 7.04
CA LYS A 337 10.26 55.90 8.14
C LYS A 337 9.09 54.98 7.74
N SER A 338 9.08 53.76 8.28
CA SER A 338 7.98 52.84 8.15
C SER A 338 7.80 52.04 9.43
N SER A 339 6.53 51.74 9.73
CA SER A 339 6.12 50.87 10.80
C SER A 339 5.29 49.71 10.22
N ASN A 340 5.20 48.61 10.98
CA ASN A 340 4.14 47.64 10.80
C ASN A 340 3.83 46.94 12.11
N LEU A 341 2.57 46.51 12.24
CA LEU A 341 2.10 45.73 13.35
C LEU A 341 1.58 44.40 12.80
N LEU A 342 2.11 43.29 13.31
CA LEU A 342 1.75 41.95 12.82
C LEU A 342 1.33 40.98 13.94
N ASP A 343 0.38 40.10 13.60
CA ASP A 343 -0.08 39.03 14.46
C ASP A 343 0.62 37.72 14.09
N LEU A 344 1.67 37.36 14.85
CA LEU A 344 2.40 36.12 14.64
C LEU A 344 1.54 34.86 14.75
N LYS A 345 0.43 34.92 15.50
CA LYS A 345 -0.49 33.80 15.65
C LYS A 345 -1.19 33.38 14.36
N ASN A 346 -1.37 34.33 13.43
CA ASN A 346 -2.11 34.12 12.19
C ASN A 346 -1.24 34.30 10.95
N PRO A 347 -0.24 33.41 10.71
CA PRO A 347 0.67 33.60 9.58
C PRO A 347 0.01 33.21 8.25
N PHE A 348 0.53 33.74 7.14
CA PHE A 348 0.10 33.36 5.82
C PHE A 348 1.13 32.38 5.29
N PHE A 349 0.69 31.13 5.03
CA PHE A 349 1.53 30.09 4.47
C PHE A 349 1.41 30.23 2.96
N ARG A 350 2.48 30.72 2.35
CA ARG A 350 2.59 31.10 0.93
C ARG A 350 3.27 29.98 0.14
N TYR A 351 4.20 29.26 0.78
CA TYR A 351 4.99 28.13 0.18
C TYR A 351 4.08 27.18 -0.61
N THR A 352 4.50 26.86 -1.84
CA THR A 352 3.67 26.15 -2.82
C THR A 352 4.26 24.77 -3.13
N ARG B 9 -26.33 30.93 28.87
CA ARG B 9 -26.87 29.55 28.60
C ARG B 9 -27.96 29.64 27.52
N SER B 10 -27.64 30.34 26.41
CA SER B 10 -28.42 30.28 25.17
C SER B 10 -28.34 28.88 24.53
N VAL B 11 -29.20 28.64 23.54
CA VAL B 11 -29.22 27.37 22.81
C VAL B 11 -27.88 27.10 22.10
N PHE B 12 -27.25 28.15 21.56
CA PHE B 12 -25.95 28.01 20.90
C PHE B 12 -24.86 27.58 21.89
N SER B 13 -24.81 28.28 23.02
CA SER B 13 -23.78 28.05 24.02
C SER B 13 -23.89 26.64 24.65
N GLU B 14 -25.12 26.13 24.77
CA GLU B 14 -25.37 24.84 25.40
C GLU B 14 -24.88 23.67 24.56
N ARG B 15 -24.94 23.82 23.23
CA ARG B 15 -24.57 22.76 22.25
C ARG B 15 -23.15 22.96 21.72
N THR B 16 -22.43 23.99 22.18
CA THR B 16 -21.13 24.36 21.60
C THR B 16 -20.08 24.64 22.66
N GLU B 17 -18.93 23.97 22.54
CA GLU B 17 -17.76 24.22 23.38
C GLU B 17 -17.17 25.58 23.01
N GLU B 18 -16.74 26.33 24.03
CA GLU B 18 -16.28 27.70 23.86
C GLU B 18 -15.07 27.76 22.93
N SER B 19 -14.10 26.88 23.16
CA SER B 19 -12.88 26.82 22.33
C SER B 19 -13.19 26.63 20.83
N SER B 20 -14.24 25.85 20.51
CA SER B 20 -14.69 25.67 19.13
C SER B 20 -15.32 26.94 18.56
N ALA B 21 -16.17 27.60 19.37
CA ALA B 21 -16.88 28.82 18.96
C ALA B 21 -15.93 30.00 18.67
N VAL B 22 -14.94 30.18 19.55
CA VAL B 22 -13.92 31.22 19.41
C VAL B 22 -13.22 31.08 18.05
N GLN B 23 -12.62 29.90 17.82
CA GLN B 23 -11.91 29.61 16.58
C GLN B 23 -12.81 29.79 15.35
N TYR B 24 -14.04 29.27 15.44
CA TYR B 24 -15.05 29.30 14.33
C TYR B 24 -15.31 30.75 13.91
N PHE B 25 -15.69 31.62 14.86
CA PHE B 25 -16.05 32.99 14.52
C PHE B 25 -14.83 33.84 14.13
N GLN B 26 -13.67 33.56 14.73
CA GLN B 26 -12.41 34.13 14.29
C GLN B 26 -12.14 33.84 12.81
N PHE B 27 -12.35 32.59 12.38
CA PHE B 27 -12.14 32.19 10.99
C PHE B 27 -13.01 33.02 10.05
N TYR B 28 -14.29 33.18 10.40
CA TYR B 28 -15.29 33.88 9.56
C TYR B 28 -15.17 35.42 9.72
N GLY B 29 -14.27 35.89 10.58
CA GLY B 29 -13.96 37.31 10.70
C GLY B 29 -13.10 37.89 9.59
N TYR B 30 -12.42 37.02 8.82
CA TYR B 30 -11.40 37.42 7.82
C TYR B 30 -12.07 37.78 6.49
N LEU B 31 -11.74 38.96 5.95
CA LEU B 31 -12.18 39.38 4.64
C LEU B 31 -11.74 38.39 3.52
N SER B 32 -10.55 37.81 3.68
CA SER B 32 -10.02 36.81 2.74
C SER B 32 -10.97 35.62 2.56
N GLN B 33 -11.60 35.19 3.66
CA GLN B 33 -12.57 34.11 3.64
C GLN B 33 -13.88 34.53 2.96
N GLN B 34 -14.33 35.77 3.22
CA GLN B 34 -15.49 36.33 2.53
C GLN B 34 -15.26 36.36 1.02
N GLN B 35 -14.09 36.85 0.63
CA GLN B 35 -13.71 36.94 -0.76
C GLN B 35 -13.75 35.55 -1.43
N ASN B 36 -13.22 34.54 -0.72
CA ASN B 36 -13.22 33.17 -1.22
C ASN B 36 -14.65 32.70 -1.55
N MET B 37 -15.58 32.95 -0.62
CA MET B 37 -16.95 32.55 -0.80
C MET B 37 -17.64 33.36 -1.91
N MET B 38 -17.41 34.67 -1.92
CA MET B 38 -18.05 35.57 -2.88
C MET B 38 -17.61 35.30 -4.30
N GLN B 39 -16.34 34.89 -4.48
CA GLN B 39 -15.79 34.55 -5.79
C GLN B 39 -16.31 33.25 -6.39
N ASP B 40 -16.98 32.43 -5.59
CA ASP B 40 -17.70 31.28 -6.12
C ASP B 40 -18.94 31.80 -6.86
N TYR B 41 -18.87 31.87 -8.19
CA TYR B 41 -19.91 32.48 -9.04
C TYR B 41 -21.17 31.61 -9.05
N VAL B 42 -21.03 30.30 -8.99
CA VAL B 42 -22.18 29.39 -8.91
C VAL B 42 -23.01 29.70 -7.67
N ARG B 43 -22.33 29.87 -6.54
CA ARG B 43 -22.94 30.19 -5.21
C ARG B 43 -23.57 31.59 -5.26
N THR B 44 -22.78 32.62 -5.55
CA THR B 44 -23.25 34.00 -5.48
C THR B 44 -24.34 34.25 -6.53
N GLY B 45 -24.10 33.77 -7.75
CA GLY B 45 -24.99 33.97 -8.88
C GLY B 45 -26.33 33.27 -8.73
N THR B 46 -26.31 32.07 -8.15
CA THR B 46 -27.53 31.29 -7.95
C THR B 46 -28.42 31.89 -6.85
N TYR B 47 -27.80 32.33 -5.75
CA TYR B 47 -28.50 33.05 -4.65
C TYR B 47 -29.17 34.30 -5.23
N GLN B 48 -28.44 35.08 -6.03
CA GLN B 48 -29.00 36.27 -6.64
C GLN B 48 -30.19 35.95 -7.52
N ARG B 49 -30.05 34.93 -8.38
CA ARG B 49 -31.11 34.47 -9.32
C ARG B 49 -32.33 34.01 -8.50
N ALA B 50 -32.11 33.20 -7.45
CA ALA B 50 -33.20 32.69 -6.61
C ALA B 50 -34.03 33.82 -5.99
N ILE B 51 -33.33 34.85 -5.50
CA ILE B 51 -33.96 35.99 -4.83
C ILE B 51 -34.66 36.93 -5.83
N LEU B 52 -33.93 37.37 -6.86
CA LEU B 52 -34.44 38.32 -7.87
C LEU B 52 -35.58 37.76 -8.73
N GLN B 53 -35.48 36.48 -9.12
CA GLN B 53 -36.54 35.85 -9.92
C GLN B 53 -37.80 35.52 -9.12
N ASN B 54 -37.67 35.56 -7.79
CA ASN B 54 -38.80 35.45 -6.87
C ASN B 54 -39.03 36.77 -6.12
N HIS B 55 -39.01 37.88 -6.87
CA HIS B 55 -39.06 39.23 -6.30
C HIS B 55 -40.31 39.50 -5.46
N THR B 56 -41.44 38.90 -5.86
CA THR B 56 -42.70 39.03 -5.11
C THR B 56 -42.66 38.39 -3.72
N ASP B 57 -41.71 37.47 -3.49
CA ASP B 57 -41.45 36.95 -2.14
C ASP B 57 -40.68 37.94 -1.25
N PHE B 58 -40.15 39.01 -1.86
CA PHE B 58 -39.37 40.03 -1.15
C PHE B 58 -39.98 41.43 -1.17
N LYS B 59 -40.71 41.76 -2.24
CA LYS B 59 -41.30 43.07 -2.45
C LYS B 59 -42.12 43.52 -1.23
N ASP B 60 -41.66 44.59 -0.57
CA ASP B 60 -42.29 45.21 0.63
C ASP B 60 -42.42 44.27 1.82
N LYS B 61 -41.55 43.27 1.91
CA LYS B 61 -41.56 42.28 2.98
C LYS B 61 -40.46 42.54 3.99
N ILE B 62 -40.59 41.90 5.17
CA ILE B 62 -39.59 41.93 6.21
C ILE B 62 -38.76 40.65 6.11
N VAL B 63 -37.43 40.80 6.16
CA VAL B 63 -36.48 39.72 5.93
C VAL B 63 -35.50 39.58 7.08
N LEU B 64 -35.14 38.32 7.38
CA LEU B 64 -34.04 37.99 8.29
C LEU B 64 -32.96 37.25 7.50
N ASP B 65 -31.72 37.75 7.60
CA ASP B 65 -30.54 37.16 6.98
C ASP B 65 -29.64 36.57 8.07
N VAL B 66 -29.63 35.23 8.19
CA VAL B 66 -28.95 34.54 9.27
C VAL B 66 -27.51 34.25 8.86
N GLY B 67 -26.55 34.83 9.59
CA GLY B 67 -25.13 34.68 9.31
C GLY B 67 -24.75 35.39 8.02
N CYS B 68 -25.01 36.70 7.97
CA CYS B 68 -24.95 37.49 6.73
C CYS B 68 -23.56 37.75 6.18
N GLY B 69 -22.53 37.56 7.02
CA GLY B 69 -21.16 37.82 6.64
C GLY B 69 -21.04 39.28 6.23
N SER B 70 -20.50 39.49 5.02
CA SER B 70 -20.32 40.83 4.43
C SER B 70 -21.63 41.50 4.07
N GLY B 71 -22.71 40.72 3.95
CA GLY B 71 -24.05 41.22 3.74
C GLY B 71 -24.66 40.98 2.38
N ILE B 72 -23.97 40.23 1.53
CA ILE B 72 -24.33 40.11 0.10
C ILE B 72 -25.81 39.72 -0.13
N LEU B 73 -26.31 38.76 0.65
CA LEU B 73 -27.67 38.27 0.50
C LEU B 73 -28.69 39.32 0.90
N SER B 74 -28.33 40.15 1.90
CA SER B 74 -29.18 41.27 2.29
C SER B 74 -29.30 42.30 1.18
N PHE B 75 -28.17 42.55 0.48
CA PHE B 75 -28.18 43.47 -0.67
C PHE B 75 -29.05 42.92 -1.79
N PHE B 76 -29.04 41.60 -1.99
CA PHE B 76 -29.90 40.97 -2.97
C PHE B 76 -31.37 41.12 -2.58
N ALA B 77 -31.68 40.89 -1.30
CA ALA B 77 -33.02 41.11 -0.77
C ALA B 77 -33.48 42.55 -1.01
N ALA B 78 -32.58 43.52 -0.78
CA ALA B 78 -32.85 44.94 -1.06
C ALA B 78 -33.13 45.22 -2.54
N GLN B 79 -32.32 44.63 -3.43
CA GLN B 79 -32.52 44.77 -4.89
C GLN B 79 -33.89 44.26 -5.34
N ALA B 80 -34.41 43.26 -4.61
CA ALA B 80 -35.69 42.63 -4.90
C ALA B 80 -36.88 43.34 -4.22
N GLY B 81 -36.60 44.45 -3.53
CA GLY B 81 -37.62 45.36 -3.04
C GLY B 81 -38.08 45.18 -1.60
N ALA B 82 -37.24 44.54 -0.76
CA ALA B 82 -37.58 44.32 0.64
C ALA B 82 -37.74 45.69 1.33
N ARG B 83 -38.77 45.78 2.18
CA ARG B 83 -39.02 46.97 3.05
C ARG B 83 -37.92 47.03 4.13
N LYS B 84 -37.65 45.91 4.79
CA LYS B 84 -36.69 45.88 5.90
C LYS B 84 -36.00 44.52 5.99
N ILE B 85 -34.69 44.56 6.22
CA ILE B 85 -33.86 43.37 6.30
C ILE B 85 -32.98 43.44 7.55
N TYR B 86 -33.17 42.48 8.46
CA TYR B 86 -32.32 42.30 9.66
C TYR B 86 -31.23 41.28 9.31
N ALA B 87 -29.97 41.72 9.36
CA ALA B 87 -28.84 40.93 8.96
C ALA B 87 -28.05 40.60 10.22
N VAL B 88 -28.12 39.32 10.63
CA VAL B 88 -27.51 38.87 11.87
C VAL B 88 -26.18 38.18 11.57
N GLU B 89 -25.15 38.56 12.33
CA GLU B 89 -23.82 37.98 12.15
C GLU B 89 -23.02 38.09 13.44
N ALA B 90 -22.39 36.96 13.82
CA ALA B 90 -21.77 36.82 15.13
C ALA B 90 -20.27 37.12 15.12
N SER B 91 -19.66 37.01 13.93
CA SER B 91 -18.25 37.33 13.77
C SER B 91 -18.07 38.84 13.67
N THR B 92 -16.82 39.29 13.76
CA THR B 92 -16.45 40.68 13.58
C THR B 92 -16.75 41.22 12.17
N MET B 93 -17.07 40.32 11.23
CA MET B 93 -17.56 40.70 9.90
C MET B 93 -18.81 41.61 9.95
N ALA B 94 -19.56 41.53 11.05
CA ALA B 94 -20.72 42.41 11.27
C ALA B 94 -20.38 43.89 11.03
N GLN B 95 -19.21 44.32 11.50
CA GLN B 95 -18.77 45.71 11.41
C GLN B 95 -18.45 46.13 9.96
N HIS B 96 -17.90 45.18 9.18
CA HIS B 96 -17.62 45.40 7.77
C HIS B 96 -18.92 45.46 6.95
N ALA B 97 -19.89 44.62 7.32
CA ALA B 97 -21.23 44.68 6.71
C ALA B 97 -21.88 46.05 6.91
N GLU B 98 -21.78 46.61 8.13
CA GLU B 98 -22.31 47.93 8.45
C GLU B 98 -21.70 48.98 7.52
N VAL B 99 -20.37 48.94 7.35
CA VAL B 99 -19.66 49.82 6.45
C VAL B 99 -20.25 49.78 5.02
N LEU B 100 -20.45 48.58 4.48
CA LEU B 100 -21.02 48.40 3.15
C LEU B 100 -22.44 48.93 3.03
N VAL B 101 -23.25 48.74 4.08
CA VAL B 101 -24.63 49.23 4.09
C VAL B 101 -24.68 50.75 3.97
N LYS B 102 -23.79 51.43 4.70
CA LYS B 102 -23.65 52.89 4.62
C LYS B 102 -23.14 53.35 3.27
N SER B 103 -22.05 52.73 2.80
CA SER B 103 -21.42 53.09 1.53
C SER B 103 -22.34 52.86 0.33
N ASN B 104 -23.29 51.93 0.46
CA ASN B 104 -24.31 51.66 -0.57
C ASN B 104 -25.67 52.35 -0.34
N ASN B 105 -25.71 53.28 0.61
CA ASN B 105 -26.90 54.13 0.91
C ASN B 105 -28.17 53.32 1.17
N LEU B 106 -28.03 52.26 1.97
CA LEU B 106 -29.12 51.36 2.28
C LEU B 106 -29.37 51.27 3.79
N THR B 107 -28.95 52.30 4.54
CA THR B 107 -29.11 52.36 6.00
C THR B 107 -30.57 52.33 6.42
N ASP B 108 -31.46 52.81 5.54
CA ASP B 108 -32.91 52.83 5.79
C ASP B 108 -33.58 51.46 5.65
N ARG B 109 -32.90 50.49 5.02
CA ARG B 109 -33.50 49.17 4.64
C ARG B 109 -32.73 47.99 5.27
N ILE B 110 -31.40 48.08 5.42
CA ILE B 110 -30.64 46.97 5.98
C ILE B 110 -30.09 47.32 7.35
N VAL B 111 -30.51 46.55 8.36
CA VAL B 111 -30.11 46.76 9.74
C VAL B 111 -29.28 45.58 10.19
N VAL B 112 -27.97 45.80 10.37
CA VAL B 112 -27.05 44.80 10.86
C VAL B 112 -27.21 44.68 12.38
N ILE B 113 -27.36 43.44 12.84
CA ILE B 113 -27.51 43.11 14.26
C ILE B 113 -26.39 42.14 14.64
N PRO B 114 -25.35 42.63 15.35
CA PRO B 114 -24.22 41.77 15.72
C PRO B 114 -24.61 40.79 16.83
N GLY B 115 -24.17 39.53 16.70
CA GLY B 115 -24.43 38.49 17.69
C GLY B 115 -24.90 37.18 17.06
N LYS B 116 -25.06 36.16 17.90
CA LYS B 116 -25.64 34.89 17.48
C LYS B 116 -27.14 35.05 17.36
N VAL B 117 -27.73 34.46 16.33
CA VAL B 117 -29.17 34.51 16.10
C VAL B 117 -29.95 33.84 17.23
N GLU B 118 -29.29 32.97 18.00
CA GLU B 118 -29.89 32.34 19.19
C GLU B 118 -29.94 33.28 20.41
N GLU B 119 -29.22 34.42 20.34
CA GLU B 119 -29.02 35.33 21.46
C GLU B 119 -29.58 36.74 21.26
N VAL B 120 -29.53 37.25 20.04
CA VAL B 120 -30.00 38.62 19.73
C VAL B 120 -31.53 38.71 19.85
N SER B 121 -32.05 39.94 19.94
CA SER B 121 -33.49 40.19 19.82
C SER B 121 -33.77 40.98 18.55
N LEU B 122 -34.83 40.58 17.84
CA LEU B 122 -35.29 41.24 16.61
C LEU B 122 -36.56 41.99 17.00
N PRO B 123 -36.79 43.21 16.49
CA PRO B 123 -37.93 44.02 16.92
C PRO B 123 -39.28 43.50 16.41
N GLU B 124 -39.30 42.73 15.32
CA GLU B 124 -40.54 42.22 14.74
C GLU B 124 -40.34 40.87 14.05
N GLN B 125 -41.46 40.21 13.73
CA GLN B 125 -41.48 38.96 13.01
C GLN B 125 -41.24 39.23 11.54
N VAL B 126 -40.71 38.22 10.82
CA VAL B 126 -40.33 38.37 9.42
C VAL B 126 -41.16 37.46 8.51
N ASP B 127 -41.22 37.86 7.23
CA ASP B 127 -41.96 37.13 6.20
C ASP B 127 -41.14 36.01 5.59
N ILE B 128 -39.81 36.16 5.64
CA ILE B 128 -38.90 35.23 4.98
C ILE B 128 -37.52 35.27 5.61
N ILE B 129 -36.92 34.09 5.76
CA ILE B 129 -35.55 33.95 6.24
C ILE B 129 -34.69 33.52 5.07
N ILE B 130 -33.52 34.17 4.93
CA ILE B 130 -32.51 33.79 3.97
C ILE B 130 -31.21 33.51 4.71
N SER B 131 -30.43 32.57 4.19
CA SER B 131 -29.15 32.19 4.79
C SER B 131 -28.38 31.31 3.83
N GLU B 132 -27.08 31.18 4.12
CA GLU B 132 -26.25 30.15 3.54
C GLU B 132 -25.72 29.31 4.69
N PRO B 133 -26.56 28.41 5.26
CA PRO B 133 -26.15 27.60 6.41
C PRO B 133 -25.41 26.29 6.09
N MET B 134 -25.22 25.98 4.80
CA MET B 134 -24.60 24.72 4.37
C MET B 134 -23.08 24.70 4.57
N GLY B 135 -22.58 23.67 5.28
CA GLY B 135 -21.16 23.38 5.36
C GLY B 135 -20.83 22.22 4.44
N TYR B 136 -19.59 21.76 4.50
CA TYR B 136 -19.15 20.50 3.83
C TYR B 136 -20.17 19.41 4.15
N MET B 137 -20.56 18.64 3.13
CA MET B 137 -21.45 17.50 3.31
C MET B 137 -22.80 17.98 3.88
N LEU B 138 -23.12 19.25 3.59
CA LEU B 138 -24.29 19.96 4.09
C LEU B 138 -24.26 20.33 5.59
N PHE B 139 -24.06 19.31 6.43
CA PHE B 139 -24.31 19.40 7.87
C PHE B 139 -23.19 20.02 8.71
N ASN B 140 -21.95 19.97 8.23
CA ASN B 140 -20.82 20.48 8.98
C ASN B 140 -21.05 21.94 9.38
N GLU B 141 -20.51 22.30 10.56
CA GLU B 141 -20.65 23.62 11.21
C GLU B 141 -21.89 23.74 12.10
N ARG B 142 -22.85 22.82 11.89
CA ARG B 142 -24.15 22.76 12.63
C ARG B 142 -24.88 24.11 12.50
N MET B 143 -24.73 24.78 11.36
CA MET B 143 -25.40 26.06 11.18
C MET B 143 -26.85 25.88 10.76
N LEU B 144 -27.18 24.69 10.22
CA LEU B 144 -28.56 24.38 9.87
C LEU B 144 -29.47 24.53 11.09
N GLU B 145 -28.94 24.25 12.28
CA GLU B 145 -29.69 24.37 13.52
C GLU B 145 -29.96 25.83 13.90
N SER B 146 -29.00 26.72 13.65
CA SER B 146 -29.16 28.15 13.87
C SER B 146 -30.24 28.68 12.93
N TYR B 147 -30.21 28.20 11.69
CA TYR B 147 -31.18 28.57 10.62
C TYR B 147 -32.59 28.14 11.05
N LEU B 148 -32.73 26.91 11.58
CA LEU B 148 -34.02 26.39 12.01
C LEU B 148 -34.48 27.10 13.28
N HIS B 149 -33.53 27.35 14.20
CA HIS B 149 -33.79 28.12 15.41
C HIS B 149 -34.43 29.47 15.09
N ALA B 150 -33.98 30.09 14.00
CA ALA B 150 -34.45 31.41 13.57
C ALA B 150 -35.94 31.46 13.21
N LYS B 151 -36.56 30.29 13.01
CA LYS B 151 -38.00 30.22 12.70
C LYS B 151 -38.91 30.74 13.81
N LYS B 152 -38.37 30.94 15.02
CA LYS B 152 -39.11 31.60 16.09
C LYS B 152 -39.49 33.04 15.73
N TYR B 153 -38.79 33.60 14.74
CA TYR B 153 -39.00 34.98 14.21
C TYR B 153 -39.85 34.97 12.94
N LEU B 154 -40.23 33.79 12.45
CA LEU B 154 -40.92 33.66 11.18
C LEU B 154 -42.43 33.68 11.39
N LYS B 155 -43.12 34.52 10.63
CA LYS B 155 -44.58 34.56 10.62
C LYS B 155 -45.15 33.21 10.17
N PRO B 156 -46.43 32.90 10.48
CA PRO B 156 -47.06 31.68 10.02
C PRO B 156 -46.95 31.40 8.51
N SER B 157 -47.32 32.35 7.63
CA SER B 157 -47.23 32.10 6.18
C SER B 157 -45.78 32.04 5.62
N GLY B 158 -44.79 32.19 6.51
CA GLY B 158 -43.45 32.58 6.14
C GLY B 158 -42.70 31.52 5.37
N ASN B 159 -41.74 31.97 4.55
CA ASN B 159 -40.94 31.10 3.72
C ASN B 159 -39.48 31.10 4.18
N MET B 160 -38.71 30.16 3.61
CA MET B 160 -37.29 30.03 3.89
C MET B 160 -36.52 29.74 2.62
N PHE B 161 -35.35 30.38 2.51
CA PHE B 161 -34.50 30.38 1.32
C PHE B 161 -33.07 30.12 1.79
N PRO B 162 -32.53 28.89 1.67
CA PRO B 162 -33.20 27.78 0.96
C PRO B 162 -34.37 27.13 1.72
N THR B 163 -35.25 26.46 0.97
CA THR B 163 -36.46 25.83 1.49
C THR B 163 -36.20 24.37 1.90
N ILE B 164 -35.48 23.64 1.06
CA ILE B 164 -35.11 22.24 1.35
C ILE B 164 -33.66 21.95 0.98
N GLY B 165 -33.10 20.91 1.63
CA GLY B 165 -31.78 20.40 1.31
C GLY B 165 -31.83 18.88 1.07
N ASP B 166 -31.19 18.43 -0.01
CA ASP B 166 -31.05 17.01 -0.33
C ASP B 166 -29.59 16.60 -0.22
N VAL B 167 -29.29 15.68 0.69
CA VAL B 167 -27.97 15.06 0.72
C VAL B 167 -27.99 13.78 -0.13
N HIS B 168 -26.98 13.64 -0.98
CA HIS B 168 -26.79 12.49 -1.86
C HIS B 168 -25.59 11.67 -1.41
N LEU B 169 -25.78 10.34 -1.33
CA LEU B 169 -24.72 9.36 -1.05
C LEU B 169 -24.67 8.36 -2.21
N ALA B 170 -23.45 7.96 -2.59
CA ALA B 170 -23.23 6.92 -3.59
C ALA B 170 -21.90 6.23 -3.33
N PRO B 171 -21.80 4.90 -3.57
CA PRO B 171 -20.54 4.18 -3.41
C PRO B 171 -19.57 4.49 -4.55
N PHE B 172 -18.28 4.55 -4.26
CA PHE B 172 -17.26 4.83 -5.28
C PHE B 172 -16.08 3.88 -5.23
N THR B 173 -15.38 3.77 -6.36
CA THR B 173 -14.12 3.05 -6.45
C THR B 173 -13.05 4.04 -6.85
N ASP B 174 -11.99 4.12 -6.04
CA ASP B 174 -10.84 4.97 -6.30
C ASP B 174 -9.62 4.39 -5.57
N GLU B 175 -8.90 3.52 -6.27
CA GLU B 175 -7.76 2.79 -5.73
C GLU B 175 -6.65 3.75 -5.33
N GLN B 176 -6.41 4.76 -6.17
CA GLN B 176 -5.35 5.74 -5.94
C GLN B 176 -5.61 6.57 -4.66
N LEU B 177 -6.88 6.97 -4.42
CA LEU B 177 -7.23 7.67 -3.20
C LEU B 177 -6.98 6.78 -1.98
N TYR B 178 -7.43 5.52 -2.07
CA TYR B 178 -7.28 4.53 -0.98
C TYR B 178 -5.80 4.35 -0.66
N MET B 179 -4.98 4.08 -1.68
CA MET B 179 -3.57 3.74 -1.49
C MET B 179 -2.77 4.92 -0.95
N GLU B 180 -3.15 6.13 -1.34
CA GLU B 180 -2.54 7.35 -0.86
C GLU B 180 -2.66 7.49 0.68
N GLN B 181 -3.88 7.28 1.19
CA GLN B 181 -4.16 7.42 2.61
C GLN B 181 -3.47 6.29 3.39
N PHE B 182 -3.48 5.09 2.80
CA PHE B 182 -2.86 3.91 3.36
C PHE B 182 -1.32 4.05 3.40
N THR B 183 -0.76 4.55 2.30
CA THR B 183 0.66 4.78 2.16
C THR B 183 1.18 5.76 3.20
N LYS B 184 0.42 6.83 3.48
CA LYS B 184 0.75 7.78 4.54
C LYS B 184 0.79 7.11 5.92
N ALA B 185 -0.26 6.33 6.24
CA ALA B 185 -0.33 5.64 7.53
C ALA B 185 0.82 4.63 7.71
N ASN B 186 1.22 4.00 6.60
CA ASN B 186 2.23 2.96 6.65
C ASN B 186 3.65 3.45 7.04
N PHE B 187 3.83 4.77 7.14
CA PHE B 187 5.02 5.36 7.74
C PHE B 187 5.28 4.75 9.12
N TRP B 188 4.19 4.47 9.84
CA TRP B 188 4.27 3.95 11.20
C TRP B 188 4.50 2.44 11.29
N TYR B 189 4.66 1.76 10.16
CA TYR B 189 5.12 0.34 10.09
C TYR B 189 6.60 0.16 10.42
N GLN B 190 7.45 1.19 10.33
CA GLN B 190 8.90 0.96 10.31
C GLN B 190 9.40 0.36 11.62
N PRO B 191 10.18 -0.74 11.58
CA PRO B 191 10.77 -1.30 12.79
C PRO B 191 12.03 -0.57 13.28
N SER B 192 12.62 0.29 12.43
CA SER B 192 13.83 1.01 12.82
C SER B 192 13.94 2.37 12.16
N PHE B 193 13.09 3.29 12.60
CA PHE B 193 13.16 4.71 12.25
C PHE B 193 14.20 5.38 13.15
N HIS B 194 15.39 5.66 12.60
CA HIS B 194 16.53 6.10 13.40
C HIS B 194 16.70 5.19 14.63
N GLY B 195 16.54 3.87 14.45
CA GLY B 195 16.71 2.89 15.51
C GLY B 195 15.53 2.64 16.45
N VAL B 196 14.37 3.25 16.12
CA VAL B 196 13.17 3.16 16.94
C VAL B 196 12.05 2.42 16.19
N ASP B 197 11.45 1.45 16.86
CA ASP B 197 10.37 0.64 16.30
C ASP B 197 9.07 1.38 16.52
N LEU B 198 8.44 1.77 15.40
CA LEU B 198 7.21 2.56 15.42
C LEU B 198 5.97 1.71 15.19
N SER B 199 6.14 0.42 14.85
CA SER B 199 5.06 -0.42 14.34
C SER B 199 3.87 -0.58 15.28
N ALA B 200 4.11 -0.44 16.60
CA ALA B 200 3.01 -0.55 17.56
C ALA B 200 1.92 0.53 17.36
N LEU B 201 2.29 1.64 16.71
CA LEU B 201 1.35 2.74 16.45
C LEU B 201 0.66 2.70 15.10
N ARG B 202 0.97 1.68 14.29
CA ARG B 202 0.51 1.60 12.87
C ARG B 202 -1.03 1.57 12.82
N GLY B 203 -1.68 0.78 13.67
CA GLY B 203 -3.13 0.68 13.70
C GLY B 203 -3.78 2.01 14.02
N ALA B 204 -3.20 2.72 14.99
CA ALA B 204 -3.68 4.02 15.43
C ALA B 204 -3.52 5.08 14.31
N ALA B 205 -2.44 4.98 13.55
CA ALA B 205 -2.16 5.89 12.45
C ALA B 205 -3.20 5.70 11.35
N VAL B 206 -3.46 4.44 10.98
CA VAL B 206 -4.49 4.11 10.00
C VAL B 206 -5.85 4.66 10.41
N ASP B 207 -6.26 4.41 11.67
CA ASP B 207 -7.53 4.95 12.19
C ASP B 207 -7.59 6.47 11.98
N GLU B 208 -6.53 7.16 12.38
CA GLU B 208 -6.48 8.62 12.29
C GLU B 208 -6.69 9.12 10.85
N TYR B 209 -5.96 8.54 9.91
CA TYR B 209 -6.00 8.94 8.48
C TYR B 209 -7.38 8.62 7.89
N PHE B 210 -7.95 7.47 8.25
CA PHE B 210 -9.21 7.04 7.65
C PHE B 210 -10.41 7.71 8.29
N ARG B 211 -10.21 8.27 9.48
CA ARG B 211 -11.21 9.11 10.20
C ARG B 211 -11.42 10.45 9.47
N GLN B 212 -10.49 10.90 8.62
CA GLN B 212 -10.66 12.16 7.91
C GLN B 212 -11.48 12.03 6.64
N PRO B 213 -12.64 12.72 6.52
CA PRO B 213 -13.34 12.78 5.24
C PRO B 213 -12.47 13.55 4.24
N VAL B 214 -12.48 13.13 2.97
CA VAL B 214 -11.65 13.71 1.93
C VAL B 214 -12.50 14.70 1.15
N VAL B 215 -12.09 15.98 1.20
CA VAL B 215 -12.75 17.04 0.48
C VAL B 215 -11.95 17.37 -0.77
N ASP B 216 -12.55 17.05 -1.93
CA ASP B 216 -12.05 17.39 -3.25
C ASP B 216 -13.12 16.96 -4.23
N THR B 217 -12.83 17.05 -5.53
CA THR B 217 -13.77 16.64 -6.55
C THR B 217 -13.22 15.42 -7.29
N PHE B 218 -14.07 14.79 -8.10
CA PHE B 218 -13.74 13.58 -8.80
C PHE B 218 -14.61 13.46 -10.05
N ASP B 219 -14.14 12.65 -11.01
CA ASP B 219 -14.93 12.25 -12.18
C ASP B 219 -16.07 11.35 -11.71
N ILE B 220 -17.28 11.57 -12.25
CA ILE B 220 -18.46 10.77 -11.92
C ILE B 220 -18.37 9.29 -12.32
N ARG B 221 -17.36 8.93 -13.11
CA ARG B 221 -17.13 7.53 -13.58
C ARG B 221 -16.66 6.64 -12.42
N ILE B 222 -16.26 7.23 -11.28
CA ILE B 222 -15.92 6.43 -10.10
C ILE B 222 -17.14 5.94 -9.31
N LEU B 223 -18.32 6.50 -9.60
CA LEU B 223 -19.55 6.15 -8.89
C LEU B 223 -20.09 4.84 -9.41
N MET B 224 -20.42 3.92 -8.48
CA MET B 224 -20.75 2.53 -8.81
C MET B 224 -22.23 2.18 -8.70
N ALA B 225 -23.05 3.18 -8.33
CA ALA B 225 -24.49 3.02 -8.20
C ALA B 225 -25.15 4.39 -8.16
N LYS B 226 -26.42 4.44 -8.57
CA LYS B 226 -27.25 5.62 -8.48
C LYS B 226 -27.28 6.08 -7.02
N SER B 227 -27.27 7.40 -6.80
CA SER B 227 -27.22 7.96 -5.44
C SER B 227 -28.51 7.68 -4.69
N VAL B 228 -28.40 7.64 -3.36
CA VAL B 228 -29.53 7.63 -2.45
C VAL B 228 -29.65 9.06 -1.86
N LYS B 229 -30.89 9.53 -1.70
CA LYS B 229 -31.20 10.91 -1.33
C LYS B 229 -31.86 10.98 0.04
N TYR B 230 -31.35 11.83 0.93
CA TYR B 230 -31.95 12.17 2.25
C TYR B 230 -32.31 13.66 2.27
N THR B 231 -33.59 13.98 2.47
CA THR B 231 -34.12 15.32 2.37
C THR B 231 -34.44 15.91 3.73
N VAL B 232 -33.98 17.15 3.96
CA VAL B 232 -34.38 17.96 5.11
C VAL B 232 -35.24 19.09 4.56
N ASN B 233 -36.49 19.16 5.01
CA ASN B 233 -37.37 20.27 4.69
C ASN B 233 -37.25 21.35 5.79
N PHE B 234 -36.63 22.48 5.44
CA PHE B 234 -36.34 23.53 6.43
C PHE B 234 -37.58 24.24 6.99
N LEU B 235 -38.68 24.23 6.23
CA LEU B 235 -39.94 24.76 6.69
C LEU B 235 -40.55 23.95 7.83
N GLU B 236 -40.28 22.63 7.85
CA GLU B 236 -40.93 21.70 8.76
C GLU B 236 -40.03 21.20 9.89
N ALA B 237 -38.73 21.10 9.64
CA ALA B 237 -37.78 20.52 10.59
C ALA B 237 -37.59 21.39 11.84
N LYS B 238 -37.26 20.71 12.95
CA LYS B 238 -36.94 21.34 14.21
C LYS B 238 -35.43 21.14 14.44
N GLU B 239 -34.82 22.04 15.21
CA GLU B 239 -33.40 21.94 15.57
C GLU B 239 -33.03 20.52 16.00
N GLY B 240 -33.84 19.98 16.91
CA GLY B 240 -33.67 18.64 17.45
C GLY B 240 -33.48 17.53 16.43
N ASP B 241 -34.14 17.65 15.28
CA ASP B 241 -34.05 16.67 14.19
C ASP B 241 -32.62 16.46 13.67
N LEU B 242 -31.74 17.43 13.91
CA LEU B 242 -30.38 17.39 13.38
C LEU B 242 -29.31 16.92 14.38
N HIS B 243 -29.72 16.60 15.61
CA HIS B 243 -28.80 16.08 16.62
C HIS B 243 -28.38 14.65 16.31
N ARG B 244 -29.29 13.87 15.72
CA ARG B 244 -29.06 12.46 15.31
C ARG B 244 -29.68 12.22 13.93
N ILE B 245 -28.85 12.10 12.89
CA ILE B 245 -29.34 11.93 11.53
C ILE B 245 -29.00 10.53 11.04
N GLU B 246 -30.05 9.72 10.82
CA GLU B 246 -29.92 8.34 10.35
C GLU B 246 -30.33 8.23 8.89
N ILE B 247 -29.38 7.85 8.03
CA ILE B 247 -29.60 7.74 6.60
C ILE B 247 -29.41 6.28 6.18
N PRO B 248 -30.52 5.50 6.04
CA PRO B 248 -30.43 4.14 5.51
C PRO B 248 -30.11 4.20 4.01
N PHE B 249 -29.46 3.17 3.48
CA PHE B 249 -29.21 3.07 2.06
C PHE B 249 -29.21 1.62 1.59
N LYS B 250 -29.68 1.42 0.36
CA LYS B 250 -29.64 0.15 -0.33
C LYS B 250 -29.26 0.48 -1.76
N PHE B 251 -27.98 0.29 -2.12
CA PHE B 251 -27.48 0.58 -3.45
C PHE B 251 -27.57 -0.66 -4.34
N HIS B 252 -28.07 -0.48 -5.55
CA HIS B 252 -28.06 -1.53 -6.57
C HIS B 252 -26.85 -1.29 -7.46
N MET B 253 -25.85 -2.16 -7.33
CA MET B 253 -24.53 -1.96 -7.94
C MET B 253 -24.64 -2.08 -9.45
N LEU B 254 -24.16 -1.04 -10.14
CA LEU B 254 -24.21 -0.95 -11.59
C LEU B 254 -22.92 -1.47 -12.24
N HIS B 255 -21.84 -1.55 -11.46
CA HIS B 255 -20.55 -2.04 -11.93
C HIS B 255 -19.90 -2.92 -10.86
N SER B 256 -19.08 -3.88 -11.30
CA SER B 256 -18.31 -4.74 -10.41
C SER B 256 -17.01 -4.04 -10.03
N GLY B 257 -16.50 -4.36 -8.83
CA GLY B 257 -15.23 -3.84 -8.37
C GLY B 257 -15.19 -3.67 -6.88
N LEU B 258 -14.08 -3.11 -6.40
CA LEU B 258 -13.88 -2.76 -5.01
C LEU B 258 -14.53 -1.41 -4.72
N VAL B 259 -15.39 -1.39 -3.69
CA VAL B 259 -16.00 -0.17 -3.19
C VAL B 259 -15.10 0.35 -2.08
N HIS B 260 -14.48 1.52 -2.32
CA HIS B 260 -13.53 2.10 -1.37
C HIS B 260 -14.15 3.01 -0.32
N GLY B 261 -15.43 3.39 -0.50
CA GLY B 261 -16.14 4.23 0.42
C GLY B 261 -17.40 4.83 -0.18
N LEU B 262 -17.95 5.84 0.50
CA LEU B 262 -19.13 6.57 0.04
C LEU B 262 -18.80 8.04 -0.28
N ALA B 263 -19.36 8.53 -1.38
CA ALA B 263 -19.23 9.92 -1.79
C ALA B 263 -20.51 10.67 -1.42
N PHE B 264 -20.34 11.92 -0.97
CA PHE B 264 -21.44 12.77 -0.54
C PHE B 264 -21.41 14.10 -1.27
N TRP B 265 -22.59 14.54 -1.70
CA TRP B 265 -22.82 15.91 -2.14
C TRP B 265 -24.22 16.32 -1.71
N PHE B 266 -24.57 17.59 -1.96
CA PHE B 266 -25.90 18.11 -1.63
C PHE B 266 -26.41 19.12 -2.64
N ASP B 267 -27.73 19.17 -2.78
CA ASP B 267 -28.46 20.23 -3.46
C ASP B 267 -29.33 20.94 -2.42
N VAL B 268 -29.57 22.25 -2.63
CA VAL B 268 -30.64 22.97 -1.95
C VAL B 268 -31.55 23.60 -3.00
N ALA B 269 -32.82 23.77 -2.64
CA ALA B 269 -33.82 24.38 -3.51
C ALA B 269 -34.41 25.61 -2.81
N PHE B 270 -34.51 26.70 -3.57
CA PHE B 270 -35.22 27.91 -3.16
C PHE B 270 -36.60 27.83 -3.82
N ILE B 271 -37.61 27.44 -3.04
CA ILE B 271 -38.98 27.23 -3.53
C ILE B 271 -39.78 28.52 -3.37
N GLY B 272 -39.74 29.37 -4.40
CA GLY B 272 -40.40 30.66 -4.41
C GLY B 272 -41.78 30.57 -5.01
N SER B 273 -42.54 31.66 -4.90
CA SER B 273 -43.89 31.78 -5.46
C SER B 273 -43.91 31.76 -6.99
N ILE B 274 -42.83 32.28 -7.60
CA ILE B 274 -42.72 32.40 -9.06
C ILE B 274 -42.02 31.20 -9.67
N MET B 275 -40.95 30.74 -9.02
CA MET B 275 -40.23 29.55 -9.47
C MET B 275 -39.34 28.95 -8.39
N THR B 276 -38.93 27.70 -8.64
CA THR B 276 -37.98 26.99 -7.80
C THR B 276 -36.62 27.06 -8.49
N VAL B 277 -35.60 27.46 -7.73
CA VAL B 277 -34.23 27.55 -8.19
C VAL B 277 -33.38 26.61 -7.34
N TRP B 278 -32.55 25.81 -8.02
CA TRP B 278 -31.69 24.81 -7.41
C TRP B 278 -30.23 25.28 -7.40
N LEU B 279 -29.55 25.04 -6.27
CA LEU B 279 -28.10 25.17 -6.17
C LEU B 279 -27.57 23.77 -5.89
N SER B 280 -26.82 23.20 -6.85
CA SER B 280 -26.29 21.84 -6.74
C SER B 280 -24.76 21.84 -6.56
N THR B 281 -24.28 21.00 -5.63
CA THR B 281 -22.85 20.75 -5.47
C THR B 281 -22.45 19.36 -6.00
N ALA B 282 -23.30 18.79 -6.86
CA ALA B 282 -23.07 17.48 -7.48
C ALA B 282 -21.81 17.45 -8.33
N PRO B 283 -21.14 16.29 -8.46
CA PRO B 283 -19.96 16.17 -9.32
C PRO B 283 -20.26 16.30 -10.82
N THR B 284 -21.55 16.17 -11.20
CA THR B 284 -22.02 16.42 -12.56
C THR B 284 -22.13 17.92 -12.87
N GLU B 285 -22.03 18.76 -11.84
CA GLU B 285 -22.25 20.19 -11.96
C GLU B 285 -20.95 20.94 -11.76
N PRO B 286 -20.85 22.21 -12.23
CA PRO B 286 -19.62 22.99 -12.06
C PRO B 286 -19.21 23.03 -10.57
N LEU B 287 -17.90 23.04 -10.33
CA LEU B 287 -17.33 22.98 -9.00
C LEU B 287 -17.73 24.23 -8.19
N THR B 288 -18.05 24.01 -6.91
CA THR B 288 -18.32 25.05 -5.94
C THR B 288 -17.26 24.94 -4.84
N HIS B 289 -17.28 25.90 -3.89
CA HIS B 289 -16.33 25.90 -2.78
C HIS B 289 -16.69 24.84 -1.71
N TRP B 290 -17.81 24.13 -1.93
CA TRP B 290 -18.19 22.96 -1.12
C TRP B 290 -17.55 21.65 -1.61
N TYR B 291 -17.05 21.67 -2.86
CA TYR B 291 -16.48 20.49 -3.54
C TYR B 291 -17.46 19.31 -3.38
N GLN B 292 -16.93 18.13 -3.04
CA GLN B 292 -17.70 16.98 -2.63
C GLN B 292 -16.90 16.32 -1.52
N VAL B 293 -17.53 15.36 -0.81
CA VAL B 293 -16.89 14.71 0.32
C VAL B 293 -16.95 13.20 0.17
N ARG B 294 -15.81 12.56 0.42
CA ARG B 294 -15.69 11.07 0.35
C ARG B 294 -15.24 10.56 1.72
N CYS B 295 -15.97 9.56 2.24
CA CYS B 295 -15.58 8.81 3.43
C CYS B 295 -15.12 7.43 2.99
N LEU B 296 -13.83 7.16 3.21
CA LEU B 296 -13.21 5.89 2.89
C LEU B 296 -13.59 4.80 3.89
N PHE B 297 -13.66 3.56 3.38
CA PHE B 297 -13.69 2.37 4.23
C PHE B 297 -12.24 2.00 4.52
N GLN B 298 -11.97 1.54 5.75
CA GLN B 298 -10.64 1.09 6.14
C GLN B 298 -10.21 -0.11 5.30
N SER B 299 -11.17 -0.96 4.95
CA SER B 299 -10.95 -2.05 4.01
C SER B 299 -12.06 -2.03 2.97
N PRO B 300 -11.72 -2.04 1.66
CA PRO B 300 -12.74 -1.99 0.61
C PRO B 300 -13.61 -3.25 0.56
N LEU B 301 -14.84 -3.13 0.05
CA LEU B 301 -15.75 -4.26 -0.11
C LEU B 301 -15.86 -4.60 -1.59
N PHE B 302 -15.67 -5.88 -1.93
CA PHE B 302 -15.88 -6.35 -3.29
C PHE B 302 -17.36 -6.58 -3.55
N ALA B 303 -17.87 -6.00 -4.64
CA ALA B 303 -19.23 -6.26 -5.08
C ALA B 303 -19.24 -6.55 -6.57
N LYS B 304 -20.21 -7.36 -7.00
CA LYS B 304 -20.47 -7.63 -8.42
C LYS B 304 -21.64 -6.77 -8.85
N ALA B 305 -21.69 -6.44 -10.14
CA ALA B 305 -22.82 -5.72 -10.73
C ALA B 305 -24.06 -6.55 -10.46
N GLY B 306 -25.11 -5.91 -9.94
CA GLY B 306 -26.35 -6.61 -9.61
C GLY B 306 -26.49 -7.06 -8.15
N ASP B 307 -25.39 -6.90 -7.37
CA ASP B 307 -25.43 -7.00 -5.91
C ASP B 307 -26.10 -5.77 -5.30
N THR B 308 -26.54 -5.88 -4.05
CA THR B 308 -27.01 -4.75 -3.25
C THR B 308 -26.03 -4.47 -2.12
N LEU B 309 -25.72 -3.19 -1.91
CA LEU B 309 -24.86 -2.73 -0.84
C LEU B 309 -25.73 -1.90 0.09
N SER B 310 -26.02 -2.45 1.28
CA SER B 310 -26.94 -1.86 2.22
C SER B 310 -26.26 -1.56 3.55
N GLY B 311 -26.87 -0.64 4.31
CA GLY B 311 -26.34 -0.17 5.57
C GLY B 311 -26.93 1.16 5.98
N THR B 312 -26.20 1.87 6.86
CA THR B 312 -26.66 3.14 7.40
C THR B 312 -25.48 4.08 7.56
N CYS B 313 -25.76 5.37 7.29
CA CYS B 313 -24.88 6.45 7.61
C CYS B 313 -25.55 7.19 8.78
N LEU B 314 -24.86 7.21 9.93
CA LEU B 314 -25.37 7.81 11.15
C LEU B 314 -24.51 9.01 11.52
N LEU B 315 -25.13 10.19 11.59
CA LEU B 315 -24.44 11.42 11.94
C LEU B 315 -24.89 11.86 13.34
N ILE B 316 -23.94 11.91 14.28
CA ILE B 316 -24.20 12.33 15.64
C ILE B 316 -23.51 13.65 15.93
N ALA B 317 -24.32 14.67 16.24
CA ALA B 317 -23.83 16.02 16.48
C ALA B 317 -22.96 16.04 17.73
N ASN B 318 -21.84 16.78 17.67
CA ASN B 318 -20.94 16.98 18.80
C ASN B 318 -20.81 18.47 19.15
N LYS B 319 -20.14 18.74 20.27
CA LYS B 319 -19.99 20.10 20.79
C LYS B 319 -18.94 20.95 20.05
N ARG B 320 -18.28 20.39 19.04
CA ARG B 320 -17.26 21.09 18.21
C ARG B 320 -17.91 21.51 16.88
N GLN B 321 -19.22 21.72 16.86
CA GLN B 321 -19.94 22.28 15.72
C GLN B 321 -19.80 21.40 14.50
N SER B 322 -19.74 20.08 14.72
CA SER B 322 -19.65 19.12 13.65
C SER B 322 -20.33 17.83 14.08
N TYR B 323 -19.97 16.74 13.41
CA TYR B 323 -20.62 15.41 13.54
C TYR B 323 -19.56 14.32 13.61
N ASP B 324 -19.86 13.29 14.42
CA ASP B 324 -19.20 11.99 14.36
C ASP B 324 -20.04 11.19 13.38
N ILE B 325 -19.37 10.62 12.37
CA ILE B 325 -20.01 9.91 11.29
C ILE B 325 -19.72 8.44 11.48
N SER B 326 -20.79 7.64 11.52
CA SER B 326 -20.71 6.21 11.54
C SER B 326 -21.29 5.66 10.24
N ILE B 327 -20.46 4.89 9.52
CA ILE B 327 -20.89 4.22 8.31
C ILE B 327 -20.74 2.71 8.45
N VAL B 328 -21.85 2.02 8.27
CA VAL B 328 -21.89 0.57 8.28
C VAL B 328 -22.49 0.14 6.95
N ALA B 329 -21.78 -0.75 6.25
CA ALA B 329 -22.17 -1.17 4.92
C ALA B 329 -21.82 -2.63 4.73
N GLN B 330 -22.70 -3.34 4.04
CA GLN B 330 -22.46 -4.73 3.72
C GLN B 330 -22.97 -5.06 2.35
N VAL B 331 -22.26 -5.99 1.68
CA VAL B 331 -22.70 -6.59 0.44
C VAL B 331 -23.60 -7.75 0.88
N ASP B 332 -24.90 -7.62 0.57
CA ASP B 332 -25.90 -8.55 1.10
C ASP B 332 -25.68 -9.99 0.62
N GLN B 333 -25.17 -10.14 -0.60
CA GLN B 333 -25.01 -11.44 -1.24
C GLN B 333 -23.88 -12.26 -0.60
N THR B 334 -22.85 -11.58 -0.07
CA THR B 334 -21.70 -12.25 0.54
C THR B 334 -21.56 -12.04 2.04
N GLY B 335 -22.27 -11.04 2.58
CA GLY B 335 -22.14 -10.66 3.98
C GLY B 335 -20.84 -9.96 4.36
N SER B 336 -20.06 -9.53 3.35
CA SER B 336 -18.84 -8.75 3.57
C SER B 336 -19.24 -7.38 4.11
N LYS B 337 -18.67 -7.02 5.26
CA LYS B 337 -19.11 -5.89 6.04
C LYS B 337 -17.95 -4.94 6.33
N SER B 338 -18.25 -3.64 6.33
CA SER B 338 -17.30 -2.62 6.75
C SER B 338 -18.03 -1.57 7.59
N SER B 339 -17.43 -1.25 8.74
CA SER B 339 -17.91 -0.16 9.58
C SER B 339 -16.76 0.79 9.77
N ASN B 340 -17.09 2.09 9.84
CA ASN B 340 -16.07 3.14 9.89
C ASN B 340 -16.61 4.34 10.63
N LEU B 341 -15.71 4.98 11.38
CA LEU B 341 -16.04 6.14 12.20
C LEU B 341 -15.19 7.28 11.71
N LEU B 342 -15.83 8.39 11.32
CA LEU B 342 -15.14 9.57 10.81
C LEU B 342 -15.46 10.85 11.58
N ASP B 343 -14.44 11.70 11.73
CA ASP B 343 -14.52 13.00 12.38
C ASP B 343 -14.67 14.09 11.30
N LEU B 344 -15.93 14.51 11.09
CA LEU B 344 -16.23 15.52 10.08
C LEU B 344 -15.55 16.88 10.36
N LYS B 345 -15.21 17.15 11.64
CA LYS B 345 -14.55 18.39 12.02
C LYS B 345 -13.13 18.54 11.45
N ASN B 346 -12.47 17.42 11.17
CA ASN B 346 -11.08 17.41 10.71
C ASN B 346 -10.92 16.82 9.31
N PRO B 347 -11.44 17.48 8.25
CA PRO B 347 -11.37 16.93 6.90
C PRO B 347 -9.97 17.04 6.29
N PHE B 348 -9.66 16.19 5.30
CA PHE B 348 -8.43 16.27 4.54
C PHE B 348 -8.79 16.95 3.21
N PHE B 349 -8.19 18.12 2.98
CA PHE B 349 -8.38 18.90 1.76
C PHE B 349 -7.32 18.45 0.80
N ARG B 350 -7.75 17.72 -0.24
CA ARG B 350 -6.87 17.00 -1.20
C ARG B 350 -6.65 17.82 -2.49
N TYR B 351 -7.63 18.63 -2.92
CA TYR B 351 -7.57 19.45 -4.17
C TYR B 351 -6.25 20.21 -4.26
N SER C 10 -1.55 -46.35 5.97
CA SER C 10 -2.92 -45.86 5.69
C SER C 10 -3.25 -45.98 4.20
N VAL C 11 -4.54 -45.81 3.87
CA VAL C 11 -5.04 -45.82 2.50
C VAL C 11 -4.35 -44.76 1.62
N PHE C 12 -4.09 -43.56 2.18
CA PHE C 12 -3.44 -42.49 1.44
C PHE C 12 -2.01 -42.87 1.10
N SER C 13 -1.28 -43.36 2.11
CA SER C 13 0.13 -43.68 1.95
C SER C 13 0.35 -44.82 0.95
N GLU C 14 -0.59 -45.77 0.91
CA GLU C 14 -0.48 -46.95 0.06
C GLU C 14 -0.63 -46.63 -1.42
N ARG C 15 -1.44 -45.63 -1.75
CA ARG C 15 -1.77 -45.23 -3.15
C ARG C 15 -0.93 -44.02 -3.59
N THR C 16 0.00 -43.53 -2.74
CA THR C 16 0.72 -42.30 -3.01
C THR C 16 2.22 -42.42 -2.73
N GLU C 17 3.04 -42.07 -3.72
CA GLU C 17 4.49 -42.00 -3.56
C GLU C 17 4.83 -40.80 -2.67
N GLU C 18 5.81 -40.99 -1.78
CA GLU C 18 6.19 -40.00 -0.78
C GLU C 18 6.65 -38.69 -1.45
N SER C 19 7.51 -38.81 -2.47
CA SER C 19 8.01 -37.65 -3.20
C SER C 19 6.88 -36.76 -3.78
N SER C 20 5.79 -37.40 -4.25
CA SER C 20 4.62 -36.70 -4.75
C SER C 20 3.84 -36.01 -3.61
N ALA C 21 3.68 -36.70 -2.49
CA ALA C 21 2.93 -36.18 -1.33
C ALA C 21 3.59 -34.96 -0.69
N VAL C 22 4.92 -35.03 -0.54
CA VAL C 22 5.73 -33.94 0.01
C VAL C 22 5.48 -32.66 -0.79
N GLN C 23 5.75 -32.73 -2.10
CA GLN C 23 5.59 -31.60 -3.01
C GLN C 23 4.15 -31.07 -2.99
N TYR C 24 3.18 -31.99 -3.04
CA TYR C 24 1.72 -31.67 -3.05
C TYR C 24 1.34 -30.82 -1.83
N PHE C 25 1.65 -31.31 -0.62
CA PHE C 25 1.24 -30.61 0.60
C PHE C 25 2.04 -29.31 0.83
N GLN C 26 3.31 -29.30 0.41
CA GLN C 26 4.10 -28.09 0.35
C GLN C 26 3.42 -27.00 -0.48
N PHE C 27 2.93 -27.38 -1.66
CA PHE C 27 2.24 -26.44 -2.55
C PHE C 27 1.03 -25.82 -1.85
N TYR C 28 0.22 -26.64 -1.19
CA TYR C 28 -1.03 -26.20 -0.52
C TYR C 28 -0.75 -25.55 0.84
N GLY C 29 0.51 -25.51 1.27
CA GLY C 29 0.91 -24.81 2.48
C GLY C 29 1.00 -23.29 2.37
N TYR C 30 1.04 -22.77 1.14
CA TYR C 30 1.26 -21.32 0.85
C TYR C 30 -0.05 -20.55 0.95
N LEU C 31 -0.03 -19.45 1.73
CA LEU C 31 -1.15 -18.51 1.78
C LEU C 31 -1.49 -17.93 0.40
N SER C 32 -0.47 -17.71 -0.43
CA SER C 32 -0.67 -17.21 -1.79
C SER C 32 -1.59 -18.10 -2.62
N GLN C 33 -1.48 -19.41 -2.44
CA GLN C 33 -2.34 -20.37 -3.10
C GLN C 33 -3.77 -20.33 -2.56
N GLN C 34 -3.92 -20.21 -1.24
CA GLN C 34 -5.24 -20.02 -0.62
C GLN C 34 -5.92 -18.77 -1.16
N GLN C 35 -5.16 -17.68 -1.20
CA GLN C 35 -5.66 -16.41 -1.70
C GLN C 35 -6.13 -16.53 -3.14
N ASN C 36 -5.35 -17.24 -3.97
CA ASN C 36 -5.70 -17.47 -5.36
C ASN C 36 -7.06 -18.15 -5.49
N MET C 37 -7.29 -19.18 -4.68
CA MET C 37 -8.55 -19.91 -4.69
C MET C 37 -9.69 -19.04 -4.14
N MET C 38 -9.44 -18.34 -3.03
CA MET C 38 -10.44 -17.49 -2.38
C MET C 38 -10.90 -16.34 -3.26
N GLN C 39 -9.99 -15.78 -4.06
CA GLN C 39 -10.29 -14.69 -5.00
C GLN C 39 -11.11 -15.10 -6.21
N ASP C 40 -11.22 -16.40 -6.45
CA ASP C 40 -12.12 -16.93 -7.49
C ASP C 40 -13.54 -16.79 -6.93
N TYR C 41 -14.26 -15.76 -7.41
CA TYR C 41 -15.59 -15.37 -6.88
C TYR C 41 -16.63 -16.43 -7.25
N VAL C 42 -16.52 -17.05 -8.43
CA VAL C 42 -17.44 -18.12 -8.85
C VAL C 42 -17.37 -19.26 -7.84
N ARG C 43 -16.14 -19.66 -7.48
CA ARG C 43 -15.84 -20.75 -6.54
C ARG C 43 -16.36 -20.38 -5.14
N THR C 44 -15.83 -19.29 -4.56
CA THR C 44 -16.11 -18.95 -3.18
C THR C 44 -17.58 -18.58 -3.00
N GLY C 45 -18.12 -17.81 -3.95
CA GLY C 45 -19.49 -17.31 -3.88
C GLY C 45 -20.52 -18.41 -4.02
N THR C 46 -20.23 -19.39 -4.88
CA THR C 46 -21.14 -20.50 -5.11
C THR C 46 -21.22 -21.44 -3.89
N TYR C 47 -20.06 -21.76 -3.31
CA TYR C 47 -19.96 -22.58 -2.07
C TYR C 47 -20.77 -21.88 -0.96
N GLN C 48 -20.57 -20.57 -0.78
CA GLN C 48 -21.31 -19.83 0.24
C GLN C 48 -22.81 -19.90 0.03
N ARG C 49 -23.25 -19.67 -1.22
CA ARG C 49 -24.68 -19.70 -1.62
C ARG C 49 -25.23 -21.11 -1.38
N ALA C 50 -24.51 -22.15 -1.80
CA ALA C 50 -24.95 -23.54 -1.64
C ALA C 50 -25.20 -23.87 -0.16
N ILE C 51 -24.30 -23.43 0.71
CA ILE C 51 -24.36 -23.74 2.14
C ILE C 51 -25.46 -22.91 2.84
N LEU C 52 -25.42 -21.58 2.67
CA LEU C 52 -26.37 -20.67 3.33
C LEU C 52 -27.84 -20.85 2.86
N GLN C 53 -28.04 -21.09 1.56
CA GLN C 53 -29.40 -21.27 1.02
C GLN C 53 -29.99 -22.64 1.38
N ASN C 54 -29.13 -23.56 1.84
CA ASN C 54 -29.54 -24.85 2.38
C ASN C 54 -29.25 -24.94 3.89
N HIS C 55 -29.60 -23.89 4.61
CA HIS C 55 -29.28 -23.72 6.03
C HIS C 55 -29.84 -24.83 6.92
N THR C 56 -31.01 -25.38 6.56
CA THR C 56 -31.61 -26.50 7.31
C THR C 56 -30.80 -27.80 7.22
N ASP C 57 -29.92 -27.91 6.20
CA ASP C 57 -28.96 -29.01 6.14
C ASP C 57 -27.78 -28.83 7.11
N PHE C 58 -27.64 -27.63 7.68
CA PHE C 58 -26.53 -27.29 8.58
C PHE C 58 -26.95 -26.93 10.01
N LYS C 59 -28.14 -26.36 10.16
CA LYS C 59 -28.64 -25.87 11.45
C LYS C 59 -28.58 -26.98 12.52
N ASP C 60 -27.75 -26.75 13.55
CA ASP C 60 -27.54 -27.66 14.69
C ASP C 60 -27.03 -29.05 14.31
N LYS C 61 -26.31 -29.15 13.18
CA LYS C 61 -25.78 -30.40 12.67
C LYS C 61 -24.28 -30.52 12.94
N ILE C 62 -23.77 -31.74 12.84
CA ILE C 62 -22.33 -32.03 12.92
C ILE C 62 -21.80 -32.13 11.48
N VAL C 63 -20.66 -31.47 11.23
CA VAL C 63 -20.10 -31.31 9.90
C VAL C 63 -18.63 -31.73 9.88
N LEU C 64 -18.23 -32.34 8.75
CA LEU C 64 -16.84 -32.64 8.45
C LEU C 64 -16.43 -31.85 7.20
N ASP C 65 -15.33 -31.10 7.31
CA ASP C 65 -14.73 -30.32 6.22
C ASP C 65 -13.41 -30.96 5.81
N VAL C 66 -13.41 -31.65 4.66
CA VAL C 66 -12.27 -32.44 4.21
C VAL C 66 -11.34 -31.57 3.37
N GLY C 67 -10.11 -31.38 3.85
CA GLY C 67 -9.13 -30.53 3.19
C GLY C 67 -9.53 -29.07 3.25
N CYS C 68 -9.68 -28.55 4.47
CA CYS C 68 -10.32 -27.25 4.73
C CYS C 68 -9.48 -26.04 4.33
N GLY C 69 -8.17 -26.24 4.15
CA GLY C 69 -7.26 -25.18 3.82
C GLY C 69 -7.31 -24.14 4.93
N SER C 70 -7.56 -22.88 4.56
CA SER C 70 -7.64 -21.75 5.48
C SER C 70 -8.89 -21.82 6.38
N GLY C 71 -9.88 -22.61 5.96
CA GLY C 71 -11.06 -22.89 6.76
C GLY C 71 -12.36 -22.26 6.27
N ILE C 72 -12.32 -21.63 5.09
CA ILE C 72 -13.44 -20.82 4.60
C ILE C 72 -14.80 -21.53 4.62
N LEU C 73 -14.80 -22.80 4.19
CA LEU C 73 -16.03 -23.58 4.09
C LEU C 73 -16.59 -23.89 5.48
N SER C 74 -15.70 -24.07 6.46
CA SER C 74 -16.10 -24.29 7.84
C SER C 74 -16.77 -23.04 8.40
N PHE C 75 -16.24 -21.86 8.06
CA PHE C 75 -16.86 -20.59 8.47
C PHE C 75 -18.23 -20.41 7.83
N PHE C 76 -18.40 -20.86 6.60
CA PHE C 76 -19.70 -20.84 5.95
C PHE C 76 -20.68 -21.78 6.66
N ALA C 77 -20.20 -22.98 7.01
CA ALA C 77 -20.98 -23.95 7.79
C ALA C 77 -21.43 -23.35 9.13
N ALA C 78 -20.51 -22.62 9.79
CA ALA C 78 -20.80 -21.89 11.02
C ALA C 78 -21.88 -20.80 10.84
N GLN C 79 -21.75 -20.01 9.77
CA GLN C 79 -22.74 -18.97 9.43
C GLN C 79 -24.15 -19.56 9.24
N ALA C 80 -24.21 -20.80 8.77
CA ALA C 80 -25.46 -21.51 8.51
C ALA C 80 -26.00 -22.26 9.73
N GLY C 81 -25.32 -22.14 10.87
CA GLY C 81 -25.81 -22.62 12.16
C GLY C 81 -25.37 -23.99 12.62
N ALA C 82 -24.25 -24.50 12.08
CA ALA C 82 -23.74 -25.80 12.47
C ALA C 82 -23.38 -25.79 13.96
N ARG C 83 -23.73 -26.87 14.67
CA ARG C 83 -23.39 -27.07 16.09
C ARG C 83 -21.90 -27.36 16.22
N LYS C 84 -21.36 -28.27 15.39
CA LYS C 84 -19.95 -28.61 15.41
C LYS C 84 -19.41 -28.95 14.04
N ILE C 85 -18.20 -28.46 13.75
CA ILE C 85 -17.53 -28.63 12.48
C ILE C 85 -16.10 -29.12 12.72
N TYR C 86 -15.77 -30.32 12.23
CA TYR C 86 -14.40 -30.88 12.22
C TYR C 86 -13.76 -30.54 10.88
N ALA C 87 -12.68 -29.76 10.91
CA ALA C 87 -12.01 -29.27 9.73
C ALA C 87 -10.66 -29.96 9.65
N VAL C 88 -10.53 -30.88 8.68
CA VAL C 88 -9.33 -31.69 8.49
C VAL C 88 -8.47 -31.11 7.39
N GLU C 89 -7.17 -30.99 7.64
CA GLU C 89 -6.22 -30.47 6.66
C GLU C 89 -4.81 -31.00 6.93
N ALA C 90 -4.15 -31.48 5.88
CA ALA C 90 -2.89 -32.22 5.99
C ALA C 90 -1.67 -31.33 5.78
N SER C 91 -1.86 -30.20 5.08
CA SER C 91 -0.78 -29.24 4.85
C SER C 91 -0.59 -28.40 6.10
N THR C 92 0.50 -27.64 6.12
CA THR C 92 0.80 -26.69 7.19
C THR C 92 -0.23 -25.55 7.30
N MET C 93 -1.10 -25.41 6.29
CA MET C 93 -2.24 -24.51 6.35
C MET C 93 -3.16 -24.76 7.55
N ALA C 94 -3.13 -25.99 8.08
CA ALA C 94 -3.89 -26.34 9.29
C ALA C 94 -3.68 -25.35 10.42
N GLN C 95 -2.42 -24.92 10.62
CA GLN C 95 -2.03 -24.03 11.70
C GLN C 95 -2.60 -22.60 11.48
N HIS C 96 -2.66 -22.16 10.22
CA HIS C 96 -3.24 -20.88 9.86
C HIS C 96 -4.77 -20.90 10.04
N ALA C 97 -5.39 -22.03 9.72
CA ALA C 97 -6.83 -22.22 9.97
C ALA C 97 -7.17 -22.09 11.47
N GLU C 98 -6.33 -22.71 12.32
CA GLU C 98 -6.49 -22.63 13.77
C GLU C 98 -6.48 -21.17 14.23
N VAL C 99 -5.51 -20.39 13.73
CA VAL C 99 -5.40 -18.97 14.03
C VAL C 99 -6.70 -18.23 13.70
N LEU C 100 -7.25 -18.47 12.50
CA LEU C 100 -8.51 -17.84 12.08
C LEU C 100 -9.70 -18.23 12.94
N VAL C 101 -9.76 -19.49 13.35
CA VAL C 101 -10.84 -19.97 14.21
C VAL C 101 -10.85 -19.24 15.56
N LYS C 102 -9.66 -19.03 16.13
CA LYS C 102 -9.50 -18.28 17.38
C LYS C 102 -9.85 -16.79 17.18
N SER C 103 -9.28 -16.17 16.14
CA SER C 103 -9.49 -14.76 15.86
C SER C 103 -10.95 -14.43 15.55
N ASN C 104 -11.71 -15.42 15.05
CA ASN C 104 -13.14 -15.27 14.79
C ASN C 104 -14.05 -15.81 15.91
N ASN C 105 -13.47 -16.13 17.07
CA ASN C 105 -14.20 -16.56 18.28
C ASN C 105 -15.12 -17.76 18.05
N LEU C 106 -14.61 -18.75 17.33
CA LEU C 106 -15.39 -19.92 16.96
C LEU C 106 -14.73 -21.22 17.45
N THR C 107 -13.86 -21.13 18.46
CA THR C 107 -13.16 -22.31 18.99
C THR C 107 -14.11 -23.37 19.56
N ASP C 108 -15.29 -22.92 20.03
CA ASP C 108 -16.33 -23.80 20.55
C ASP C 108 -17.09 -24.59 19.47
N ARG C 109 -16.98 -24.19 18.21
CA ARG C 109 -17.80 -24.73 17.08
C ARG C 109 -16.93 -25.33 15.97
N ILE C 110 -15.74 -24.77 15.69
CA ILE C 110 -14.86 -25.29 14.65
C ILE C 110 -13.61 -25.90 15.27
N VAL C 111 -13.42 -27.20 15.07
CA VAL C 111 -12.29 -27.94 15.57
C VAL C 111 -11.40 -28.37 14.41
N VAL C 112 -10.23 -27.73 14.30
CA VAL C 112 -9.23 -28.05 13.31
C VAL C 112 -8.47 -29.30 13.75
N ILE C 113 -8.37 -30.26 12.82
CA ILE C 113 -7.66 -31.51 13.05
C ILE C 113 -6.58 -31.62 11.97
N PRO C 114 -5.30 -31.39 12.30
CA PRO C 114 -4.21 -31.53 11.33
C PRO C 114 -3.98 -33.01 10.98
N GLY C 115 -3.77 -33.30 9.69
CA GLY C 115 -3.47 -34.63 9.19
C GLY C 115 -4.30 -35.01 7.97
N LYS C 116 -4.01 -36.18 7.42
CA LYS C 116 -4.76 -36.74 6.31
C LYS C 116 -6.06 -37.32 6.87
N VAL C 117 -7.16 -37.10 6.15
CA VAL C 117 -8.48 -37.61 6.56
C VAL C 117 -8.51 -39.14 6.59
N GLU C 118 -7.58 -39.79 5.89
CA GLU C 118 -7.41 -41.25 5.92
C GLU C 118 -6.72 -41.76 7.20
N GLU C 119 -6.12 -40.84 7.97
CA GLU C 119 -5.25 -41.19 9.10
C GLU C 119 -5.74 -40.67 10.46
N VAL C 120 -6.34 -39.48 10.49
CA VAL C 120 -6.86 -38.89 11.72
C VAL C 120 -8.07 -39.68 12.25
N SER C 121 -8.39 -39.48 13.53
CA SER C 121 -9.61 -40.01 14.13
C SER C 121 -10.53 -38.85 14.49
N LEU C 122 -11.82 -39.03 14.21
CA LEU C 122 -12.88 -38.11 14.58
C LEU C 122 -13.60 -38.72 15.76
N PRO C 123 -14.03 -37.91 16.76
CA PRO C 123 -14.69 -38.44 17.94
C PRO C 123 -16.11 -38.98 17.66
N GLU C 124 -16.78 -38.49 16.61
CA GLU C 124 -18.16 -38.83 16.33
C GLU C 124 -18.49 -38.78 14.84
N GLN C 125 -19.64 -39.38 14.50
CA GLN C 125 -20.15 -39.40 13.14
C GLN C 125 -20.77 -38.05 12.83
N VAL C 126 -20.81 -37.71 11.53
CA VAL C 126 -21.29 -36.40 11.08
C VAL C 126 -22.55 -36.53 10.23
N ASP C 127 -23.32 -35.43 10.15
CA ASP C 127 -24.55 -35.36 9.37
C ASP C 127 -24.29 -35.01 7.91
N ILE C 128 -23.18 -34.32 7.65
CA ILE C 128 -22.86 -33.81 6.33
C ILE C 128 -21.36 -33.57 6.17
N ILE C 129 -20.85 -33.90 4.98
CA ILE C 129 -19.47 -33.66 4.62
C ILE C 129 -19.44 -32.55 3.59
N ILE C 130 -18.52 -31.59 3.76
CA ILE C 130 -18.24 -30.55 2.78
C ILE C 130 -16.77 -30.61 2.40
N SER C 131 -16.47 -30.27 1.14
CA SER C 131 -15.11 -30.27 0.62
C SER C 131 -15.05 -29.60 -0.73
N GLU C 132 -13.84 -29.23 -1.14
CA GLU C 132 -13.54 -28.86 -2.51
C GLU C 132 -12.47 -29.83 -3.01
N PRO C 133 -12.87 -31.08 -3.36
CA PRO C 133 -11.92 -32.09 -3.80
C PRO C 133 -11.56 -32.09 -5.30
N MET C 134 -12.15 -31.17 -6.09
CA MET C 134 -11.97 -31.13 -7.54
C MET C 134 -10.61 -30.55 -7.96
N GLY C 135 -9.86 -31.31 -8.79
CA GLY C 135 -8.66 -30.80 -9.46
C GLY C 135 -8.97 -30.48 -10.91
N TYR C 136 -7.93 -30.15 -11.67
CA TYR C 136 -8.03 -30.00 -13.15
C TYR C 136 -8.77 -31.21 -13.70
N MET C 137 -9.70 -31.01 -14.64
CA MET C 137 -10.37 -32.11 -15.31
C MET C 137 -11.16 -32.94 -14.28
N LEU C 138 -11.50 -32.32 -13.16
CA LEU C 138 -12.15 -32.93 -11.99
C LEU C 138 -11.25 -33.86 -11.17
N PHE C 139 -10.66 -34.87 -11.84
CA PHE C 139 -10.04 -36.01 -11.19
C PHE C 139 -8.62 -35.80 -10.71
N ASN C 140 -7.86 -34.89 -11.34
CA ASN C 140 -6.47 -34.68 -10.97
C ASN C 140 -6.35 -34.39 -9.47
N GLU C 141 -5.23 -34.83 -8.89
CA GLU C 141 -4.90 -34.77 -7.45
C GLU C 141 -5.41 -35.98 -6.65
N ARG C 142 -6.38 -36.70 -7.21
CA ARG C 142 -7.00 -37.90 -6.60
C ARG C 142 -7.57 -37.56 -5.22
N MET C 143 -8.07 -36.33 -5.04
CA MET C 143 -8.65 -35.96 -3.76
C MET C 143 -10.10 -36.45 -3.67
N LEU C 144 -10.74 -36.72 -4.80
CA LEU C 144 -12.09 -37.28 -4.79
C LEU C 144 -12.15 -38.56 -3.96
N GLU C 145 -11.04 -39.32 -3.95
CA GLU C 145 -10.95 -40.56 -3.19
C GLU C 145 -10.89 -40.30 -1.68
N SER C 146 -10.19 -39.25 -1.28
CA SER C 146 -10.13 -38.84 0.13
C SER C 146 -11.53 -38.42 0.59
N TYR C 147 -12.25 -37.71 -0.28
CA TYR C 147 -13.63 -37.22 -0.04
C TYR C 147 -14.56 -38.42 0.16
N LEU C 148 -14.43 -39.44 -0.71
CA LEU C 148 -15.27 -40.64 -0.62
C LEU C 148 -14.88 -41.49 0.58
N HIS C 149 -13.58 -41.60 0.84
CA HIS C 149 -13.05 -42.28 2.01
C HIS C 149 -13.67 -41.74 3.30
N ALA C 150 -13.90 -40.41 3.33
CA ALA C 150 -14.47 -39.72 4.49
C ALA C 150 -15.89 -40.16 4.86
N LYS C 151 -16.58 -40.85 3.94
CA LYS C 151 -17.93 -41.36 4.21
C LYS C 151 -18.02 -42.41 5.31
N LYS C 152 -16.87 -42.95 5.74
CA LYS C 152 -16.83 -43.83 6.90
C LYS C 152 -17.28 -43.09 8.18
N TYR C 153 -17.23 -41.76 8.14
CA TYR C 153 -17.61 -40.86 9.27
C TYR C 153 -19.03 -40.31 9.08
N LEU C 154 -19.69 -40.65 7.97
CA LEU C 154 -21.00 -40.12 7.65
C LEU C 154 -22.10 -41.01 8.21
N LYS C 155 -23.06 -40.41 8.92
CA LYS C 155 -24.23 -41.12 9.40
C LYS C 155 -25.03 -41.68 8.22
N PRO C 156 -25.86 -42.73 8.44
CA PRO C 156 -26.82 -43.15 7.42
C PRO C 156 -27.74 -41.97 7.07
N SER C 157 -28.05 -41.80 5.79
CA SER C 157 -28.89 -40.68 5.32
C SER C 157 -28.21 -39.31 5.44
N GLY C 158 -26.93 -39.29 5.85
CA GLY C 158 -26.07 -38.12 5.72
C GLY C 158 -25.92 -37.64 4.28
N ASN C 159 -25.60 -36.35 4.12
CA ASN C 159 -25.46 -35.73 2.82
C ASN C 159 -24.01 -35.35 2.55
N MET C 160 -23.73 -34.97 1.30
CA MET C 160 -22.42 -34.53 0.86
C MET C 160 -22.53 -33.34 -0.06
N PHE C 161 -21.60 -32.40 0.11
CA PHE C 161 -21.58 -31.10 -0.55
C PHE C 161 -20.16 -30.86 -1.05
N PRO C 162 -19.86 -31.07 -2.35
CA PRO C 162 -20.87 -31.38 -3.38
C PRO C 162 -21.42 -32.81 -3.34
N THR C 163 -22.61 -32.98 -3.92
CA THR C 163 -23.32 -34.25 -3.93
C THR C 163 -22.97 -35.10 -5.15
N ILE C 164 -22.88 -34.46 -6.32
CA ILE C 164 -22.47 -35.13 -7.56
C ILE C 164 -21.49 -34.28 -8.36
N GLY C 165 -20.72 -34.94 -9.23
CA GLY C 165 -19.81 -34.30 -10.16
C GLY C 165 -20.00 -34.85 -11.56
N ASP C 166 -20.11 -33.95 -12.55
CA ASP C 166 -20.28 -34.30 -13.96
C ASP C 166 -19.03 -33.87 -14.71
N VAL C 167 -18.30 -34.82 -15.29
CA VAL C 167 -17.23 -34.48 -16.22
C VAL C 167 -17.78 -34.47 -17.64
N HIS C 168 -17.43 -33.41 -18.38
CA HIS C 168 -17.88 -33.20 -19.76
C HIS C 168 -16.70 -33.34 -20.70
N LEU C 169 -16.90 -34.10 -21.79
CA LEU C 169 -15.97 -34.26 -22.89
C LEU C 169 -16.65 -33.84 -24.18
N ALA C 170 -15.92 -33.14 -25.04
CA ALA C 170 -16.40 -32.76 -26.36
C ALA C 170 -15.22 -32.66 -27.33
N PRO C 171 -15.41 -33.02 -28.61
CA PRO C 171 -14.35 -32.90 -29.62
C PRO C 171 -14.18 -31.43 -30.04
N PHE C 172 -12.95 -31.03 -30.33
CA PHE C 172 -12.65 -29.66 -30.76
C PHE C 172 -11.76 -29.62 -31.99
N THR C 173 -11.85 -28.49 -32.71
CA THR C 173 -10.94 -28.16 -33.78
C THR C 173 -10.14 -26.92 -33.38
N ASP C 174 -8.81 -27.03 -33.41
CA ASP C 174 -7.90 -25.95 -33.14
C ASP C 174 -6.61 -26.19 -33.86
N GLU C 175 -6.56 -25.72 -35.11
CA GLU C 175 -5.44 -25.97 -36.01
C GLU C 175 -4.16 -25.35 -35.46
N GLN C 176 -4.28 -24.14 -34.92
CA GLN C 176 -3.16 -23.40 -34.39
C GLN C 176 -2.54 -24.09 -33.17
N LEU C 177 -3.38 -24.66 -32.29
CA LEU C 177 -2.87 -25.41 -31.13
C LEU C 177 -2.12 -26.65 -31.62
N TYR C 178 -2.69 -27.37 -32.58
CA TYR C 178 -2.08 -28.59 -33.15
C TYR C 178 -0.71 -28.23 -33.76
N MET C 179 -0.69 -27.22 -34.64
CA MET C 179 0.50 -26.87 -35.41
C MET C 179 1.64 -26.36 -34.52
N GLU C 180 1.26 -25.68 -33.44
CA GLU C 180 2.17 -25.15 -32.45
C GLU C 180 3.07 -26.22 -31.87
N GLN C 181 2.59 -27.43 -31.69
CA GLN C 181 3.41 -28.53 -31.16
C GLN C 181 4.61 -28.83 -32.08
N PHE C 182 4.33 -28.86 -33.39
CA PHE C 182 5.36 -29.12 -34.39
C PHE C 182 6.32 -27.97 -34.53
N THR C 183 5.83 -26.74 -34.49
CA THR C 183 6.67 -25.53 -34.54
C THR C 183 7.69 -25.49 -33.39
N LYS C 184 7.23 -25.84 -32.18
CA LYS C 184 8.12 -25.92 -31.01
C LYS C 184 9.16 -27.02 -31.18
N ALA C 185 8.71 -28.20 -31.61
CA ALA C 185 9.59 -29.34 -31.79
C ALA C 185 10.62 -29.08 -32.89
N ASN C 186 10.24 -28.30 -33.91
CA ASN C 186 11.13 -28.01 -35.03
C ASN C 186 12.37 -27.19 -34.68
N PHE C 187 12.45 -26.69 -33.45
CA PHE C 187 13.72 -26.19 -32.92
C PHE C 187 14.85 -27.21 -33.13
N TRP C 188 14.52 -28.49 -32.92
CA TRP C 188 15.50 -29.57 -32.99
C TRP C 188 15.82 -30.00 -34.43
N TYR C 189 15.06 -29.52 -35.42
CA TYR C 189 15.22 -29.92 -36.84
C TYR C 189 16.14 -28.92 -37.52
N GLN C 190 17.39 -28.87 -37.05
CA GLN C 190 18.42 -28.07 -37.67
C GLN C 190 19.77 -28.78 -37.67
N PRO C 191 20.47 -28.80 -38.83
CA PRO C 191 21.66 -29.62 -39.00
C PRO C 191 22.93 -29.01 -38.41
N SER C 192 22.90 -27.72 -38.07
CA SER C 192 24.05 -27.05 -37.51
C SER C 192 23.67 -25.93 -36.54
N PHE C 193 23.18 -26.34 -35.37
CA PHE C 193 22.97 -25.44 -34.23
C PHE C 193 24.32 -25.27 -33.53
N HIS C 194 24.97 -24.11 -33.75
CA HIS C 194 26.33 -23.89 -33.28
C HIS C 194 27.22 -25.10 -33.64
N GLY C 195 27.04 -25.61 -34.87
CA GLY C 195 27.85 -26.70 -35.40
C GLY C 195 27.41 -28.12 -35.05
N VAL C 196 26.25 -28.26 -34.39
CA VAL C 196 25.73 -29.54 -33.93
C VAL C 196 24.41 -29.88 -34.62
N ASP C 197 24.30 -31.12 -35.12
CA ASP C 197 23.11 -31.60 -35.81
C ASP C 197 22.14 -32.11 -34.73
N LEU C 198 21.02 -31.41 -34.54
CA LEU C 198 20.07 -31.78 -33.45
C LEU C 198 18.90 -32.60 -34.00
N SER C 199 18.82 -32.80 -35.31
CA SER C 199 17.65 -33.45 -35.97
C SER C 199 17.20 -34.76 -35.33
N ALA C 200 18.11 -35.58 -34.79
CA ALA C 200 17.73 -36.90 -34.24
C ALA C 200 16.79 -36.79 -33.04
N LEU C 201 16.69 -35.62 -32.40
CA LEU C 201 15.84 -35.48 -31.23
C LEU C 201 14.44 -34.92 -31.51
N ARG C 202 14.16 -34.63 -32.78
CA ARG C 202 12.93 -33.88 -33.17
C ARG C 202 11.70 -34.74 -32.82
N GLY C 203 11.74 -36.02 -33.15
CA GLY C 203 10.66 -36.95 -32.89
C GLY C 203 10.38 -37.08 -31.41
N ALA C 204 11.44 -37.11 -30.60
CA ALA C 204 11.34 -37.20 -29.15
C ALA C 204 10.69 -35.95 -28.54
N ALA C 205 11.01 -34.78 -29.13
CA ALA C 205 10.43 -33.52 -28.69
C ALA C 205 8.93 -33.50 -28.97
N VAL C 206 8.54 -33.88 -30.19
CA VAL C 206 7.13 -33.99 -30.56
C VAL C 206 6.36 -34.90 -29.59
N ASP C 207 6.90 -36.11 -29.32
CA ASP C 207 6.30 -37.04 -28.38
C ASP C 207 6.07 -36.39 -27.02
N GLU C 208 7.09 -35.71 -26.51
CA GLU C 208 7.04 -35.04 -25.20
C GLU C 208 5.89 -34.03 -25.12
N TYR C 209 5.76 -33.17 -26.14
CA TYR C 209 4.73 -32.10 -26.18
C TYR C 209 3.33 -32.75 -26.23
N PHE C 210 3.16 -33.83 -26.99
CA PHE C 210 1.89 -34.51 -27.12
C PHE C 210 1.41 -35.28 -25.87
N ARG C 211 2.33 -35.64 -24.96
CA ARG C 211 1.97 -36.28 -23.66
C ARG C 211 1.28 -35.26 -22.73
N GLN C 212 1.50 -33.95 -22.93
CA GLN C 212 1.01 -32.94 -21.98
C GLN C 212 -0.41 -32.48 -22.29
N PRO C 213 -1.39 -32.67 -21.39
CA PRO C 213 -2.69 -32.02 -21.55
C PRO C 213 -2.51 -30.49 -21.44
N VAL C 214 -3.30 -29.75 -22.22
CA VAL C 214 -3.20 -28.30 -22.30
C VAL C 214 -4.24 -27.68 -21.38
N VAL C 215 -3.77 -26.95 -20.37
CA VAL C 215 -4.64 -26.22 -19.45
C VAL C 215 -4.68 -24.75 -19.87
N ASP C 216 -5.87 -24.32 -20.30
CA ASP C 216 -6.09 -23.08 -20.99
C ASP C 216 -7.60 -22.94 -21.09
N THR C 217 -8.08 -21.78 -21.56
CA THR C 217 -9.47 -21.64 -21.93
C THR C 217 -9.53 -21.41 -23.43
N PHE C 218 -10.75 -21.48 -23.98
CA PHE C 218 -10.97 -21.33 -25.42
C PHE C 218 -12.37 -20.85 -25.66
N ASP C 219 -12.58 -20.25 -26.85
CA ASP C 219 -13.88 -19.91 -27.38
C ASP C 219 -14.66 -21.21 -27.65
N ILE C 220 -15.95 -21.23 -27.27
CA ILE C 220 -16.81 -22.39 -27.48
C ILE C 220 -17.08 -22.74 -28.95
N ARG C 221 -16.71 -21.85 -29.87
CA ARG C 221 -16.90 -22.06 -31.33
C ARG C 221 -15.95 -23.14 -31.85
N ILE C 222 -14.95 -23.56 -31.06
CA ILE C 222 -14.08 -24.67 -31.46
C ILE C 222 -14.71 -26.05 -31.20
N LEU C 223 -15.77 -26.10 -30.40
CA LEU C 223 -16.43 -27.36 -30.04
C LEU C 223 -17.31 -27.84 -31.18
N MET C 224 -17.16 -29.11 -31.55
CA MET C 224 -17.75 -29.67 -32.78
C MET C 224 -18.95 -30.58 -32.56
N ALA C 225 -19.30 -30.77 -31.28
CA ALA C 225 -20.42 -31.61 -30.90
C ALA C 225 -20.80 -31.36 -29.46
N LYS C 226 -22.07 -31.62 -29.14
CA LYS C 226 -22.58 -31.55 -27.78
C LYS C 226 -21.74 -32.49 -26.93
N SER C 227 -21.44 -32.07 -25.69
CA SER C 227 -20.61 -32.83 -24.79
C SER C 227 -21.27 -34.13 -24.36
N VAL C 228 -20.42 -35.08 -24.00
CA VAL C 228 -20.84 -36.31 -23.36
C VAL C 228 -20.48 -36.16 -21.88
N LYS C 229 -21.40 -36.60 -21.02
CA LYS C 229 -21.32 -36.42 -19.59
C LYS C 229 -21.07 -37.74 -18.86
N TYR C 230 -20.06 -37.76 -17.99
CA TYR C 230 -19.79 -38.89 -17.05
C TYR C 230 -19.97 -38.38 -15.61
N THR C 231 -20.90 -39.01 -14.88
CA THR C 231 -21.34 -38.57 -13.58
C THR C 231 -20.82 -39.48 -12.49
N VAL C 232 -20.25 -38.85 -11.44
CA VAL C 232 -19.90 -39.52 -10.20
C VAL C 232 -20.86 -38.99 -9.16
N ASN C 233 -21.66 -39.90 -8.58
CA ASN C 233 -22.55 -39.60 -7.49
C ASN C 233 -21.81 -39.87 -6.18
N PHE C 234 -21.44 -38.81 -5.45
CA PHE C 234 -20.58 -38.93 -4.28
C PHE C 234 -21.26 -39.65 -3.10
N LEU C 235 -22.59 -39.62 -3.05
CA LEU C 235 -23.33 -40.38 -2.05
C LEU C 235 -23.22 -41.89 -2.22
N GLU C 236 -23.06 -42.35 -3.47
CA GLU C 236 -23.12 -43.77 -3.82
C GLU C 236 -21.76 -44.40 -4.14
N ALA C 237 -20.85 -43.61 -4.70
CA ALA C 237 -19.57 -44.10 -5.19
C ALA C 237 -18.63 -44.55 -4.08
N LYS C 238 -17.76 -45.51 -4.42
CA LYS C 238 -16.71 -46.01 -3.56
C LYS C 238 -15.38 -45.48 -4.09
N GLU C 239 -14.39 -45.34 -3.21
CA GLU C 239 -13.02 -44.97 -3.57
C GLU C 239 -12.57 -45.73 -4.81
N GLY C 240 -12.75 -47.06 -4.76
CA GLY C 240 -12.38 -47.98 -5.82
C GLY C 240 -12.84 -47.61 -7.22
N ASP C 241 -14.03 -47.02 -7.32
CA ASP C 241 -14.60 -46.58 -8.60
C ASP C 241 -13.74 -45.58 -9.37
N LEU C 242 -12.82 -44.90 -8.66
CA LEU C 242 -11.97 -43.87 -9.26
C LEU C 242 -10.56 -44.33 -9.65
N HIS C 243 -10.22 -45.58 -9.38
CA HIS C 243 -8.90 -46.12 -9.74
C HIS C 243 -8.79 -46.35 -11.25
N ARG C 244 -9.91 -46.71 -11.87
CA ARG C 244 -10.04 -46.96 -13.33
C ARG C 244 -11.35 -46.34 -13.81
N ILE C 245 -11.26 -45.24 -14.56
CA ILE C 245 -12.43 -44.53 -15.02
C ILE C 245 -12.52 -44.67 -16.53
N GLU C 246 -13.55 -45.39 -16.99
CA GLU C 246 -13.80 -45.61 -18.42
C GLU C 246 -14.97 -44.75 -18.84
N ILE C 247 -14.72 -43.83 -19.77
CA ILE C 247 -15.72 -42.93 -20.28
C ILE C 247 -15.91 -43.22 -21.77
N PRO C 248 -16.94 -44.02 -22.14
CA PRO C 248 -17.28 -44.23 -23.53
C PRO C 248 -17.89 -42.94 -24.08
N PHE C 249 -17.74 -42.70 -25.39
CA PHE C 249 -18.37 -41.58 -26.02
C PHE C 249 -18.77 -41.91 -27.44
N LYS C 250 -19.90 -41.34 -27.85
CA LYS C 250 -20.39 -41.38 -29.21
C LYS C 250 -20.90 -39.95 -29.45
N PHE C 251 -20.10 -39.15 -30.18
CA PHE C 251 -20.43 -37.78 -30.49
C PHE C 251 -21.15 -37.69 -31.81
N HIS C 252 -22.25 -36.93 -31.84
CA HIS C 252 -22.97 -36.63 -33.06
C HIS C 252 -22.47 -35.27 -33.55
N MET C 253 -21.71 -35.29 -34.65
CA MET C 253 -20.98 -34.12 -35.11
C MET C 253 -21.95 -33.06 -35.62
N LEU C 254 -21.82 -31.85 -35.08
CA LEU C 254 -22.67 -30.72 -35.43
C LEU C 254 -22.05 -29.87 -36.55
N HIS C 255 -20.73 -30.00 -36.74
CA HIS C 255 -19.99 -29.26 -37.76
C HIS C 255 -18.97 -30.17 -38.43
N SER C 256 -18.68 -29.89 -39.71
CA SER C 256 -17.65 -30.59 -40.44
C SER C 256 -16.29 -29.95 -40.17
N GLY C 257 -15.22 -30.75 -40.23
CA GLY C 257 -13.87 -30.26 -40.05
C GLY C 257 -12.96 -31.29 -39.43
N LEU C 258 -11.71 -30.88 -39.16
CA LEU C 258 -10.72 -31.73 -38.51
C LEU C 258 -10.87 -31.66 -37.00
N VAL C 259 -10.99 -32.82 -36.36
CA VAL C 259 -11.03 -32.93 -34.91
C VAL C 259 -9.60 -33.14 -34.40
N HIS C 260 -9.08 -32.17 -33.66
CA HIS C 260 -7.70 -32.20 -33.16
C HIS C 260 -7.53 -32.83 -31.77
N GLY C 261 -8.65 -33.09 -31.08
CA GLY C 261 -8.62 -33.70 -29.76
C GLY C 261 -9.90 -33.53 -29.00
N LEU C 262 -9.85 -33.81 -27.69
CA LEU C 262 -11.00 -33.69 -26.80
C LEU C 262 -10.78 -32.60 -25.73
N ALA C 263 -11.83 -31.83 -25.48
CA ALA C 263 -11.86 -30.81 -24.44
C ALA C 263 -12.62 -31.35 -23.24
N PHE C 264 -12.13 -31.01 -22.04
CA PHE C 264 -12.72 -31.46 -20.79
C PHE C 264 -13.05 -30.29 -19.88
N TRP C 265 -14.23 -30.34 -19.24
CA TRP C 265 -14.56 -29.49 -18.11
C TRP C 265 -15.45 -30.28 -17.15
N PHE C 266 -15.83 -29.66 -16.02
CA PHE C 266 -16.74 -30.30 -15.07
C PHE C 266 -17.69 -29.34 -14.38
N ASP C 267 -18.85 -29.86 -13.97
CA ASP C 267 -19.78 -29.22 -13.05
C ASP C 267 -19.87 -30.09 -11.78
N VAL C 268 -20.16 -29.45 -10.64
CA VAL C 268 -20.62 -30.15 -9.44
C VAL C 268 -21.93 -29.53 -8.98
N ALA C 269 -22.76 -30.34 -8.30
CA ALA C 269 -24.04 -29.91 -7.78
C ALA C 269 -24.08 -30.16 -6.27
N PHE C 270 -24.55 -29.14 -5.53
CA PHE C 270 -24.85 -29.23 -4.11
C PHE C 270 -26.36 -29.46 -4.01
N ILE C 271 -26.76 -30.72 -3.78
CA ILE C 271 -28.17 -31.11 -3.73
C ILE C 271 -28.66 -31.03 -2.27
N GLY C 272 -29.18 -29.86 -1.91
CA GLY C 272 -29.68 -29.61 -0.57
C GLY C 272 -31.17 -29.87 -0.47
N SER C 273 -31.69 -29.83 0.77
CA SER C 273 -33.11 -30.03 1.06
C SER C 273 -33.99 -28.91 0.51
N ILE C 274 -33.42 -27.69 0.45
CA ILE C 274 -34.16 -26.50 0.01
C ILE C 274 -33.97 -26.25 -1.48
N MET C 275 -32.73 -26.40 -1.97
CA MET C 275 -32.44 -26.25 -3.38
C MET C 275 -31.13 -26.89 -3.81
N THR C 276 -31.01 -27.09 -5.12
CA THR C 276 -29.80 -27.59 -5.76
C THR C 276 -29.08 -26.39 -6.35
N VAL C 277 -27.78 -26.27 -6.03
CA VAL C 277 -26.92 -25.21 -6.52
C VAL C 277 -25.77 -25.84 -7.31
N TRP C 278 -25.51 -25.28 -8.49
CA TRP C 278 -24.52 -25.77 -9.43
C TRP C 278 -23.30 -24.85 -9.49
N LEU C 279 -22.10 -25.45 -9.51
CA LEU C 279 -20.85 -24.76 -9.78
C LEU C 279 -20.32 -25.37 -11.08
N SER C 280 -20.23 -24.54 -12.14
CA SER C 280 -19.76 -24.98 -13.45
C SER C 280 -18.40 -24.38 -13.85
N THR C 281 -17.52 -25.21 -14.43
CA THR C 281 -16.27 -24.75 -15.02
C THR C 281 -16.29 -24.80 -16.56
N ALA C 282 -17.51 -24.83 -17.12
CA ALA C 282 -17.71 -24.89 -18.56
C ALA C 282 -17.16 -23.66 -19.28
N PRO C 283 -16.74 -23.79 -20.56
CA PRO C 283 -16.26 -22.64 -21.33
C PRO C 283 -17.36 -21.62 -21.67
N THR C 284 -18.64 -22.02 -21.53
CA THR C 284 -19.78 -21.11 -21.65
C THR C 284 -19.98 -20.22 -20.41
N GLU C 285 -19.27 -20.55 -19.33
CA GLU C 285 -19.42 -19.89 -18.04
C GLU C 285 -18.18 -19.05 -17.74
N PRO C 286 -18.23 -18.07 -16.80
CA PRO C 286 -17.05 -17.29 -16.45
C PRO C 286 -15.88 -18.22 -16.07
N LEU C 287 -14.65 -17.82 -16.41
CA LEU C 287 -13.45 -18.57 -16.14
C LEU C 287 -13.27 -18.76 -14.63
N THR C 288 -12.84 -19.96 -14.24
CA THR C 288 -12.48 -20.29 -12.85
C THR C 288 -11.00 -20.65 -12.84
N HIS C 289 -10.47 -20.88 -11.64
CA HIS C 289 -9.05 -21.28 -11.51
C HIS C 289 -8.81 -22.75 -11.96
N TRP C 290 -9.90 -23.46 -12.33
CA TRP C 290 -9.82 -24.78 -12.94
C TRP C 290 -9.65 -24.74 -14.48
N TYR C 291 -9.89 -23.57 -15.07
CA TYR C 291 -9.84 -23.35 -16.54
C TYR C 291 -10.64 -24.46 -17.24
N GLN C 292 -10.07 -25.00 -18.31
CA GLN C 292 -10.54 -26.22 -18.96
C GLN C 292 -9.29 -26.98 -19.40
N VAL C 293 -9.47 -28.22 -19.84
CA VAL C 293 -8.36 -29.06 -20.25
C VAL C 293 -8.61 -29.64 -21.64
N ARG C 294 -7.58 -29.62 -22.49
CA ARG C 294 -7.63 -30.21 -23.86
C ARG C 294 -6.52 -31.25 -24.02
N CYS C 295 -6.90 -32.45 -24.50
CA CYS C 295 -5.96 -33.51 -24.87
C CYS C 295 -5.98 -33.64 -26.38
N LEU C 296 -4.81 -33.42 -26.99
CA LEU C 296 -4.66 -33.55 -28.45
C LEU C 296 -4.64 -35.03 -28.92
N PHE C 297 -5.10 -35.24 -30.15
CA PHE C 297 -4.81 -36.45 -30.90
C PHE C 297 -3.49 -36.26 -31.61
N GLN C 298 -2.74 -37.36 -31.74
CA GLN C 298 -1.48 -37.38 -32.48
C GLN C 298 -1.70 -36.99 -33.94
N SER C 299 -2.82 -37.42 -34.50
CA SER C 299 -3.22 -37.11 -35.85
C SER C 299 -4.69 -36.71 -35.83
N PRO C 300 -5.07 -35.58 -36.47
CA PRO C 300 -6.47 -35.15 -36.49
C PRO C 300 -7.36 -36.06 -37.34
N LEU C 301 -8.64 -36.14 -37.00
CA LEU C 301 -9.62 -36.94 -37.72
C LEU C 301 -10.58 -36.03 -38.43
N PHE C 302 -10.77 -36.23 -39.73
CA PHE C 302 -11.78 -35.51 -40.48
C PHE C 302 -13.16 -36.14 -40.24
N ALA C 303 -14.14 -35.31 -39.89
CA ALA C 303 -15.52 -35.73 -39.77
C ALA C 303 -16.42 -34.74 -40.48
N LYS C 304 -17.54 -35.25 -41.00
CA LYS C 304 -18.58 -34.42 -41.61
C LYS C 304 -19.70 -34.27 -40.58
N ALA C 305 -20.44 -33.16 -40.67
CA ALA C 305 -21.60 -32.93 -39.84
C ALA C 305 -22.55 -34.10 -40.06
N GLY C 306 -23.04 -34.69 -38.97
CA GLY C 306 -23.92 -35.86 -39.03
C GLY C 306 -23.24 -37.22 -38.91
N ASP C 307 -21.89 -37.23 -38.94
CA ASP C 307 -21.10 -38.41 -38.59
C ASP C 307 -21.11 -38.62 -37.07
N THR C 308 -20.73 -39.83 -36.65
CA THR C 308 -20.50 -40.14 -35.25
C THR C 308 -19.01 -40.38 -35.01
N LEU C 309 -18.50 -39.79 -33.93
CA LEU C 309 -17.14 -39.97 -33.49
C LEU C 309 -17.20 -40.72 -32.16
N SER C 310 -16.80 -41.98 -32.18
CA SER C 310 -16.90 -42.87 -31.04
C SER C 310 -15.55 -43.39 -30.58
N GLY C 311 -15.50 -43.82 -29.32
CA GLY C 311 -14.28 -44.26 -28.67
C GLY C 311 -14.41 -44.26 -27.16
N THR C 312 -13.25 -44.22 -26.49
CA THR C 312 -13.20 -44.26 -25.03
C THR C 312 -12.09 -43.37 -24.53
N CYS C 313 -12.35 -42.72 -23.39
CA CYS C 313 -11.34 -42.06 -22.61
C CYS C 313 -11.18 -42.92 -21.35
N LEU C 314 -9.97 -43.46 -21.17
CA LEU C 314 -9.65 -44.28 -20.02
C LEU C 314 -8.66 -43.56 -19.11
N LEU C 315 -9.06 -43.34 -17.86
CA LEU C 315 -8.22 -42.69 -16.87
C LEU C 315 -7.78 -43.74 -15.86
N ILE C 316 -6.46 -43.94 -15.77
CA ILE C 316 -5.87 -44.93 -14.87
C ILE C 316 -5.07 -44.21 -13.78
N ALA C 317 -5.49 -44.39 -12.53
CA ALA C 317 -4.85 -43.71 -11.42
C ALA C 317 -3.43 -44.21 -11.23
N ASN C 318 -2.53 -43.27 -10.92
CA ASN C 318 -1.13 -43.58 -10.60
C ASN C 318 -0.76 -43.08 -9.21
N LYS C 319 0.44 -43.44 -8.77
CA LYS C 319 0.91 -43.13 -7.42
C LYS C 319 1.42 -41.68 -7.24
N ARG C 320 1.35 -40.88 -8.31
CA ARG C 320 1.74 -39.45 -8.30
C ARG C 320 0.48 -38.58 -8.20
N GLN C 321 -0.59 -39.11 -7.60
CA GLN C 321 -1.81 -38.37 -7.29
C GLN C 321 -2.45 -37.80 -8.54
N SER C 322 -2.32 -38.53 -9.64
CA SER C 322 -2.90 -38.14 -10.91
C SER C 322 -3.27 -39.39 -11.70
N TYR C 323 -3.42 -39.22 -13.02
CA TYR C 323 -3.96 -40.23 -13.95
C TYR C 323 -3.12 -40.28 -15.23
N ASP C 324 -2.96 -41.49 -15.78
CA ASP C 324 -2.53 -41.71 -17.15
C ASP C 324 -3.81 -41.77 -17.97
N ILE C 325 -3.86 -40.97 -19.03
CA ILE C 325 -5.05 -40.78 -19.85
C ILE C 325 -4.83 -41.45 -21.17
N SER C 326 -5.73 -42.37 -21.53
CA SER C 326 -5.69 -43.06 -22.80
C SER C 326 -6.96 -42.71 -23.57
N ILE C 327 -6.79 -42.15 -24.78
CA ILE C 327 -7.91 -41.76 -25.61
C ILE C 327 -7.82 -42.45 -26.96
N VAL C 328 -8.90 -43.15 -27.33
CA VAL C 328 -9.04 -43.79 -28.61
C VAL C 328 -10.33 -43.28 -29.22
N ALA C 329 -10.28 -42.88 -30.49
CA ALA C 329 -11.41 -42.31 -31.18
C ALA C 329 -11.40 -42.70 -32.64
N GLN C 330 -12.59 -42.89 -33.21
CA GLN C 330 -12.72 -43.17 -34.63
C GLN C 330 -13.97 -42.53 -35.19
N VAL C 331 -13.88 -42.13 -36.46
CA VAL C 331 -15.04 -41.70 -37.22
C VAL C 331 -15.64 -42.98 -37.79
N ASP C 332 -16.85 -43.32 -37.32
CA ASP C 332 -17.46 -44.61 -37.65
C ASP C 332 -17.71 -44.78 -39.15
N GLN C 333 -18.06 -43.67 -39.82
CA GLN C 333 -18.42 -43.68 -41.23
C GLN C 333 -17.23 -43.94 -42.15
N THR C 334 -16.03 -43.55 -41.73
CA THR C 334 -14.80 -43.74 -42.54
C THR C 334 -13.80 -44.73 -41.97
N GLY C 335 -13.95 -45.06 -40.68
CA GLY C 335 -13.01 -45.91 -39.97
C GLY C 335 -11.65 -45.29 -39.66
N SER C 336 -11.52 -43.97 -39.86
CA SER C 336 -10.29 -43.25 -39.51
C SER C 336 -10.20 -43.21 -37.97
N LYS C 337 -9.04 -43.63 -37.45
CA LYS C 337 -8.81 -43.86 -36.04
C LYS C 337 -7.62 -43.05 -35.53
N SER C 338 -7.71 -42.59 -34.27
CA SER C 338 -6.61 -41.95 -33.59
C SER C 338 -6.59 -42.31 -32.11
N SER C 339 -5.38 -42.36 -31.55
CA SER C 339 -5.14 -42.57 -30.16
C SER C 339 -4.32 -41.38 -29.60
N ASN C 340 -4.32 -41.22 -28.27
CA ASN C 340 -3.23 -40.59 -27.56
C ASN C 340 -3.12 -41.09 -26.12
N LEU C 341 -1.91 -41.03 -25.59
CA LEU C 341 -1.62 -41.33 -24.20
C LEU C 341 -1.02 -40.10 -23.56
N LEU C 342 -1.63 -39.60 -22.48
CA LEU C 342 -1.21 -38.35 -21.83
C LEU C 342 -0.99 -38.50 -20.32
N ASP C 343 -0.02 -37.72 -19.81
CA ASP C 343 0.32 -37.65 -18.40
C ASP C 343 -0.35 -36.42 -17.76
N LEU C 344 -1.49 -36.63 -17.09
CA LEU C 344 -2.22 -35.56 -16.41
C LEU C 344 -1.42 -34.83 -15.33
N LYS C 345 -0.44 -35.52 -14.75
CA LYS C 345 0.44 -34.92 -13.72
C LYS C 345 1.30 -33.77 -14.22
N ASN C 346 1.62 -33.78 -15.52
CA ASN C 346 2.53 -32.79 -16.14
C ASN C 346 1.84 -31.96 -17.21
N PRO C 347 0.85 -31.09 -16.85
CA PRO C 347 0.10 -30.34 -17.85
C PRO C 347 0.91 -29.17 -18.41
N PHE C 348 0.55 -28.69 -19.59
CA PHE C 348 1.14 -27.49 -20.17
C PHE C 348 0.14 -26.36 -19.94
N PHE C 349 0.56 -25.36 -19.16
CA PHE C 349 -0.24 -24.17 -18.87
C PHE C 349 0.06 -23.17 -19.98
N ARG C 350 -0.92 -23.00 -20.87
CA ARG C 350 -0.79 -22.25 -22.15
C ARG C 350 -1.34 -20.81 -22.00
N TYR C 351 -2.35 -20.62 -21.16
CA TYR C 351 -3.07 -19.34 -20.90
C TYR C 351 -2.10 -18.16 -20.77
N ARG D 9 24.32 -42.82 0.10
CA ARG D 9 25.42 -42.47 1.04
C ARG D 9 26.55 -41.70 0.33
N SER D 10 26.38 -41.34 -0.95
CA SER D 10 27.28 -40.41 -1.64
C SER D 10 27.15 -39.00 -1.08
N VAL D 11 28.10 -38.12 -1.46
CA VAL D 11 28.10 -36.72 -1.05
C VAL D 11 26.81 -36.00 -1.49
N PHE D 12 26.32 -36.31 -2.70
CA PHE D 12 25.09 -35.71 -3.20
C PHE D 12 23.87 -36.10 -2.35
N SER D 13 23.76 -37.40 -2.10
CA SER D 13 22.62 -37.95 -1.38
C SER D 13 22.57 -37.44 0.08
N GLU D 14 23.74 -37.23 0.68
CA GLU D 14 23.83 -36.81 2.08
C GLU D 14 23.32 -35.38 2.30
N ARG D 15 23.53 -34.51 1.31
CA ARG D 15 23.20 -33.05 1.37
C ARG D 15 21.86 -32.76 0.67
N THR D 16 21.16 -33.78 0.17
CA THR D 16 19.96 -33.58 -0.65
C THR D 16 18.83 -34.49 -0.23
N GLU D 17 17.65 -33.91 0.01
CA GLU D 17 16.42 -34.64 0.27
C GLU D 17 15.97 -35.32 -1.02
N GLU D 18 15.49 -36.56 -0.90
CA GLU D 18 15.16 -37.37 -2.07
C GLU D 18 14.04 -36.73 -2.89
N SER D 19 13.00 -36.26 -2.20
CA SER D 19 11.88 -35.56 -2.83
C SER D 19 12.31 -34.36 -3.70
N SER D 20 13.33 -33.63 -3.24
CA SER D 20 13.90 -32.50 -4.00
C SER D 20 14.68 -32.98 -5.23
N ALA D 21 15.47 -34.04 -5.05
CA ALA D 21 16.31 -34.61 -6.14
C ALA D 21 15.48 -35.17 -7.29
N VAL D 22 14.41 -35.90 -6.94
CA VAL D 22 13.48 -36.49 -7.90
C VAL D 22 12.92 -35.39 -8.79
N GLN D 23 12.27 -34.39 -8.18
CA GLN D 23 11.67 -33.28 -8.89
C GLN D 23 12.69 -32.53 -9.75
N TYR D 24 13.87 -32.26 -9.18
CA TYR D 24 14.98 -31.53 -9.84
C TYR D 24 15.38 -32.24 -11.15
N PHE D 25 15.72 -33.53 -11.08
CA PHE D 25 16.20 -34.24 -12.27
C PHE D 25 15.09 -34.51 -13.28
N GLN D 26 13.86 -34.72 -12.80
CA GLN D 26 12.67 -34.76 -13.65
C GLN D 26 12.54 -33.48 -14.48
N PHE D 27 12.72 -32.31 -13.84
CA PHE D 27 12.62 -31.03 -14.53
C PHE D 27 13.63 -30.94 -15.66
N TYR D 28 14.88 -31.34 -15.40
CA TYR D 28 16.00 -31.25 -16.37
C TYR D 28 15.96 -32.41 -17.38
N GLY D 29 15.02 -33.35 -17.23
CA GLY D 29 14.80 -34.42 -18.20
C GLY D 29 14.06 -34.00 -19.46
N TYR D 30 13.40 -32.84 -19.44
CA TYR D 30 12.49 -32.36 -20.52
C TYR D 30 13.31 -31.66 -21.60
N LEU D 31 13.11 -32.06 -22.85
CA LEU D 31 13.70 -31.41 -24.01
C LEU D 31 13.32 -29.93 -24.10
N SER D 32 12.08 -29.60 -23.72
CA SER D 32 11.60 -28.22 -23.71
C SER D 32 12.47 -27.29 -22.84
N GLN D 33 12.96 -27.81 -21.72
CA GLN D 33 13.86 -27.07 -20.84
C GLN D 33 15.25 -26.91 -21.45
N GLN D 34 15.75 -27.97 -22.11
CA GLN D 34 17.01 -27.89 -22.86
C GLN D 34 16.93 -26.82 -23.94
N GLN D 35 15.84 -26.86 -24.70
CA GLN D 35 15.59 -25.89 -25.76
C GLN D 35 15.61 -24.46 -25.20
N ASN D 36 14.96 -24.26 -24.06
CA ASN D 36 14.90 -22.95 -23.42
C ASN D 36 16.31 -22.42 -23.13
N MET D 37 17.15 -23.26 -22.57
CA MET D 37 18.53 -22.89 -22.25
C MET D 37 19.36 -22.67 -23.51
N MET D 38 19.22 -23.57 -24.49
CA MET D 38 19.98 -23.49 -25.73
C MET D 38 19.65 -22.27 -26.57
N GLN D 39 18.39 -21.84 -26.53
CA GLN D 39 17.93 -20.64 -27.23
C GLN D 39 18.41 -19.32 -26.64
N ASP D 40 18.96 -19.36 -25.42
CA ASP D 40 19.64 -18.20 -24.87
C ASP D 40 20.98 -18.06 -25.61
N TYR D 41 21.02 -17.13 -26.57
CA TYR D 41 22.17 -16.95 -27.48
C TYR D 41 23.38 -16.39 -26.72
N VAL D 42 23.13 -15.53 -25.74
CA VAL D 42 24.25 -14.99 -24.92
C VAL D 42 24.93 -16.18 -24.25
N ARG D 43 24.17 -17.07 -23.62
CA ARG D 43 24.75 -18.23 -22.90
C ARG D 43 25.45 -19.19 -23.86
N THR D 44 24.75 -19.66 -24.89
CA THR D 44 25.31 -20.70 -25.80
C THR D 44 26.47 -20.11 -26.60
N GLY D 45 26.31 -18.91 -27.15
CA GLY D 45 27.37 -18.26 -27.94
C GLY D 45 28.60 -17.96 -27.13
N THR D 46 28.42 -17.50 -25.89
CA THR D 46 29.57 -17.14 -25.06
C THR D 46 30.39 -18.37 -24.67
N TYR D 47 29.71 -19.46 -24.29
CA TYR D 47 30.35 -20.76 -23.98
C TYR D 47 31.14 -21.23 -25.22
N GLN D 48 30.53 -21.17 -26.40
CA GLN D 48 31.20 -21.55 -27.63
C GLN D 48 32.46 -20.72 -27.88
N ARG D 49 32.32 -19.39 -27.73
CA ARG D 49 33.43 -18.41 -27.93
C ARG D 49 34.54 -18.72 -26.91
N ALA D 50 34.20 -18.93 -25.64
CA ALA D 50 35.16 -19.22 -24.58
C ALA D 50 35.99 -20.46 -24.90
N ILE D 51 35.32 -21.51 -25.38
CA ILE D 51 35.96 -22.79 -25.67
C ILE D 51 36.80 -22.73 -26.96
N LEU D 52 36.18 -22.29 -28.06
CA LEU D 52 36.84 -22.23 -29.37
C LEU D 52 38.00 -21.24 -29.46
N GLN D 53 37.86 -20.07 -28.82
CA GLN D 53 38.94 -19.08 -28.82
C GLN D 53 40.12 -19.47 -27.91
N ASN D 54 39.88 -20.45 -27.03
CA ASN D 54 40.91 -21.05 -26.20
C ASN D 54 41.16 -22.52 -26.60
N HIS D 55 41.27 -22.75 -27.90
CA HIS D 55 41.38 -24.08 -28.49
C HIS D 55 42.59 -24.88 -27.97
N THR D 56 43.70 -24.19 -27.68
CA THR D 56 44.90 -24.83 -27.13
C THR D 56 44.71 -25.40 -25.72
N ASP D 57 43.68 -24.93 -25.01
CA ASP D 57 43.25 -25.54 -23.73
C ASP D 57 42.49 -26.86 -23.92
N PHE D 58 42.08 -27.13 -25.17
CA PHE D 58 41.32 -28.34 -25.50
C PHE D 58 42.01 -29.30 -26.45
N LYS D 59 42.86 -28.78 -27.34
CA LYS D 59 43.54 -29.57 -28.36
C LYS D 59 44.28 -30.79 -27.76
N ASP D 60 43.81 -31.99 -28.12
CA ASP D 60 44.36 -33.28 -27.67
C ASP D 60 44.33 -33.50 -26.16
N LYS D 61 43.38 -32.85 -25.47
CA LYS D 61 43.24 -32.94 -24.02
C LYS D 61 42.08 -33.85 -23.64
N ILE D 62 42.08 -34.28 -22.37
CA ILE D 62 40.99 -35.05 -21.78
C ILE D 62 40.11 -34.07 -21.02
N VAL D 63 38.78 -34.19 -21.21
CA VAL D 63 37.81 -33.24 -20.70
C VAL D 63 36.71 -33.95 -19.92
N LEU D 64 36.23 -33.29 -18.85
CA LEU D 64 35.05 -33.70 -18.11
C LEU D 64 34.00 -32.59 -18.23
N ASP D 65 32.79 -32.97 -18.65
CA ASP D 65 31.63 -32.10 -18.78
C ASP D 65 30.59 -32.46 -17.70
N VAL D 66 30.50 -31.63 -16.66
CA VAL D 66 29.67 -31.92 -15.49
C VAL D 66 28.26 -31.38 -15.71
N GLY D 67 27.28 -32.28 -15.73
CA GLY D 67 25.89 -31.94 -15.97
C GLY D 67 25.67 -31.47 -17.40
N CYS D 68 26.01 -32.34 -18.37
CA CYS D 68 26.11 -31.97 -19.78
C CYS D 68 24.78 -31.71 -20.49
N GLY D 69 23.67 -32.18 -19.90
CA GLY D 69 22.35 -32.03 -20.49
C GLY D 69 22.36 -32.71 -21.85
N SER D 70 21.97 -31.97 -22.89
CA SER D 70 21.92 -32.45 -24.27
C SER D 70 23.30 -32.71 -24.86
N GLY D 71 24.35 -32.12 -24.24
CA GLY D 71 25.73 -32.38 -24.57
C GLY D 71 26.46 -31.25 -25.28
N ILE D 72 25.82 -30.09 -25.40
CA ILE D 72 26.28 -29.01 -26.25
C ILE D 72 27.72 -28.59 -25.99
N LEU D 73 28.10 -28.50 -24.70
CA LEU D 73 29.45 -28.08 -24.32
C LEU D 73 30.48 -29.11 -24.71
N SER D 74 30.11 -30.40 -24.66
CA SER D 74 30.98 -31.47 -25.10
C SER D 74 31.25 -31.38 -26.60
N PHE D 75 30.21 -31.02 -27.38
CA PHE D 75 30.36 -30.82 -28.82
C PHE D 75 31.28 -29.64 -29.11
N PHE D 76 31.21 -28.60 -28.28
CA PHE D 76 32.12 -27.47 -28.42
C PHE D 76 33.56 -27.88 -28.11
N ALA D 77 33.74 -28.66 -27.04
CA ALA D 77 35.04 -29.23 -26.69
C ALA D 77 35.61 -30.07 -27.84
N ALA D 78 34.76 -30.87 -28.48
CA ALA D 78 35.12 -31.66 -29.67
C ALA D 78 35.55 -30.77 -30.86
N GLN D 79 34.79 -29.71 -31.13
CA GLN D 79 35.11 -28.77 -32.21
C GLN D 79 36.48 -28.11 -32.00
N ALA D 80 36.87 -27.96 -30.73
CA ALA D 80 38.15 -27.35 -30.34
C ALA D 80 39.31 -28.35 -30.27
N GLY D 81 39.03 -29.63 -30.61
CA GLY D 81 40.06 -30.64 -30.81
C GLY D 81 40.38 -31.55 -29.62
N ALA D 82 39.43 -31.68 -28.69
CA ALA D 82 39.62 -32.57 -27.54
C ALA D 82 39.80 -34.01 -28.00
N ARG D 83 40.75 -34.72 -27.40
CA ARG D 83 41.01 -36.16 -27.65
C ARG D 83 39.85 -36.98 -27.08
N LYS D 84 39.45 -36.71 -25.82
CA LYS D 84 38.37 -37.45 -25.17
C LYS D 84 37.61 -36.56 -24.19
N ILE D 85 36.29 -36.71 -24.19
CA ILE D 85 35.39 -35.93 -23.37
C ILE D 85 34.41 -36.86 -22.67
N TYR D 86 34.44 -36.88 -21.34
CA TYR D 86 33.48 -37.60 -20.48
C TYR D 86 32.37 -36.63 -20.09
N ALA D 87 31.13 -36.92 -20.52
CA ALA D 87 29.99 -36.05 -20.33
C ALA D 87 29.08 -36.73 -19.33
N VAL D 88 29.03 -36.18 -18.10
CA VAL D 88 28.26 -36.73 -17.01
C VAL D 88 26.93 -36.01 -16.87
N GLU D 89 25.85 -36.79 -16.74
CA GLU D 89 24.51 -36.24 -16.60
C GLU D 89 23.60 -37.22 -15.87
N ALA D 90 22.87 -36.71 -14.87
CA ALA D 90 22.12 -37.54 -13.92
C ALA D 90 20.64 -37.68 -14.33
N SER D 91 20.14 -36.73 -15.11
CA SER D 91 18.77 -36.76 -15.61
C SER D 91 18.69 -37.72 -16.78
N THR D 92 17.46 -38.05 -17.19
CA THR D 92 17.19 -38.89 -18.35
C THR D 92 17.66 -38.25 -19.68
N MET D 93 18.02 -36.95 -19.65
CA MET D 93 18.65 -36.27 -20.78
C MET D 93 19.94 -36.97 -21.25
N ALA D 94 20.58 -37.73 -20.35
CA ALA D 94 21.76 -38.52 -20.69
C ALA D 94 21.56 -39.36 -21.97
N GLN D 95 20.38 -39.98 -22.09
CA GLN D 95 20.06 -40.87 -23.20
C GLN D 95 19.89 -40.09 -24.53
N HIS D 96 19.34 -38.87 -24.44
CA HIS D 96 19.20 -37.99 -25.59
C HIS D 96 20.57 -37.46 -26.05
N ALA D 97 21.46 -37.18 -25.09
CA ALA D 97 22.83 -36.79 -25.41
C ALA D 97 23.57 -37.91 -26.20
N GLU D 98 23.39 -39.16 -25.76
CA GLU D 98 23.96 -40.31 -26.44
C GLU D 98 23.51 -40.37 -27.90
N VAL D 99 22.21 -40.20 -28.12
CA VAL D 99 21.63 -40.15 -29.46
C VAL D 99 22.35 -39.10 -30.35
N LEU D 100 22.51 -37.88 -29.82
CA LEU D 100 23.20 -36.81 -30.54
C LEU D 100 24.65 -37.12 -30.85
N VAL D 101 25.35 -37.76 -29.91
CA VAL D 101 26.75 -38.15 -30.10
C VAL D 101 26.91 -39.11 -31.29
N LYS D 102 26.00 -40.08 -31.38
CA LYS D 102 25.97 -41.04 -32.48
C LYS D 102 25.61 -40.36 -33.80
N SER D 103 24.52 -39.57 -33.79
CA SER D 103 24.04 -38.90 -34.99
C SER D 103 25.05 -37.90 -35.55
N ASN D 104 25.93 -37.37 -34.69
CA ASN D 104 27.01 -36.46 -35.10
C ASN D 104 28.37 -37.14 -35.30
N ASN D 105 28.41 -38.48 -35.30
CA ASN D 105 29.61 -39.28 -35.56
C ASN D 105 30.80 -38.91 -34.67
N LEU D 106 30.51 -38.76 -33.37
CA LEU D 106 31.50 -38.35 -32.39
C LEU D 106 31.65 -39.38 -31.26
N THR D 107 31.25 -40.63 -31.53
CA THR D 107 31.32 -41.72 -30.54
C THR D 107 32.76 -42.02 -30.13
N ASP D 108 33.73 -41.71 -31.00
CA ASP D 108 35.16 -41.88 -30.71
C ASP D 108 35.74 -40.84 -29.74
N ARG D 109 35.03 -39.73 -29.53
CA ARG D 109 35.54 -38.57 -28.74
C ARG D 109 34.64 -38.25 -27.55
N ILE D 110 33.32 -38.41 -27.65
CA ILE D 110 32.42 -38.08 -26.53
C ILE D 110 31.80 -39.32 -25.93
N VAL D 111 32.08 -39.54 -24.64
CA VAL D 111 31.56 -40.67 -23.89
C VAL D 111 30.62 -40.14 -22.83
N VAL D 112 29.31 -40.39 -23.02
CA VAL D 112 28.29 -40.06 -22.06
C VAL D 112 28.30 -41.07 -20.91
N ILE D 113 28.32 -40.56 -19.68
CA ILE D 113 28.31 -41.37 -18.47
C ILE D 113 27.09 -40.95 -17.65
N PRO D 114 26.02 -41.77 -17.63
CA PRO D 114 24.82 -41.42 -16.87
C PRO D 114 25.06 -41.55 -15.36
N GLY D 115 24.58 -40.58 -14.57
CA GLY D 115 24.67 -40.60 -13.13
C GLY D 115 25.09 -39.27 -12.55
N LYS D 116 25.11 -39.20 -11.21
CA LYS D 116 25.60 -38.03 -10.49
C LYS D 116 27.13 -38.09 -10.53
N VAL D 117 27.75 -36.92 -10.74
CA VAL D 117 29.20 -36.82 -10.78
C VAL D 117 29.86 -37.19 -9.44
N GLU D 118 29.08 -37.16 -8.37
CA GLU D 118 29.51 -37.60 -7.04
C GLU D 118 29.55 -39.13 -6.89
N GLU D 119 28.93 -39.84 -7.84
CA GLU D 119 28.71 -41.30 -7.74
C GLU D 119 29.38 -42.13 -8.83
N VAL D 120 29.46 -41.61 -10.05
CA VAL D 120 30.05 -42.33 -11.19
C VAL D 120 31.56 -42.52 -11.02
N SER D 121 32.15 -43.44 -11.80
CA SER D 121 33.60 -43.61 -11.87
C SER D 121 34.09 -43.25 -13.28
N LEU D 122 35.20 -42.50 -13.33
CA LEU D 122 35.86 -42.14 -14.58
C LEU D 122 37.09 -43.00 -14.72
N PRO D 123 37.45 -43.45 -15.94
CA PRO D 123 38.64 -44.28 -16.13
C PRO D 123 39.96 -43.54 -15.93
N GLU D 124 39.98 -42.21 -16.10
CA GLU D 124 41.22 -41.43 -16.03
C GLU D 124 41.00 -40.01 -15.55
N GLN D 125 42.10 -39.34 -15.18
CA GLN D 125 42.08 -37.94 -14.76
C GLN D 125 41.99 -37.06 -16.00
N VAL D 126 41.46 -35.85 -15.83
CA VAL D 126 41.21 -34.93 -16.93
C VAL D 126 42.08 -33.67 -16.83
N ASP D 127 42.28 -33.01 -17.98
CA ASP D 127 43.06 -31.79 -18.08
C ASP D 127 42.22 -30.54 -17.77
N ILE D 128 40.91 -30.65 -17.99
CA ILE D 128 40.01 -29.51 -17.88
C ILE D 128 38.58 -29.97 -17.62
N ILE D 129 37.88 -29.22 -16.75
CA ILE D 129 36.48 -29.44 -16.45
C ILE D 129 35.70 -28.29 -17.05
N ILE D 130 34.59 -28.62 -17.73
CA ILE D 130 33.63 -27.64 -18.21
C ILE D 130 32.25 -27.96 -17.64
N SER D 131 31.45 -26.92 -17.40
CA SER D 131 30.11 -27.04 -16.84
C SER D 131 29.38 -25.73 -16.94
N GLU D 132 28.05 -25.81 -16.79
CA GLU D 132 27.21 -24.65 -16.52
C GLU D 132 26.53 -24.91 -15.17
N PRO D 133 27.25 -24.72 -14.05
CA PRO D 133 26.68 -24.98 -12.73
C PRO D 133 25.88 -23.82 -12.10
N MET D 134 25.80 -22.66 -12.77
CA MET D 134 25.17 -21.46 -12.21
C MET D 134 23.64 -21.53 -12.23
N GLY D 135 23.02 -21.31 -11.06
CA GLY D 135 21.58 -21.12 -10.95
C GLY D 135 21.26 -19.64 -10.77
N TYR D 136 19.99 -19.35 -10.53
CA TYR D 136 19.53 -17.99 -10.11
C TYR D 136 20.46 -17.49 -9.01
N MET D 137 20.89 -16.23 -9.10
CA MET D 137 21.70 -15.62 -8.06
C MET D 137 23.01 -16.38 -7.87
N LEU D 138 23.44 -17.05 -8.95
CA LEU D 138 24.61 -17.93 -9.00
C LEU D 138 24.46 -19.27 -8.24
N PHE D 139 24.10 -19.18 -6.96
CA PHE D 139 24.21 -20.30 -6.01
C PHE D 139 23.06 -21.30 -6.02
N ASN D 140 21.87 -20.87 -6.44
CA ASN D 140 20.71 -21.74 -6.42
C ASN D 140 20.97 -23.04 -7.20
N GLU D 141 20.34 -24.12 -6.73
CA GLU D 141 20.49 -25.50 -7.22
C GLU D 141 21.65 -26.26 -6.56
N ARG D 142 22.58 -25.52 -5.94
CA ARG D 142 23.77 -26.07 -5.25
C ARG D 142 24.59 -26.93 -6.21
N MET D 143 24.62 -26.58 -7.49
CA MET D 143 25.37 -27.34 -8.45
C MET D 143 26.84 -26.94 -8.44
N LEU D 144 27.14 -25.73 -7.92
CA LEU D 144 28.52 -25.30 -7.78
C LEU D 144 29.34 -26.32 -6.96
N GLU D 145 28.67 -26.97 -6.01
CA GLU D 145 29.31 -27.98 -5.17
C GLU D 145 29.66 -29.26 -5.95
N SER D 146 28.77 -29.66 -6.86
CA SER D 146 29.02 -30.82 -7.73
C SER D 146 30.20 -30.52 -8.64
N TYR D 147 30.26 -29.29 -9.14
CA TYR D 147 31.34 -28.78 -10.03
C TYR D 147 32.67 -28.84 -9.27
N LEU D 148 32.69 -28.39 -8.01
CA LEU D 148 33.90 -28.37 -7.19
C LEU D 148 34.28 -29.79 -6.79
N HIS D 149 33.27 -30.61 -6.45
CA HIS D 149 33.46 -32.02 -6.14
C HIS D 149 34.22 -32.73 -7.27
N ALA D 150 33.90 -32.35 -8.52
CA ALA D 150 34.49 -32.96 -9.71
C ALA D 150 36.01 -32.77 -9.84
N LYS D 151 36.59 -31.84 -9.07
CA LYS D 151 38.03 -31.60 -9.07
C LYS D 151 38.87 -32.78 -8.59
N LYS D 152 38.24 -33.78 -7.97
CA LYS D 152 38.92 -35.03 -7.62
C LYS D 152 39.42 -35.76 -8.87
N TYR D 153 38.86 -35.43 -10.03
CA TYR D 153 39.20 -36.02 -11.35
C TYR D 153 40.15 -35.10 -12.12
N LEU D 154 40.49 -33.93 -11.58
CA LEU D 154 41.32 -32.95 -12.27
C LEU D 154 42.78 -33.18 -11.97
N LYS D 155 43.61 -33.22 -13.03
CA LYS D 155 45.06 -33.28 -12.88
C LYS D 155 45.57 -32.04 -12.15
N PRO D 156 46.77 -32.11 -11.52
CA PRO D 156 47.42 -30.90 -11.02
C PRO D 156 47.62 -29.91 -12.17
N SER D 157 47.41 -28.63 -11.92
CA SER D 157 47.50 -27.58 -12.94
C SER D 157 46.45 -27.66 -14.05
N GLY D 158 45.47 -28.57 -13.86
CA GLY D 158 44.24 -28.59 -14.64
C GLY D 158 43.46 -27.29 -14.50
N ASN D 159 42.64 -27.00 -15.52
CA ASN D 159 41.86 -25.77 -15.56
C ASN D 159 40.38 -26.07 -15.43
N MET D 160 39.61 -25.00 -15.22
CA MET D 160 38.16 -25.09 -15.08
C MET D 160 37.49 -23.95 -15.82
N PHE D 161 36.38 -24.29 -16.47
CA PHE D 161 35.64 -23.41 -17.38
C PHE D 161 34.16 -23.53 -17.01
N PRO D 162 33.57 -22.57 -16.26
CA PRO D 162 34.24 -21.32 -15.89
C PRO D 162 35.29 -21.44 -14.78
N THR D 163 36.21 -20.47 -14.71
CA THR D 163 37.33 -20.46 -13.78
C THR D 163 36.96 -19.76 -12.47
N ILE D 164 36.27 -18.61 -12.57
CA ILE D 164 35.80 -17.86 -11.40
C ILE D 164 34.36 -17.36 -11.60
N GLY D 165 33.69 -17.09 -10.48
CA GLY D 165 32.37 -16.48 -10.46
C GLY D 165 32.33 -15.28 -9.52
N ASP D 166 31.77 -14.16 -9.99
CA ASP D 166 31.59 -12.93 -9.19
C ASP D 166 30.10 -12.70 -8.97
N VAL D 167 29.67 -12.72 -7.70
CA VAL D 167 28.33 -12.26 -7.36
C VAL D 167 28.36 -10.77 -7.02
N HIS D 168 27.41 -10.03 -7.60
CA HIS D 168 27.31 -8.58 -7.33
C HIS D 168 26.02 -8.27 -6.56
N LEU D 169 26.12 -7.43 -5.54
CA LEU D 169 24.93 -6.99 -4.78
C LEU D 169 24.92 -5.46 -4.77
N ALA D 170 23.74 -4.85 -4.90
CA ALA D 170 23.61 -3.37 -4.93
C ALA D 170 22.22 -2.98 -4.41
N PRO D 171 22.10 -1.89 -3.64
CA PRO D 171 20.81 -1.44 -3.13
C PRO D 171 19.95 -0.82 -4.24
N PHE D 172 18.65 -1.07 -4.18
CA PHE D 172 17.76 -0.49 -5.19
C PHE D 172 16.53 0.17 -4.59
N THR D 173 15.95 1.10 -5.36
CA THR D 173 14.67 1.71 -5.04
C THR D 173 13.69 1.34 -6.16
N ASP D 174 12.56 0.74 -5.76
CA ASP D 174 11.49 0.39 -6.68
C ASP D 174 10.20 0.33 -5.91
N GLU D 175 9.52 1.47 -5.84
CA GLU D 175 8.29 1.65 -5.07
C GLU D 175 7.19 0.76 -5.63
N GLN D 176 7.09 0.68 -6.95
CA GLN D 176 6.07 -0.12 -7.62
C GLN D 176 6.22 -1.62 -7.30
N LEU D 177 7.47 -2.13 -7.29
CA LEU D 177 7.72 -3.53 -6.93
C LEU D 177 7.29 -3.77 -5.48
N TYR D 178 7.69 -2.87 -4.59
CA TYR D 178 7.38 -2.95 -3.14
C TYR D 178 5.86 -2.97 -2.95
N MET D 179 5.14 -2.01 -3.56
CA MET D 179 3.71 -1.85 -3.35
C MET D 179 2.91 -3.00 -3.91
N GLU D 180 3.40 -3.60 -5.00
CA GLU D 180 2.79 -4.76 -5.61
C GLU D 180 2.74 -5.95 -4.63
N GLN D 181 3.89 -6.22 -4.00
CA GLN D 181 4.02 -7.36 -3.10
C GLN D 181 3.23 -7.09 -1.82
N PHE D 182 3.25 -5.84 -1.37
CA PHE D 182 2.53 -5.38 -0.19
C PHE D 182 1.00 -5.44 -0.41
N THR D 183 0.58 -4.97 -1.59
CA THR D 183 -0.81 -4.97 -1.99
C THR D 183 -1.39 -6.38 -2.02
N LYS D 184 -0.62 -7.35 -2.55
CA LYS D 184 -1.00 -8.76 -2.51
C LYS D 184 -1.18 -9.29 -1.10
N ALA D 185 -0.21 -9.02 -0.21
CA ALA D 185 -0.30 -9.48 1.18
C ALA D 185 -1.49 -8.87 1.91
N ASN D 186 -1.80 -7.61 1.57
CA ASN D 186 -2.86 -6.87 2.27
C ASN D 186 -4.28 -7.41 2.03
N PHE D 187 -4.41 -8.38 1.11
CA PHE D 187 -5.63 -9.16 0.95
C PHE D 187 -6.05 -9.74 2.30
N TRP D 188 -5.07 -10.14 3.11
CA TRP D 188 -5.33 -10.77 4.40
C TRP D 188 -5.63 -9.79 5.54
N TYR D 189 -5.67 -8.48 5.24
CA TYR D 189 -6.13 -7.41 6.17
C TYR D 189 -7.66 -7.43 6.33
N GLN D 190 -8.44 -8.01 5.40
CA GLN D 190 -9.89 -7.78 5.40
C GLN D 190 -10.57 -8.30 6.67
N PRO D 191 -11.39 -7.48 7.36
CA PRO D 191 -12.14 -7.94 8.52
C PRO D 191 -13.41 -8.73 8.16
N SER D 192 -13.86 -8.67 6.90
CA SER D 192 -15.07 -9.38 6.50
C SER D 192 -15.04 -9.84 5.05
N PHE D 193 -14.20 -10.84 4.78
CA PHE D 193 -14.17 -11.55 3.52
C PHE D 193 -15.26 -12.62 3.54
N HIS D 194 -16.36 -12.37 2.81
CA HIS D 194 -17.56 -13.20 2.92
C HIS D 194 -17.92 -13.44 4.40
N GLY D 195 -17.80 -12.40 5.23
CA GLY D 195 -18.15 -12.46 6.65
C GLY D 195 -17.08 -13.01 7.60
N VAL D 196 -15.88 -13.27 7.08
CA VAL D 196 -14.79 -13.85 7.84
C VAL D 196 -13.62 -12.88 7.98
N ASP D 197 -13.14 -12.74 9.22
CA ASP D 197 -12.06 -11.82 9.55
C ASP D 197 -10.75 -12.56 9.31
N LEU D 198 -9.99 -12.05 8.34
CA LEU D 198 -8.74 -12.69 7.93
C LEU D 198 -7.50 -12.02 8.53
N SER D 199 -7.70 -10.87 9.21
CA SER D 199 -6.60 -9.99 9.60
C SER D 199 -5.55 -10.62 10.49
N ALA D 200 -5.93 -11.66 11.25
CA ALA D 200 -4.96 -12.35 12.12
C ALA D 200 -3.81 -13.00 11.32
N LEU D 201 -4.03 -13.29 10.04
CA LEU D 201 -3.03 -13.90 9.19
C LEU D 201 -2.20 -12.93 8.37
N ARG D 202 -2.46 -11.64 8.50
CA ARG D 202 -1.87 -10.59 7.64
C ARG D 202 -0.34 -10.59 7.78
N GLY D 203 0.18 -10.67 9.00
CA GLY D 203 1.61 -10.71 9.26
C GLY D 203 2.28 -11.91 8.58
N ALA D 204 1.62 -13.06 8.67
CA ALA D 204 2.12 -14.29 8.07
C ALA D 204 2.11 -14.22 6.54
N ALA D 205 1.11 -13.54 5.97
CA ALA D 205 1.00 -13.35 4.53
C ALA D 205 2.14 -12.47 4.02
N VAL D 206 2.39 -11.36 4.72
CA VAL D 206 3.52 -10.48 4.41
C VAL D 206 4.83 -11.22 4.44
N ASP D 207 5.10 -11.98 5.50
CA ASP D 207 6.31 -12.81 5.61
C ASP D 207 6.46 -13.70 4.38
N GLU D 208 5.38 -14.41 4.02
CA GLU D 208 5.41 -15.34 2.90
C GLU D 208 5.80 -14.66 1.59
N TYR D 209 5.16 -13.53 1.29
CA TYR D 209 5.37 -12.78 0.03
C TYR D 209 6.79 -12.20 0.01
N PHE D 210 7.25 -11.68 1.15
CA PHE D 210 8.55 -11.00 1.19
C PHE D 210 9.71 -11.98 1.27
N ARG D 211 9.41 -13.23 1.66
CA ARG D 211 10.38 -14.36 1.64
C ARG D 211 10.73 -14.76 0.20
N GLN D 212 9.92 -14.42 -0.81
CA GLN D 212 10.20 -14.79 -2.19
C GLN D 212 11.15 -13.82 -2.88
N PRO D 213 12.34 -14.26 -3.34
CA PRO D 213 13.17 -13.44 -4.21
C PRO D 213 12.43 -13.19 -5.52
N VAL D 214 12.57 -11.99 -6.08
CA VAL D 214 11.87 -11.58 -7.28
C VAL D 214 12.85 -11.75 -8.45
N VAL D 215 12.48 -12.64 -9.37
CA VAL D 215 13.27 -12.89 -10.57
C VAL D 215 12.62 -12.19 -11.74
N ASP D 216 13.32 -11.16 -12.24
CA ASP D 216 12.96 -10.42 -13.44
C ASP D 216 14.11 -9.45 -13.70
N THR D 217 13.94 -8.56 -14.67
CA THR D 217 14.97 -7.58 -14.97
C THR D 217 14.46 -6.19 -14.64
N PHE D 218 15.36 -5.21 -14.65
CA PHE D 218 15.05 -3.84 -14.29
C PHE D 218 16.03 -2.90 -14.96
N ASP D 219 15.63 -1.63 -15.09
CA ASP D 219 16.52 -0.56 -15.52
C ASP D 219 17.56 -0.30 -14.42
N ILE D 220 18.82 -0.11 -14.81
CA ILE D 220 19.92 0.16 -13.88
C ILE D 220 19.78 1.48 -13.08
N ARG D 221 18.84 2.34 -13.47
CA ARG D 221 18.58 3.65 -12.83
C ARG D 221 17.94 3.44 -11.45
N ILE D 222 17.48 2.23 -11.11
CA ILE D 222 16.98 1.94 -9.78
C ILE D 222 18.09 1.67 -8.75
N LEU D 223 19.32 1.44 -9.22
CA LEU D 223 20.45 1.12 -8.35
C LEU D 223 20.97 2.38 -7.70
N MET D 224 21.17 2.33 -6.38
CA MET D 224 21.45 3.51 -5.56
C MET D 224 22.90 3.62 -5.08
N ALA D 225 23.72 2.62 -5.46
CA ALA D 225 25.13 2.59 -5.12
C ALA D 225 25.86 1.59 -6.00
N LYS D 226 27.16 1.82 -6.18
CA LYS D 226 28.04 0.92 -6.89
C LYS D 226 27.95 -0.46 -6.22
N SER D 227 27.99 -1.52 -7.03
CA SER D 227 27.82 -2.88 -6.53
C SER D 227 29.02 -3.29 -5.67
N VAL D 228 28.78 -4.24 -4.75
CA VAL D 228 29.82 -4.92 -4.00
C VAL D 228 29.95 -6.32 -4.62
N LYS D 229 31.19 -6.80 -4.75
CA LYS D 229 31.53 -8.04 -5.45
C LYS D 229 32.05 -9.10 -4.48
N TYR D 230 31.47 -10.31 -4.54
CA TYR D 230 31.96 -11.52 -3.81
C TYR D 230 32.40 -12.57 -4.84
N THR D 231 33.67 -12.97 -4.78
CA THR D 231 34.29 -13.84 -5.79
C THR D 231 34.51 -15.24 -5.25
N VAL D 232 34.09 -16.24 -6.05
CA VAL D 232 34.41 -17.63 -5.83
C VAL D 232 35.37 -18.04 -6.93
N ASN D 233 36.59 -18.44 -6.53
CA ASN D 233 37.58 -18.96 -7.45
C ASN D 233 37.43 -20.49 -7.49
N PHE D 234 36.95 -21.01 -8.62
CA PHE D 234 36.63 -22.45 -8.72
C PHE D 234 37.85 -23.36 -8.69
N LEU D 235 39.02 -22.83 -9.08
CA LEU D 235 40.29 -23.56 -8.97
C LEU D 235 40.71 -23.81 -7.51
N GLU D 236 40.33 -22.92 -6.60
CA GLU D 236 40.79 -22.94 -5.21
C GLU D 236 39.74 -23.40 -4.19
N ALA D 237 38.47 -23.12 -4.47
CA ALA D 237 37.40 -23.38 -3.52
C ALA D 237 37.14 -24.88 -3.30
N LYS D 238 36.62 -25.21 -2.12
CA LYS D 238 36.23 -26.55 -1.73
C LYS D 238 34.70 -26.53 -1.62
N GLU D 239 34.06 -27.69 -1.83
CA GLU D 239 32.61 -27.86 -1.64
C GLU D 239 32.13 -27.20 -0.37
N GLY D 240 32.82 -27.51 0.74
CA GLY D 240 32.51 -27.00 2.06
C GLY D 240 32.36 -25.49 2.16
N ASP D 241 33.14 -24.74 1.36
CA ASP D 241 33.07 -23.27 1.34
C ASP D 241 31.69 -22.71 0.97
N LEU D 242 30.85 -23.54 0.33
CA LEU D 242 29.55 -23.09 -0.15
C LEU D 242 28.37 -23.47 0.74
N HIS D 243 28.63 -24.17 1.85
CA HIS D 243 27.58 -24.54 2.80
C HIS D 243 27.09 -23.34 3.57
N ARG D 244 28.01 -22.40 3.87
CA ARG D 244 27.73 -21.14 4.60
C ARG D 244 28.49 -19.99 3.94
N ILE D 245 27.80 -19.11 3.23
CA ILE D 245 28.42 -18.04 2.48
C ILE D 245 28.06 -16.70 3.13
N GLU D 246 29.07 -16.03 3.69
CA GLU D 246 28.93 -14.74 4.34
C GLU D 246 29.49 -13.63 3.45
N ILE D 247 28.62 -12.71 3.05
CA ILE D 247 28.96 -11.60 2.17
C ILE D 247 28.78 -10.27 2.92
N PRO D 248 29.86 -9.68 3.47
CA PRO D 248 29.77 -8.36 4.05
C PRO D 248 29.59 -7.31 2.95
N PHE D 249 28.95 -6.18 3.27
CA PHE D 249 28.83 -5.08 2.32
C PHE D 249 28.80 -3.75 3.04
N LYS D 250 29.38 -2.75 2.39
CA LYS D 250 29.37 -1.37 2.84
C LYS D 250 29.15 -0.53 1.57
N PHE D 251 27.90 -0.08 1.36
CA PHE D 251 27.54 0.70 0.19
C PHE D 251 27.66 2.18 0.48
N HIS D 252 28.28 2.92 -0.44
CA HIS D 252 28.34 4.37 -0.37
C HIS D 252 27.23 4.91 -1.28
N MET D 253 26.18 5.47 -0.65
CA MET D 253 24.94 5.83 -1.34
C MET D 253 25.19 6.99 -2.28
N LEU D 254 24.84 6.79 -3.55
CA LEU D 254 25.02 7.77 -4.61
C LEU D 254 23.79 8.66 -4.80
N HIS D 255 22.63 8.19 -4.31
CA HIS D 255 21.36 8.92 -4.42
C HIS D 255 20.58 8.79 -3.11
N SER D 256 19.77 9.80 -2.81
CA SER D 256 18.88 9.79 -1.65
C SER D 256 17.57 9.10 -2.02
N GLY D 257 16.92 8.49 -1.02
CA GLY D 257 15.62 7.88 -1.20
C GLY D 257 15.46 6.63 -0.35
N LEU D 258 14.34 5.94 -0.57
CA LEU D 258 14.01 4.70 0.10
C LEU D 258 14.69 3.52 -0.60
N VAL D 259 15.45 2.74 0.19
CA VAL D 259 16.05 1.50 -0.29
C VAL D 259 15.07 0.37 -0.01
N HIS D 260 14.53 -0.25 -1.07
CA HIS D 260 13.51 -1.28 -0.94
C HIS D 260 14.07 -2.71 -0.82
N GLY D 261 15.37 -2.88 -1.07
CA GLY D 261 16.02 -4.16 -0.99
C GLY D 261 17.37 -4.18 -1.69
N LEU D 262 17.90 -5.39 -1.90
CA LEU D 262 19.15 -5.61 -2.61
C LEU D 262 18.93 -6.38 -3.93
N ALA D 263 19.64 -5.95 -4.97
CA ALA D 263 19.62 -6.61 -6.28
C ALA D 263 20.89 -7.44 -6.43
N PHE D 264 20.74 -8.62 -7.04
CA PHE D 264 21.83 -9.56 -7.24
C PHE D 264 21.94 -9.95 -8.71
N TRP D 265 23.18 -10.00 -9.20
CA TRP D 265 23.50 -10.63 -10.46
C TRP D 265 24.87 -11.27 -10.32
N PHE D 266 25.31 -11.97 -11.37
CA PHE D 266 26.64 -12.60 -11.38
C PHE D 266 27.28 -12.58 -12.76
N ASP D 267 28.62 -12.57 -12.75
CA ASP D 267 29.45 -12.82 -13.92
C ASP D 267 30.27 -14.08 -13.63
N VAL D 268 30.62 -14.82 -14.70
CA VAL D 268 31.67 -15.85 -14.64
C VAL D 268 32.71 -15.54 -15.71
N ALA D 269 33.94 -15.96 -15.47
CA ALA D 269 35.04 -15.77 -16.40
C ALA D 269 35.64 -17.12 -16.76
N PHE D 270 35.87 -17.32 -18.06
CA PHE D 270 36.62 -18.45 -18.59
C PHE D 270 38.04 -17.95 -18.84
N ILE D 271 38.96 -18.28 -17.92
CA ILE D 271 40.35 -17.81 -17.97
C ILE D 271 41.19 -18.84 -18.73
N GLY D 272 41.28 -18.66 -20.06
CA GLY D 272 42.03 -19.54 -20.92
C GLY D 272 43.44 -19.05 -21.15
N SER D 273 44.26 -19.89 -21.79
CA SER D 273 45.65 -19.60 -22.13
C SER D 273 45.78 -18.48 -23.17
N ILE D 274 44.78 -18.37 -24.06
CA ILE D 274 44.80 -17.40 -25.15
C ILE D 274 44.07 -16.13 -24.78
N MET D 275 42.93 -16.26 -24.11
CA MET D 275 42.18 -15.11 -23.61
C MET D 275 41.18 -15.46 -22.52
N THR D 276 40.74 -14.41 -21.82
CA THR D 276 39.69 -14.49 -20.82
C THR D 276 38.39 -14.01 -21.46
N VAL D 277 37.34 -14.83 -21.33
CA VAL D 277 36.02 -14.53 -21.86
C VAL D 277 35.06 -14.49 -20.69
N TRP D 278 34.24 -13.43 -20.66
CA TRP D 278 33.28 -13.17 -19.60
C TRP D 278 31.86 -13.45 -20.08
N LEU D 279 31.07 -14.10 -19.21
CA LEU D 279 29.64 -14.23 -19.37
C LEU D 279 29.01 -13.46 -18.22
N SER D 280 28.31 -12.36 -18.53
CA SER D 280 27.71 -11.48 -17.53
C SER D 280 26.18 -11.55 -17.57
N THR D 281 25.56 -11.63 -16.38
CA THR D 281 24.11 -11.53 -16.23
C THR D 281 23.69 -10.17 -15.64
N ALA D 282 24.60 -9.18 -15.72
CA ALA D 282 24.36 -7.83 -15.21
C ALA D 282 23.19 -7.15 -15.92
N PRO D 283 22.48 -6.23 -15.22
CA PRO D 283 21.38 -5.48 -15.84
C PRO D 283 21.84 -4.49 -16.93
N THR D 284 23.14 -4.18 -16.97
CA THR D 284 23.75 -3.38 -18.04
C THR D 284 23.96 -4.19 -19.33
N GLU D 285 23.81 -5.51 -19.24
CA GLU D 285 24.11 -6.42 -20.32
C GLU D 285 22.82 -7.04 -20.86
N PRO D 286 22.82 -7.59 -22.10
CA PRO D 286 21.62 -8.21 -22.66
C PRO D 286 21.05 -9.28 -21.70
N LEU D 287 19.74 -9.42 -21.70
CA LEU D 287 19.03 -10.33 -20.83
C LEU D 287 19.44 -11.79 -21.13
N THR D 288 19.61 -12.58 -20.07
CA THR D 288 19.85 -14.00 -20.13
C THR D 288 18.70 -14.69 -19.41
N HIS D 289 18.68 -16.02 -19.46
CA HIS D 289 17.64 -16.81 -18.79
C HIS D 289 17.85 -16.86 -17.25
N TRP D 290 18.95 -16.26 -16.77
CA TRP D 290 19.19 -16.04 -15.35
C TRP D 290 18.54 -14.76 -14.81
N TYR D 291 18.15 -13.87 -15.72
CA TYR D 291 17.57 -12.53 -15.40
C TYR D 291 18.47 -11.85 -14.34
N GLN D 292 17.85 -11.28 -13.32
CA GLN D 292 18.51 -10.79 -12.11
C GLN D 292 17.57 -11.11 -10.96
N VAL D 293 18.08 -10.99 -9.73
CA VAL D 293 17.31 -11.35 -8.55
C VAL D 293 17.32 -10.22 -7.53
N ARG D 294 16.13 -9.90 -7.03
CA ARG D 294 15.94 -8.83 -6.02
C ARG D 294 15.33 -9.43 -4.76
N CYS D 295 15.95 -9.13 -3.61
CA CYS D 295 15.43 -9.46 -2.30
C CYS D 295 14.90 -8.18 -1.65
N LEU D 296 13.58 -8.10 -1.45
CA LEU D 296 12.93 -6.98 -0.82
C LEU D 296 13.16 -6.96 0.69
N PHE D 297 13.22 -5.75 1.25
CA PHE D 297 13.11 -5.54 2.68
C PHE D 297 11.61 -5.41 2.99
N GLN D 298 11.20 -5.96 4.13
CA GLN D 298 9.80 -5.87 4.58
C GLN D 298 9.41 -4.40 4.81
N SER D 299 10.37 -3.62 5.29
CA SER D 299 10.21 -2.17 5.42
C SER D 299 11.43 -1.51 4.81
N PRO D 300 11.25 -0.54 3.89
CA PRO D 300 12.37 0.15 3.25
C PRO D 300 13.17 1.02 4.24
N LEU D 301 14.45 1.26 3.94
CA LEU D 301 15.31 2.12 4.74
C LEU D 301 15.55 3.42 3.98
N PHE D 302 15.33 4.55 4.66
CA PHE D 302 15.66 5.85 4.09
C PHE D 302 17.15 6.13 4.25
N ALA D 303 17.79 6.52 3.14
CA ALA D 303 19.18 6.96 3.16
C ALA D 303 19.33 8.24 2.36
N LYS D 304 20.31 9.07 2.76
CA LYS D 304 20.69 10.26 2.00
C LYS D 304 21.95 9.91 1.21
N ALA D 305 22.13 10.62 0.09
CA ALA D 305 23.35 10.50 -0.71
C ALA D 305 24.52 10.82 0.20
N GLY D 306 25.55 9.95 0.20
CA GLY D 306 26.72 10.15 1.06
C GLY D 306 26.69 9.41 2.39
N ASP D 307 25.51 8.78 2.70
CA ASP D 307 25.41 7.80 3.77
C ASP D 307 26.08 6.47 3.36
N THR D 308 26.38 5.63 4.35
CA THR D 308 26.83 4.26 4.12
C THR D 308 25.75 3.30 4.60
N LEU D 309 25.47 2.29 3.78
CA LEU D 309 24.54 1.22 4.09
C LEU D 309 25.35 -0.05 4.22
N SER D 310 25.49 -0.55 5.46
CA SER D 310 26.33 -1.69 5.76
C SER D 310 25.53 -2.83 6.38
N GLY D 311 26.10 -4.04 6.29
CA GLY D 311 25.47 -5.25 6.77
C GLY D 311 26.07 -6.50 6.16
N THR D 312 25.30 -7.58 6.20
CA THR D 312 25.75 -8.89 5.76
C THR D 312 24.63 -9.62 5.06
N CYS D 313 25.00 -10.32 3.99
CA CYS D 313 24.13 -11.25 3.32
C CYS D 313 24.70 -12.64 3.63
N LEU D 314 23.91 -13.45 4.34
CA LEU D 314 24.29 -14.78 4.78
C LEU D 314 23.46 -15.84 4.06
N LEU D 315 24.14 -16.70 3.30
CA LEU D 315 23.47 -17.77 2.55
C LEU D 315 23.80 -19.10 3.22
N ILE D 316 22.76 -19.78 3.72
CA ILE D 316 22.90 -21.07 4.37
C ILE D 316 22.25 -22.16 3.51
N ALA D 317 23.07 -23.12 3.08
CA ALA D 317 22.62 -24.20 2.21
C ALA D 317 21.61 -25.08 2.95
N ASN D 318 20.57 -25.51 2.23
CA ASN D 318 19.56 -26.44 2.75
C ASN D 318 19.49 -27.71 1.90
N LYS D 319 18.72 -28.70 2.38
CA LYS D 319 18.63 -30.00 1.73
C LYS D 319 17.70 -30.02 0.49
N ARG D 320 17.11 -28.86 0.14
CA ARG D 320 16.23 -28.72 -1.05
C ARG D 320 17.03 -28.06 -2.19
N GLN D 321 18.35 -28.24 -2.19
CA GLN D 321 19.22 -27.81 -3.29
C GLN D 321 19.15 -26.32 -3.49
N SER D 322 18.98 -25.58 -2.40
CA SER D 322 18.95 -24.13 -2.44
C SER D 322 19.50 -23.58 -1.14
N TYR D 323 19.17 -22.32 -0.83
CA TYR D 323 19.72 -21.55 0.30
C TYR D 323 18.62 -20.78 1.02
N ASP D 324 18.76 -20.67 2.34
CA ASP D 324 18.04 -19.71 3.16
C ASP D 324 18.93 -18.48 3.21
N ILE D 325 18.35 -17.33 2.85
CA ILE D 325 19.07 -16.09 2.72
C ILE D 325 18.69 -15.19 3.87
N SER D 326 19.71 -14.72 4.61
CA SER D 326 19.55 -13.74 5.66
C SER D 326 20.24 -12.44 5.22
N ILE D 327 19.48 -11.36 5.22
CA ILE D 327 19.99 -10.03 4.92
C ILE D 327 19.75 -9.10 6.09
N VAL D 328 20.84 -8.52 6.60
CA VAL D 328 20.80 -7.55 7.66
C VAL D 328 21.52 -6.32 7.12
N ALA D 329 20.87 -5.16 7.26
CA ALA D 329 21.36 -3.93 6.64
C ALA D 329 20.95 -2.76 7.51
N GLN D 330 21.87 -1.80 7.64
CA GLN D 330 21.61 -0.60 8.40
C GLN D 330 22.25 0.61 7.76
N VAL D 331 21.58 1.75 7.91
CA VAL D 331 22.10 3.06 7.55
C VAL D 331 22.90 3.51 8.76
N ASP D 332 24.23 3.58 8.60
CA ASP D 332 25.15 3.77 9.73
C ASP D 332 24.92 5.11 10.44
N GLN D 333 24.56 6.14 9.66
CA GLN D 333 24.39 7.50 10.15
C GLN D 333 23.20 7.66 11.09
N THR D 334 22.14 6.86 10.86
CA THR D 334 20.91 6.93 11.64
C THR D 334 20.61 5.71 12.49
N GLY D 335 21.28 4.59 12.19
CA GLY D 335 21.03 3.32 12.83
C GLY D 335 19.71 2.64 12.45
N SER D 336 19.06 3.12 11.37
CA SER D 336 17.86 2.47 10.82
C SER D 336 18.26 1.11 10.25
N LYS D 337 17.58 0.06 10.71
CA LYS D 337 17.98 -1.32 10.47
C LYS D 337 16.84 -2.13 9.86
N SER D 338 17.19 -3.04 8.95
CA SER D 338 16.26 -4.01 8.41
C SER D 338 16.94 -5.38 8.31
N SER D 339 16.25 -6.41 8.79
CA SER D 339 16.69 -7.79 8.62
C SER D 339 15.57 -8.54 7.94
N ASN D 340 15.94 -9.50 7.09
CA ASN D 340 14.97 -10.22 6.26
C ASN D 340 15.49 -11.59 5.92
N LEU D 341 14.56 -12.54 5.86
CA LEU D 341 14.85 -13.95 5.64
C LEU D 341 14.10 -14.35 4.38
N LEU D 342 14.83 -14.88 3.39
CA LEU D 342 14.26 -15.30 2.10
C LEU D 342 14.56 -16.74 1.73
N ASP D 343 13.57 -17.40 1.09
CA ASP D 343 13.66 -18.77 0.61
C ASP D 343 13.97 -18.75 -0.89
N LEU D 344 15.25 -18.93 -1.23
CA LEU D 344 15.70 -18.93 -2.61
C LEU D 344 15.07 -20.04 -3.48
N LYS D 345 14.64 -21.13 -2.84
CA LYS D 345 13.98 -22.24 -3.53
C LYS D 345 12.64 -21.87 -4.16
N ASN D 346 11.95 -20.88 -3.61
CA ASN D 346 10.61 -20.47 -4.05
C ASN D 346 10.56 -19.05 -4.59
N PRO D 347 11.20 -18.75 -5.75
CA PRO D 347 11.23 -17.39 -6.28
C PRO D 347 9.90 -16.98 -6.91
N PHE D 348 9.64 -15.66 -6.99
CA PHE D 348 8.50 -15.10 -7.71
C PHE D 348 9.03 -14.63 -9.06
N PHE D 349 8.51 -15.23 -10.13
CA PHE D 349 8.87 -14.88 -11.51
C PHE D 349 7.88 -13.82 -11.95
N ARG D 350 8.35 -12.60 -12.19
CA ARG D 350 7.47 -11.43 -12.44
C ARG D 350 7.29 -11.20 -13.95
C1 85U E . -2.93 27.44 11.57
C10 85U E . -0.75 24.58 10.55
C11 85U E . -4.32 27.97 11.39
C12 85U E . -6.38 26.84 11.14
C13 85U E . 3.72 24.88 12.54
C14 85U E . 6.15 25.14 12.83
C15 85U E . 6.45 24.33 14.07
C16 85U E . 7.32 23.12 13.77
C17 85U E . 7.51 22.30 17.39
C18 85U E . 5.77 21.15 20.79
C19 85U E . 5.59 19.89 21.53
C2 85U E . -2.05 28.17 12.35
C20 85U E . 4.21 19.25 21.34
C21 85U E . 3.41 19.99 22.42
C22 85U E . 4.42 19.98 23.55
C23 85U E . 4.10 22.38 24.30
C24 85U E . 3.95 22.17 26.41
C25 85U E . 3.82 22.30 27.81
C26 85U E . 4.08 19.99 27.92
C27 85U E . 4.14 20.89 25.91
C28 85U E . 8.01 22.54 15.00
C29 85U E . 7.10 22.97 19.74
C3 85U E . -0.76 27.73 12.55
C30 85U E . 6.93 21.68 20.48
C4 85U E . -0.30 26.52 11.96
C5 85U E . -1.20 25.78 11.16
C6 85U E . -2.52 26.26 10.97
C7 85U E . 1.02 26.03 12.14
C8 85U E . 1.43 24.85 11.54
C9 85U E . 0.53 24.13 10.75
N1 85U E . 2.74 24.36 11.72
N10 85U E . 4.21 19.77 26.62
N2 85U E . 4.98 24.66 12.11
N3 85U E . 7.09 22.39 16.11
N4 85U E . 6.69 22.81 18.35
N5 85U E . 8.63 21.75 17.72
N6 85U E . 4.24 21.04 24.55
N7 85U E . 3.92 23.10 25.38
N8 85U E . 3.63 23.46 28.44
N9 85U E . 3.89 21.17 28.55
O1 85U E . 0.14 28.41 13.31
O2 85U E . -5.07 27.18 10.62
O3 85U E . -4.71 28.99 11.89
O4 85U E . 3.47 25.47 13.58
O5 85U E . 4.27 17.84 21.55
O6 85U E . 2.19 19.34 22.75
O7 85U E . 5.69 20.16 22.95
H5 85U E . -1.45 23.99 9.95
H9 85U E . -6.85 26.31 10.32
H10 85U E . -6.96 27.74 11.38
H8 85U E . -6.31 26.21 12.02
H12 85U E . 7.02 25.17 12.16
H13 85U E . 5.99 26.19 13.10
H15 85U E . 5.54 23.99 14.55
H14 85U E . 6.94 24.96 14.82
H17 85U E . 8.06 23.40 13.02
H16 85U E . 6.72 22.35 13.30
H21 85U E . 4.85 21.64 20.50
H22 85U E . 6.40 19.20 21.27
H1 85U E . -2.40 29.09 12.81
H23 85U E . 3.80 19.46 20.36
H25 85U E . 3.19 21.00 22.08
H27 85U E . 4.46 19.04 24.09
H28 85U E . 4.12 22.80 23.30
H31 85U E . 4.12 19.13 28.58
H33 85U E . 8.47 21.58 14.77
H32 85U E . 8.84 23.16 15.29
H34 85U E . 6.52 23.76 20.22
H35 85U E . 8.12 23.31 19.82
H36 85U E . 7.86 21.20 20.77
H2 85U E . -3.19 25.67 10.35
H3 85U E . 1.69 26.62 12.76
H4 85U E . 0.85 23.21 10.28
H7 85U E . 2.99 23.54 11.18
H11 85U E . 5.16 24.17 11.24
H18 85U E . 6.21 21.94 15.88
H19 85U E . 6.02 23.49 18.03
H20 85U E . 9.21 21.38 16.97
H30 85U E . 3.58 24.33 27.90
H29 85U E . 3.54 23.51 29.45
H6 85U E . -0.30 29.23 13.67
H24 85U E . 4.00 17.42 20.68
H26 85U E . 1.47 19.86 22.31
C1 EDO F . -0.03 26.07 16.17
O1 EDO F . 1.27 25.60 15.83
C2 EDO F . -1.10 25.07 15.93
O2 EDO F . -2.18 25.54 15.14
H11 EDO F . -0.24 26.97 15.58
H12 EDO F . -0.04 26.36 17.22
HO1 EDO F . 1.92 26.30 16.02
H21 EDO F . -1.48 24.72 16.89
H22 EDO F . -0.65 24.21 15.43
HO2 EDO F . -2.83 24.85 15.03
C1 85U G . -10.06 23.09 9.35
C10 85U G . -10.21 25.42 6.43
C11 85U G . -9.09 22.51 10.31
C12 85U G . -7.18 23.59 11.20
C13 85U G . -14.66 25.77 4.41
C14 85U G . -16.26 25.71 2.50
C15 85U G . -17.46 25.62 3.42
C16 85U G . -17.90 26.97 3.97
C17 85U G . -20.82 28.64 4.66
C18 85U G . -21.52 30.94 8.12
C19 85U G . -21.69 32.40 8.30
C2 85U G . -11.40 22.74 9.46
C20 85U G . -20.47 33.11 8.89
C21 85U G . -20.66 32.83 10.38
C22 85U G . -22.17 33.04 10.50
C23 85U G . -22.62 30.98 11.90
C24 85U G . -23.95 31.74 13.38
C25 85U G . -24.82 32.00 14.45
C26 85U G . -24.91 34.18 13.71
C27 85U G . -23.64 32.81 12.55
C28 85U G . -19.13 27.52 3.26
C29 85U G . -21.73 28.74 6.96
C3 85U G . -12.34 23.25 8.61
C30 85U G . -21.91 30.23 7.08
C4 85U G . -11.96 24.16 7.58
C5 85U G . -10.59 24.52 7.45
C6 85U G . -9.66 23.97 8.37
C7 85U G . -12.90 24.72 6.65
C8 85U G . -12.49 25.59 5.66
C9 85U G . -11.14 25.93 5.57
N1 85U G . -13.39 26.18 4.74
N10 85U G . -24.09 34.06 12.66
N2 85U G . -14.99 26.03 3.13
N3 85U G . -19.68 28.69 3.94
N4 85U G . -20.73 28.35 5.98
N5 85U G . -21.98 28.88 4.15
N6 85U G . -22.80 32.31 11.59
N7 85U G . -23.30 30.59 12.96
N8 85U G . -25.21 31.08 15.33
N9 85U G . -25.29 33.26 14.58
O1 85U G . -13.66 22.94 8.68
O2 85U G . -7.84 22.93 10.09
O3 85U G . -9.38 21.74 11.19
O4 85U G . -15.42 25.23 5.21
O5 85U G . -20.46 34.50 8.60
O6 85U G . -19.96 33.74 11.23
O7 85U G . -22.74 32.62 9.27
H5 85U G . -9.16 25.70 6.34
H9 85U G . -7.86 24.40 11.45
H10 85U G . -7.07 22.91 12.05
H8 85U G . -6.20 23.99 10.92
H12 85U G . -16.18 24.81 1.90
H13 85U G . -16.46 26.48 1.75
H15 85U G . -18.31 25.21 2.88
H14 85U G . -17.32 24.91 4.23
H17 85U G . -18.09 26.88 5.04
H16 85U G . -17.09 27.70 3.90
H21 85U G . -21.05 30.44 8.96
H22 85U G . -22.02 32.86 7.36
H1 85U G . -11.70 22.04 10.26
H23 85U G . -19.54 32.66 8.54
H25 85U G . -20.37 31.81 10.62
H27 85U G . -22.44 34.09 10.62
H28 85U G . -21.99 30.31 11.32
H31 85U G . -25.33 35.18 13.87
H33 85U G . -19.89 26.73 3.16
H32 85U G . -18.88 27.77 2.24
H34 85U G . -21.49 28.33 7.94
H35 85U G . -22.70 28.29 6.73
H36 85U G . -22.40 30.70 6.22
H2 85U G . -8.62 24.26 8.25
H3 85U G . -13.94 24.44 6.76
H4 85U G . -10.80 26.63 4.79
H7 85U G . -13.04 27.00 4.27
H11 85U G . -14.32 26.48 2.51
H18 85U G . -19.43 29.58 3.52
H19 85U G . -20.28 27.46 6.19
H20 85U G . -22.00 29.11 3.16
H30 85U G . -24.88 30.13 15.26
H29 85U G . -25.85 31.30 16.09
H6 85U G . -13.79 22.31 9.43
H24 85U G . -19.70 34.65 7.99
H26 85U G . -19.09 33.30 11.41
C1 85U H . 3.50 -30.38 -11.06
C10 85U H . 0.67 -28.21 -12.16
C11 85U H . 4.46 -31.35 -11.65
C12 85U H . 5.50 -33.29 -10.77
C13 85U H . -2.39 -25.78 -10.05
C14 85U H . -4.77 -26.40 -9.80
C15 85U H . -5.60 -26.51 -8.54
C16 85U H . -7.00 -25.93 -8.68
C17 85U H . -8.27 -27.37 -5.43
C18 85U H . -7.12 -29.50 -1.76
C19 85U H . -7.05 -29.20 -0.30
C2 85U H . 3.54 -30.09 -9.69
C20 85U H . -5.68 -28.69 0.17
C21 85U H . -4.97 -30.01 0.48
C22 85U H . -6.10 -30.75 1.18
C23 85U H . -5.71 -32.99 0.08
C24 85U H . -5.94 -34.33 1.70
C25 85U H . -6.04 -35.41 2.61
C26 85U H . -6.49 -33.84 4.25
C27 85U H . -6.13 -33.06 2.22
C28 85U H . -8.05 -26.54 -7.76
C29 85U H . -8.13 -29.45 -4.06
C3 85U H . 2.65 -29.20 -9.15
C30 85U H . -8.09 -29.15 -2.58
C4 85U H . 1.67 -28.55 -9.95
C5 85U H . 1.64 -28.84 -11.34
C6 85U H . 2.57 -29.77 -11.86
C7 85U H . 0.73 -27.62 -9.44
C8 85U H . -0.21 -27.01 -10.25
C9 85U H . -0.22 -27.31 -11.61
N1 85U H . -1.11 -26.10 -9.67
N10 85U H . -6.40 -32.74 3.49
N2 85U H . -3.35 -26.58 -9.53
N3 85U H . -7.64 -26.59 -6.36
N4 85U H . -7.54 -28.37 -4.84
N5 85U H . -9.50 -27.22 -5.09
N6 85U H . -5.98 -32.20 1.16
N7 85U H . -5.67 -34.27 0.35
N8 85U H . -5.89 -36.69 2.25
N9 85U H . -6.32 -35.12 3.89
O1 85U H . 2.64 -28.88 -7.81
O2 85U H . 5.31 -31.85 -10.73
O3 85U H . 4.50 -31.64 -12.82
O4 85U H . -2.65 -24.82 -10.78
O5 85U H . -5.82 -27.86 1.31
O6 85U H . -3.83 -29.90 1.31
O7 85U H . -7.29 -30.37 0.50
H5 85U H . 0.63 -28.44 -13.21
H9 85U H . 5.33 -33.59 -9.74
H10 85U H . 6.51 -33.55 -11.07
H8 85U H . 4.79 -33.78 -11.43
H12 85U H . -5.10 -27.13 -10.53
H13 85U H . -4.93 -25.43 -10.28
H15 85U H . -5.70 -27.55 -8.24
H14 85U H . -5.09 -26.03 -7.71
H17 85U H . -6.94 -24.85 -8.53
H16 85U H . -7.34 -26.03 -9.71
H21 85U H . -6.27 -30.08 -2.14
H22 85U H . -7.84 -28.48 -0.05
H1 85U H . 4.28 -30.58 -9.06
H23 85U H . -5.16 -28.15 -0.62
H25 85U H . -4.69 -30.50 -0.45
H27 85U H . -6.22 -30.44 2.23
H28 85U H . -5.54 -32.58 -0.91
H31 85U H . -6.71 -33.68 5.31
H33 85U H . -8.99 -26.00 -7.87
H32 85U H . -8.29 -27.54 -8.09
H34 85U H . -9.16 -29.64 -4.36
H35 85U H . -7.62 -30.39 -4.23
H36 85U H . -8.94 -28.57 -2.21
H2 85U H . 2.51 -29.97 -12.93
H3 85U H . 0.76 -27.40 -8.37
H4 85U H . -0.95 -26.84 -12.26
H7 85U H . -0.75 -25.60 -8.87
H11 85U H . -3.11 -27.36 -8.92
H18 85U H . -7.19 -25.75 -6.01
H19 85U H . -6.69 -28.63 -5.31
H20 85U H . -10.02 -26.46 -5.54
H30 85U H . -5.67 -36.93 1.30
H29 85U H . -5.97 -37.44 2.94
H6 85U H . 3.37 -29.38 -7.36
H24 85U H . -5.49 -26.96 1.05
H26 85U H . -3.04 -29.95 0.71
C1 85U I . 9.67 -23.21 -9.37
C10 85U I . 10.64 -22.81 -12.96
C11 85U I . 8.46 -23.43 -8.52
C12 85U I . 6.46 -22.36 -9.20
C13 85U I . 15.43 -21.98 -13.53
C14 85U I . 17.46 -20.72 -14.13
C15 85U I . 18.49 -21.78 -14.45
C16 85U I . 18.96 -21.74 -15.88
C17 85U I . 21.42 -24.38 -15.08
C18 85U I . 22.26 -28.41 -14.50
C19 85U I . 22.45 -29.55 -15.44
C2 85U I . 10.91 -23.09 -8.75
C20 85U I . 21.19 -30.37 -15.71
C21 85U I . 21.15 -31.26 -14.46
C22 85U I . 22.64 -31.60 -14.33
C23 85U I . 22.78 -31.19 -11.82
C24 85U I . 24.09 -32.75 -11.20
C25 85U I . 24.92 -33.68 -10.55
C26 85U I . 25.28 -34.64 -12.63
C27 85U I . 23.95 -32.88 -12.58
C28 85U I . 20.21 -22.53 -16.16
C29 85U I . 22.54 -26.08 -13.67
C3 85U I . 12.04 -22.88 -9.50
C30 85U I . 22.73 -27.18 -14.65
C4 85U I . 11.98 -22.79 -10.92
C5 85U I . 10.71 -22.91 -11.55
C6 85U I . 9.57 -23.12 -10.75
C7 85U I . 13.12 -22.57 -11.73
C8 85U I . 13.02 -22.49 -13.10
C9 85U I . 11.77 -22.61 -13.70
N1 85U I . 14.15 -22.28 -13.93
N10 85U I . 24.52 -33.82 -13.35
N2 85U I . 16.09 -21.16 -14.38
N3 85U I . 20.27 -23.78 -15.41
N4 85U I . 21.43 -25.18 -14.00
N5 85U I . 22.51 -24.23 -15.78
N6 85U I . 23.09 -31.88 -12.97
N7 85U I . 23.35 -31.67 -10.74
N8 85U I . 25.16 -33.67 -9.24
N9 85U I . 25.52 -34.64 -11.31
O1 85U I . 13.27 -22.76 -8.94
O2 85U I . 7.33 -23.53 -9.23
O3 85U I . 8.48 -23.51 -7.31
O4 85U I . 15.96 -22.44 -12.52
O5 85U I . 21.31 -31.11 -16.92
O6 85U I . 20.35 -32.42 -14.63
O7 85U I . 23.36 -30.49 -14.82
H5 85U I . 9.67 -22.90 -13.45
H9 85U I . 5.64 -22.67 -8.56
H10 85U I . 6.07 -22.13 -10.19
H8 85U I . 6.96 -21.49 -8.80
H12 85U I . 17.66 -19.81 -14.70
H13 85U I . 17.54 -20.41 -13.09
H15 85U I . 18.09 -22.77 -14.24
H14 85U I . 19.34 -21.69 -13.77
H17 85U I . 19.10 -20.69 -16.15
H16 85U I . 18.16 -22.08 -16.54
H21 85U I . 21.70 -28.66 -13.60
H22 85U I . 22.92 -29.20 -16.36
H1 85U I . 10.95 -23.16 -7.67
H23 85U I . 20.29 -29.75 -15.75
H25 85U I . 20.78 -30.69 -13.60
H27 85U I . 22.93 -32.45 -14.93
H28 85U I . 22.13 -30.33 -11.82
H31 85U I . 25.78 -35.44 -13.19
H33 85U I . 20.32 -22.72 -17.23
H32 85U I . 21.09 -21.93 -15.92
H34 85U I . 22.40 -26.51 -12.67
H35 85U I . 23.47 -25.53 -13.57
H36 85U I . 23.30 -26.91 -15.54
H2 85U I . 8.61 -23.21 -11.26
H3 85U I . 14.09 -22.48 -11.22
H4 85U I . 11.68 -22.55 -14.79
H7 85U I . 13.99 -22.37 -14.92
H11 85U I . 15.65 -20.79 -15.22
H18 85U I . 19.45 -24.37 -15.51
H19 85U I . 20.52 -25.53 -13.70
H20 85U I . 22.46 -23.63 -16.60
H30 85U I . 25.77 -34.38 -8.83
H29 85U I . 24.75 -32.99 -8.63
H6 85U I . 13.19 -22.85 -7.95
H24 85U I . 20.59 -30.77 -17.51
H26 85U I . 19.52 -32.26 -14.12
#